data_2KQW
#
_entry.id   2KQW
#
_entity_poly.entity_id   1
_entity_poly.type   'polypeptide(L)'
_entity_poly.pdbx_seq_one_letter_code
;GSHMGTVSWNLREMLAHAEETRKLMPICMDVRAIMATIQRKYKGIKIQEGIVDYGVRFFFYTSKEPVASIITKLNSLNEP
LVTMPIGYVTHGFNLEEAARCMRSLKAPAVVSVSSPDAVTTYNGYLTSSSKTSEEHFVETVSLAGSYRDWSYSGQRTELG
VEFLKRGDKIVYHTLESPVEFHLDGEVLSLDKLKSLLS
;
_entity_poly.pdbx_strand_id   A
#
# COMPACT_ATOMS: atom_id res chain seq x y z
N THR A 132 6.50 4.37 -12.18
CA THR A 132 5.15 4.16 -12.74
C THR A 132 4.50 2.88 -12.25
N SER A 133 5.26 1.77 -12.22
CA SER A 133 4.74 0.48 -11.79
C SER A 133 4.20 0.50 -10.36
N GLU A 134 4.67 1.44 -9.55
CA GLU A 134 4.21 1.71 -8.19
C GLU A 134 2.75 2.15 -8.23
N GLU A 135 2.48 3.24 -8.93
CA GLU A 135 1.19 3.90 -9.03
C GLU A 135 0.17 2.95 -9.67
N HIS A 136 0.63 2.22 -10.69
CA HIS A 136 -0.13 1.18 -11.37
C HIS A 136 -0.51 0.04 -10.40
N PHE A 137 0.42 -0.39 -9.54
CA PHE A 137 0.13 -1.44 -8.57
C PHE A 137 -0.91 -0.97 -7.58
N VAL A 138 -0.78 0.26 -7.06
CA VAL A 138 -1.76 0.81 -6.14
C VAL A 138 -3.16 0.72 -6.75
N GLU A 139 -3.26 1.11 -8.01
CA GLU A 139 -4.51 1.17 -8.74
C GLU A 139 -5.11 -0.23 -8.92
N THR A 140 -4.27 -1.25 -9.10
CA THR A 140 -4.74 -2.62 -9.29
C THR A 140 -5.51 -3.14 -8.06
N VAL A 141 -5.11 -2.72 -6.85
CA VAL A 141 -5.76 -3.12 -5.60
C VAL A 141 -6.85 -2.13 -5.19
N SER A 142 -6.73 -0.83 -5.46
CA SER A 142 -7.79 0.10 -5.12
C SER A 142 -9.08 -0.28 -5.88
N LEU A 143 -8.95 -0.79 -7.10
CA LEU A 143 -10.01 -1.47 -7.87
C LEU A 143 -10.56 -2.66 -7.08
N ALA A 144 -9.68 -3.63 -6.80
CA ALA A 144 -10.09 -4.94 -6.29
C ALA A 144 -10.63 -4.90 -4.86
N GLY A 145 -10.29 -3.88 -4.08
CA GLY A 145 -10.66 -3.79 -2.67
C GLY A 145 -9.82 -4.67 -1.75
N SER A 146 -8.88 -5.48 -2.26
CA SER A 146 -8.00 -6.30 -1.45
C SER A 146 -6.84 -6.87 -2.26
N TYR A 147 -5.92 -7.54 -1.56
CA TYR A 147 -4.86 -8.41 -2.04
C TYR A 147 -4.98 -9.74 -1.29
N ARG A 148 -4.05 -10.67 -1.53
CA ARG A 148 -4.20 -12.10 -1.23
C ARG A 148 -4.80 -12.41 0.13
N ASP A 149 -4.35 -11.72 1.17
CA ASP A 149 -4.87 -11.86 2.53
C ASP A 149 -4.96 -10.47 3.18
N TRP A 150 -4.84 -9.40 2.38
CA TRP A 150 -4.79 -8.03 2.85
C TRP A 150 -6.04 -7.29 2.41
N SER A 151 -6.67 -6.56 3.32
CA SER A 151 -7.80 -5.70 3.02
C SER A 151 -7.30 -4.35 2.53
N TYR A 152 -8.03 -3.71 1.62
CA TYR A 152 -8.00 -2.26 1.44
C TYR A 152 -9.01 -1.66 2.43
N SER A 153 -8.84 -0.39 2.80
CA SER A 153 -9.74 0.42 3.62
C SER A 153 -9.98 1.77 2.94
N GLY A 154 -8.95 2.36 2.33
CA GLY A 154 -8.96 3.76 1.94
C GLY A 154 -9.23 4.63 3.15
N GLN A 155 -8.54 4.35 4.26
CA GLN A 155 -8.53 5.23 5.42
C GLN A 155 -7.64 6.37 5.00
N ARG A 156 -8.24 7.51 4.62
CA ARG A 156 -7.52 8.71 4.27
C ARG A 156 -7.07 9.33 5.59
N THR A 157 -5.82 9.11 5.95
CA THR A 157 -5.28 9.56 7.21
C THR A 157 -4.55 10.89 6.98
N GLU A 158 -4.12 11.55 8.05
CA GLU A 158 -3.35 12.78 7.93
C GLU A 158 -2.04 12.59 7.15
N LEU A 159 -1.50 11.37 7.12
CA LEU A 159 -0.32 11.00 6.34
C LEU A 159 -0.61 11.02 4.84
N GLY A 160 -1.80 10.60 4.43
CA GLY A 160 -2.11 10.23 3.07
C GLY A 160 -3.24 9.22 3.14
N VAL A 161 -2.95 7.93 2.92
CA VAL A 161 -4.00 6.91 2.92
C VAL A 161 -3.39 5.54 3.22
N GLU A 162 -4.11 4.75 4.03
CA GLU A 162 -3.82 3.35 4.27
C GLU A 162 -3.88 2.61 2.95
N PHE A 163 -3.04 1.59 2.74
CA PHE A 163 -3.03 0.81 1.51
C PHE A 163 -3.50 -0.63 1.73
N LEU A 164 -2.63 -1.56 2.14
CA LEU A 164 -2.99 -2.94 2.44
C LEU A 164 -2.83 -3.21 3.93
N LYS A 165 -3.80 -3.89 4.54
CA LYS A 165 -3.86 -4.20 5.98
C LYS A 165 -3.91 -5.70 6.18
N ARG A 166 -3.03 -6.28 7.00
CA ARG A 166 -3.08 -7.68 7.36
C ARG A 166 -2.40 -7.86 8.70
N GLY A 167 -3.11 -8.34 9.71
CA GLY A 167 -2.55 -8.59 11.02
C GLY A 167 -2.14 -7.25 11.62
N ASP A 168 -1.00 -7.24 12.30
CA ASP A 168 -0.45 -6.03 12.90
C ASP A 168 0.26 -5.16 11.86
N LYS A 169 0.25 -5.50 10.57
CA LYS A 169 1.02 -4.81 9.54
C LYS A 169 0.10 -4.09 8.58
N ILE A 170 0.46 -2.86 8.26
CA ILE A 170 -0.33 -1.92 7.48
C ILE A 170 0.61 -1.14 6.58
N VAL A 171 0.52 -1.44 5.30
CA VAL A 171 1.13 -0.68 4.23
C VAL A 171 0.35 0.63 4.10
N TYR A 172 1.01 1.72 3.69
CA TYR A 172 0.41 3.02 3.35
C TYR A 172 0.79 3.39 1.91
N HIS A 173 0.14 4.41 1.35
CA HIS A 173 0.51 5.05 0.10
C HIS A 173 0.32 6.58 0.27
N THR A 174 1.20 7.38 -0.36
CA THR A 174 1.17 8.84 -0.30
C THR A 174 0.20 9.41 -1.36
N LEU A 175 0.14 10.74 -1.52
CA LEU A 175 -0.71 11.44 -2.49
C LEU A 175 0.12 12.17 -3.55
N GLU A 176 1.35 12.50 -3.20
CA GLU A 176 2.38 13.04 -4.04
C GLU A 176 3.61 12.17 -3.82
N SER A 177 4.33 11.89 -4.92
CA SER A 177 5.43 10.95 -5.11
C SER A 177 5.47 10.44 -6.56
N PRO A 178 4.35 10.06 -7.22
CA PRO A 178 2.95 10.11 -6.75
C PRO A 178 2.59 9.22 -5.58
N VAL A 179 3.10 7.98 -5.50
CA VAL A 179 2.94 7.16 -4.31
C VAL A 179 4.30 6.58 -3.93
N GLU A 180 4.50 6.37 -2.64
CA GLU A 180 5.62 5.65 -2.04
C GLU A 180 5.02 4.69 -0.99
N PHE A 181 5.82 3.77 -0.45
CA PHE A 181 5.29 2.66 0.35
C PHE A 181 6.03 2.62 1.67
N HIS A 182 5.36 3.03 2.74
CA HIS A 182 5.95 2.94 4.08
C HIS A 182 5.34 1.71 4.74
N LEU A 183 6.04 1.12 5.70
CA LEU A 183 5.53 0.13 6.63
C LEU A 183 6.22 0.40 7.94
N ASP A 184 5.47 0.74 8.98
CA ASP A 184 5.98 1.03 10.33
C ASP A 184 6.92 2.22 10.41
N GLY A 185 7.23 2.87 9.30
CA GLY A 185 8.16 3.98 9.20
C GLY A 185 9.30 3.67 8.24
N GLU A 186 9.52 2.40 7.91
CA GLU A 186 10.51 2.00 6.93
C GLU A 186 9.88 2.18 5.56
N VAL A 187 10.53 2.95 4.69
CA VAL A 187 10.04 3.25 3.35
C VAL A 187 10.78 2.35 2.37
N LEU A 188 10.06 1.76 1.42
CA LEU A 188 10.55 0.66 0.61
C LEU A 188 9.99 0.71 -0.81
N SER A 189 10.61 -0.07 -1.69
CA SER A 189 10.30 -0.08 -3.10
C SER A 189 9.26 -1.16 -3.41
N LEU A 190 8.65 -1.02 -4.58
CA LEU A 190 7.61 -1.90 -5.11
C LEU A 190 8.03 -3.37 -5.10
N ASP A 191 9.26 -3.66 -5.48
CA ASP A 191 9.82 -5.01 -5.58
C ASP A 191 9.72 -5.76 -4.26
N LYS A 192 10.16 -5.07 -3.21
CA LYS A 192 10.10 -5.57 -1.83
C LYS A 192 8.65 -5.61 -1.35
N LEU A 193 7.84 -4.60 -1.67
CA LEU A 193 6.45 -4.56 -1.23
C LEU A 193 5.73 -5.81 -1.76
N LYS A 194 5.92 -6.16 -3.02
CA LYS A 194 5.32 -7.35 -3.61
C LYS A 194 5.72 -8.64 -2.88
N SER A 195 6.89 -8.66 -2.24
CA SER A 195 7.38 -9.78 -1.45
C SER A 195 6.57 -9.90 -0.16
N LEU A 196 6.51 -8.84 0.64
CA LEU A 196 5.86 -8.88 1.95
C LEU A 196 4.35 -9.13 1.85
N LEU A 197 3.77 -8.88 0.67
CA LEU A 197 2.35 -9.03 0.40
C LEU A 197 1.99 -10.42 -0.16
N SER A 198 2.95 -11.17 -0.73
CA SER A 198 2.65 -12.47 -1.34
C SER A 198 2.26 -13.48 -0.28
N THR A 132 6.09 5.60 -11.88
CA THR A 132 4.77 5.22 -12.38
C THR A 132 4.38 3.78 -12.02
N SER A 133 5.34 2.83 -11.95
CA SER A 133 5.02 1.43 -11.66
C SER A 133 4.29 1.28 -10.32
N GLU A 134 4.53 2.21 -9.41
CA GLU A 134 4.03 2.27 -8.05
C GLU A 134 2.51 2.38 -8.09
N GLU A 135 2.03 3.46 -8.71
CA GLU A 135 0.62 3.80 -8.85
C GLU A 135 -0.11 2.70 -9.63
N HIS A 136 0.58 2.08 -10.58
CA HIS A 136 0.08 1.00 -11.40
C HIS A 136 -0.25 -0.26 -10.58
N PHE A 137 0.49 -0.55 -9.50
CA PHE A 137 0.11 -1.64 -8.58
C PHE A 137 -1.02 -1.18 -7.66
N VAL A 138 -0.92 0.03 -7.12
CA VAL A 138 -1.93 0.57 -6.21
C VAL A 138 -3.29 0.60 -6.87
N GLU A 139 -3.33 0.89 -8.17
CA GLU A 139 -4.51 0.81 -9.03
C GLU A 139 -5.15 -0.56 -8.86
N THR A 140 -4.43 -1.64 -9.16
CA THR A 140 -5.01 -2.97 -9.25
C THR A 140 -5.60 -3.40 -7.90
N VAL A 141 -4.96 -3.01 -6.79
CA VAL A 141 -5.45 -3.32 -5.44
C VAL A 141 -6.65 -2.43 -5.11
N SER A 142 -6.59 -1.13 -5.40
CA SER A 142 -7.65 -0.20 -5.03
C SER A 142 -8.92 -0.44 -5.86
N LEU A 143 -8.77 -0.98 -7.07
CA LEU A 143 -9.82 -1.60 -7.86
C LEU A 143 -10.37 -2.80 -7.10
N ALA A 144 -9.54 -3.82 -6.86
CA ALA A 144 -9.97 -5.10 -6.31
C ALA A 144 -10.61 -4.94 -4.92
N GLY A 145 -10.15 -4.00 -4.10
CA GLY A 145 -10.60 -3.78 -2.73
C GLY A 145 -9.94 -4.73 -1.73
N SER A 146 -9.07 -5.63 -2.18
CA SER A 146 -8.19 -6.41 -1.32
C SER A 146 -7.03 -6.96 -2.16
N TYR A 147 -6.28 -7.85 -1.56
CA TYR A 147 -5.21 -8.65 -2.14
C TYR A 147 -5.39 -10.08 -1.62
N ARG A 148 -4.37 -10.90 -1.76
CA ARG A 148 -4.37 -12.32 -1.37
C ARG A 148 -4.94 -12.52 0.03
N ASP A 149 -4.47 -11.74 1.00
CA ASP A 149 -4.90 -11.80 2.39
C ASP A 149 -5.03 -10.41 3.03
N TRP A 150 -4.73 -9.34 2.31
CA TRP A 150 -4.74 -7.98 2.83
C TRP A 150 -5.97 -7.22 2.33
N SER A 151 -6.76 -6.62 3.23
CA SER A 151 -7.82 -5.69 2.92
C SER A 151 -7.24 -4.40 2.33
N TYR A 152 -7.92 -3.81 1.35
CA TYR A 152 -7.86 -2.37 1.09
C TYR A 152 -9.05 -1.74 1.82
N SER A 153 -8.86 -0.60 2.48
CA SER A 153 -9.89 0.20 3.14
C SER A 153 -9.85 1.67 2.68
N GLY A 154 -8.68 2.17 2.26
CA GLY A 154 -8.51 3.51 1.74
C GLY A 154 -9.04 4.56 2.71
N GLN A 155 -8.57 4.49 3.96
CA GLN A 155 -8.74 5.53 4.96
C GLN A 155 -7.90 6.71 4.49
N ARG A 156 -8.52 7.86 4.23
CA ARG A 156 -7.78 9.11 4.09
C ARG A 156 -7.36 9.51 5.50
N THR A 157 -6.12 9.25 5.86
CA THR A 157 -5.56 9.51 7.17
C THR A 157 -4.79 10.83 7.14
N GLU A 158 -4.24 11.31 8.26
CA GLU A 158 -3.33 12.47 8.21
C GLU A 158 -2.06 12.18 7.39
N LEU A 159 -1.70 10.89 7.29
CA LEU A 159 -0.50 10.45 6.59
C LEU A 159 -0.67 10.49 5.07
N GLY A 160 -1.91 10.40 4.58
CA GLY A 160 -2.17 10.09 3.18
C GLY A 160 -3.27 9.04 3.15
N VAL A 161 -3.01 7.86 2.60
CA VAL A 161 -4.04 6.85 2.38
C VAL A 161 -3.54 5.51 2.90
N GLU A 162 -4.38 4.78 3.65
CA GLU A 162 -4.10 3.38 3.98
C GLU A 162 -4.05 2.58 2.67
N PHE A 163 -3.13 1.63 2.51
CA PHE A 163 -3.04 0.83 1.30
C PHE A 163 -3.53 -0.61 1.51
N LEU A 164 -2.80 -1.42 2.27
CA LEU A 164 -3.12 -2.83 2.48
C LEU A 164 -2.98 -3.11 3.96
N LYS A 165 -3.90 -3.87 4.54
CA LYS A 165 -3.99 -4.13 5.97
C LYS A 165 -4.14 -5.63 6.19
N ARG A 166 -3.35 -6.23 7.09
CA ARG A 166 -3.39 -7.63 7.52
C ARG A 166 -2.21 -7.85 8.46
N GLY A 167 -2.28 -8.84 9.35
CA GLY A 167 -1.05 -9.46 9.86
C GLY A 167 -0.33 -8.58 10.85
N ASP A 168 -1.11 -7.81 11.57
CA ASP A 168 -0.68 -6.78 12.48
C ASP A 168 0.07 -5.62 11.84
N LYS A 169 0.02 -5.53 10.52
CA LYS A 169 0.66 -4.49 9.73
C LYS A 169 -0.33 -3.77 8.84
N ILE A 170 0.06 -2.55 8.47
CA ILE A 170 -0.61 -1.76 7.45
C ILE A 170 0.47 -1.11 6.60
N VAL A 171 0.33 -1.28 5.29
CA VAL A 171 1.03 -0.54 4.24
C VAL A 171 0.23 0.74 4.01
N TYR A 172 0.90 1.86 3.69
CA TYR A 172 0.28 3.14 3.35
C TYR A 172 0.74 3.60 1.96
N HIS A 173 0.17 4.68 1.43
CA HIS A 173 0.70 5.41 0.29
C HIS A 173 0.48 6.92 0.43
N THR A 174 1.42 7.70 -0.07
CA THR A 174 1.35 9.15 -0.14
C THR A 174 0.46 9.59 -1.32
N LEU A 175 0.26 10.90 -1.46
CA LEU A 175 -0.44 11.56 -2.58
C LEU A 175 0.54 12.21 -3.56
N GLU A 176 1.79 12.33 -3.13
CA GLU A 176 2.96 12.88 -3.82
C GLU A 176 4.10 11.89 -3.67
N SER A 177 4.90 11.78 -4.74
CA SER A 177 6.01 10.87 -5.05
C SER A 177 6.05 10.58 -6.55
N PRO A 178 4.93 10.17 -7.19
CA PRO A 178 3.52 10.22 -6.72
C PRO A 178 3.11 9.24 -5.63
N VAL A 179 3.65 8.02 -5.58
CA VAL A 179 3.27 7.04 -4.56
C VAL A 179 4.52 6.44 -3.91
N GLU A 180 4.78 6.78 -2.64
CA GLU A 180 5.74 6.12 -1.78
C GLU A 180 5.07 4.98 -1.02
N PHE A 181 5.87 4.14 -0.35
CA PHE A 181 5.41 2.95 0.35
C PHE A 181 6.07 2.85 1.71
N HIS A 182 5.35 3.20 2.77
CA HIS A 182 5.89 3.11 4.13
C HIS A 182 5.41 1.81 4.77
N LEU A 183 6.09 1.37 5.82
CA LEU A 183 5.69 0.26 6.67
C LEU A 183 6.41 0.39 8.01
N ASP A 184 5.68 0.61 9.10
CA ASP A 184 6.13 0.48 10.51
C ASP A 184 7.05 1.56 11.03
N GLY A 185 7.50 2.45 10.15
CA GLY A 185 8.59 3.36 10.41
C GLY A 185 9.71 3.24 9.38
N GLU A 186 9.57 2.35 8.40
CA GLU A 186 10.47 2.20 7.27
C GLU A 186 9.74 2.62 5.99
N VAL A 187 10.48 2.69 4.88
CA VAL A 187 10.04 2.99 3.52
C VAL A 187 10.73 1.99 2.59
N LEU A 188 10.03 1.48 1.58
CA LEU A 188 10.44 0.34 0.76
C LEU A 188 10.03 0.57 -0.70
N SER A 189 10.52 -0.27 -1.62
CA SER A 189 10.19 -0.21 -3.04
C SER A 189 9.02 -1.15 -3.39
N LEU A 190 8.41 -0.93 -4.56
CA LEU A 190 7.28 -1.71 -5.09
C LEU A 190 7.53 -3.21 -5.03
N ASP A 191 8.54 -3.70 -5.73
CA ASP A 191 8.68 -5.14 -5.96
C ASP A 191 9.09 -5.87 -4.69
N LYS A 192 9.79 -5.16 -3.81
CA LYS A 192 10.05 -5.62 -2.44
C LYS A 192 8.73 -5.88 -1.70
N LEU A 193 7.76 -4.95 -1.81
CA LEU A 193 6.46 -5.03 -1.14
C LEU A 193 5.76 -6.32 -1.52
N LYS A 194 5.85 -6.74 -2.79
CA LYS A 194 5.31 -8.00 -3.29
C LYS A 194 5.67 -9.19 -2.37
N SER A 195 6.92 -9.24 -1.89
CA SER A 195 7.42 -10.32 -1.04
C SER A 195 6.66 -10.34 0.28
N LEU A 196 6.65 -9.21 0.99
CA LEU A 196 6.09 -9.14 2.33
C LEU A 196 4.57 -9.30 2.33
N LEU A 197 3.92 -8.92 1.23
CA LEU A 197 2.49 -9.13 1.05
C LEU A 197 2.17 -10.62 0.91
N SER A 198 2.95 -11.37 0.12
CA SER A 198 2.59 -12.66 -0.45
C SER A 198 1.92 -13.58 0.57
N THR A 132 4.98 5.45 -12.23
CA THR A 132 3.55 5.14 -12.38
C THR A 132 3.14 3.74 -11.92
N SER A 133 4.02 2.72 -11.99
CA SER A 133 3.73 1.36 -11.52
C SER A 133 3.17 1.33 -10.08
N GLU A 134 3.50 2.35 -9.29
CA GLU A 134 3.04 2.57 -7.93
C GLU A 134 1.53 2.70 -7.94
N GLU A 135 1.06 3.74 -8.60
CA GLU A 135 -0.34 4.08 -8.61
C GLU A 135 -1.15 3.08 -9.42
N HIS A 136 -0.54 2.42 -10.41
CA HIS A 136 -1.13 1.32 -11.16
C HIS A 136 -1.36 0.08 -10.29
N PHE A 137 -0.41 -0.25 -9.41
CA PHE A 137 -0.57 -1.34 -8.45
C PHE A 137 -1.72 -1.02 -7.52
N VAL A 138 -1.69 0.17 -6.92
CA VAL A 138 -2.74 0.70 -6.08
C VAL A 138 -4.09 0.60 -6.79
N GLU A 139 -4.12 0.96 -8.07
CA GLU A 139 -5.32 1.00 -8.90
C GLU A 139 -5.88 -0.42 -9.03
N THR A 140 -5.02 -1.39 -9.37
CA THR A 140 -5.37 -2.79 -9.57
C THR A 140 -5.83 -3.47 -8.25
N VAL A 141 -5.20 -3.16 -7.12
CA VAL A 141 -5.62 -3.63 -5.80
C VAL A 141 -6.95 -2.96 -5.41
N SER A 142 -7.18 -1.69 -5.75
CA SER A 142 -8.44 -1.01 -5.48
C SER A 142 -9.58 -1.67 -6.25
N LEU A 143 -9.31 -2.19 -7.47
CA LEU A 143 -10.22 -2.98 -8.27
C LEU A 143 -10.49 -4.35 -7.66
N ALA A 144 -9.46 -5.01 -7.12
CA ALA A 144 -9.58 -6.39 -6.61
C ALA A 144 -10.60 -6.43 -5.47
N GLY A 145 -10.30 -5.64 -4.45
CA GLY A 145 -10.89 -5.64 -3.12
C GLY A 145 -9.88 -6.04 -2.06
N SER A 146 -8.79 -6.69 -2.43
CA SER A 146 -7.78 -7.17 -1.50
C SER A 146 -6.57 -7.73 -2.26
N TYR A 147 -5.70 -8.40 -1.53
CA TYR A 147 -4.46 -9.02 -1.95
C TYR A 147 -4.46 -10.48 -1.48
N ARG A 148 -3.30 -11.12 -1.48
CA ARG A 148 -3.15 -12.49 -0.98
C ARG A 148 -3.72 -12.65 0.42
N ASP A 149 -3.14 -11.93 1.38
CA ASP A 149 -3.39 -12.13 2.81
C ASP A 149 -3.87 -10.85 3.49
N TRP A 150 -4.04 -9.78 2.71
CA TRP A 150 -4.31 -8.42 3.16
C TRP A 150 -5.57 -7.87 2.49
N SER A 151 -6.43 -7.21 3.26
CA SER A 151 -7.57 -6.45 2.78
C SER A 151 -7.10 -5.12 2.17
N TYR A 152 -7.93 -4.56 1.28
CA TYR A 152 -7.94 -3.14 0.92
C TYR A 152 -8.73 -2.35 1.99
N SER A 153 -8.69 -1.01 2.01
CA SER A 153 -9.56 -0.20 2.88
C SER A 153 -10.01 1.10 2.19
N GLY A 154 -9.20 2.17 2.26
CA GLY A 154 -9.47 3.47 1.67
C GLY A 154 -9.37 4.68 2.62
N GLN A 155 -8.71 4.58 3.79
CA GLN A 155 -8.64 5.74 4.70
C GLN A 155 -7.62 6.75 4.19
N ARG A 156 -8.07 7.91 3.68
CA ARG A 156 -7.21 9.03 3.34
C ARG A 156 -6.68 9.72 4.61
N THR A 157 -5.62 9.21 5.21
CA THR A 157 -5.05 9.83 6.40
C THR A 157 -4.22 11.06 6.03
N GLU A 158 -3.75 11.85 7.00
CA GLU A 158 -2.82 12.95 6.72
C GLU A 158 -1.51 12.48 6.07
N LEU A 159 -1.16 11.21 6.21
CA LEU A 159 0.01 10.60 5.57
C LEU A 159 -0.22 10.40 4.07
N GLY A 160 -1.47 10.41 3.61
CA GLY A 160 -1.85 10.06 2.26
C GLY A 160 -3.08 9.17 2.34
N VAL A 161 -2.88 7.86 2.31
CA VAL A 161 -3.98 6.91 2.33
C VAL A 161 -3.48 5.50 2.72
N GLU A 162 -4.29 4.76 3.47
CA GLU A 162 -4.03 3.37 3.84
C GLU A 162 -4.17 2.49 2.61
N PHE A 163 -3.41 1.39 2.54
CA PHE A 163 -3.31 0.60 1.32
C PHE A 163 -3.73 -0.86 1.56
N LEU A 164 -2.82 -1.72 2.02
CA LEU A 164 -3.07 -3.10 2.34
C LEU A 164 -3.02 -3.24 3.84
N LYS A 165 -3.98 -3.94 4.41
CA LYS A 165 -4.16 -4.11 5.86
C LYS A 165 -4.38 -5.60 6.09
N ARG A 166 -3.46 -6.29 6.75
CA ARG A 166 -3.63 -7.72 7.07
C ARG A 166 -4.12 -7.85 8.51
N GLY A 167 -3.92 -6.85 9.35
CA GLY A 167 -4.27 -6.89 10.75
C GLY A 167 -3.37 -5.91 11.47
N ASP A 168 -2.38 -6.42 12.20
CA ASP A 168 -1.43 -5.68 13.01
C ASP A 168 -0.43 -4.86 12.17
N LYS A 169 -0.42 -5.03 10.84
CA LYS A 169 0.41 -4.26 9.94
C LYS A 169 -0.47 -3.60 8.88
N ILE A 170 -0.08 -2.39 8.48
CA ILE A 170 -0.75 -1.55 7.50
C ILE A 170 0.29 -0.91 6.61
N VAL A 171 0.13 -1.19 5.33
CA VAL A 171 0.85 -0.51 4.26
C VAL A 171 0.15 0.82 4.05
N TYR A 172 0.93 1.88 3.91
CA TYR A 172 0.46 3.18 3.45
C TYR A 172 0.85 3.38 1.98
N HIS A 173 0.18 4.30 1.27
CA HIS A 173 0.63 4.87 0.02
C HIS A 173 0.49 6.39 0.14
N THR A 174 1.61 7.11 0.08
CA THR A 174 1.57 8.57 0.10
C THR A 174 1.05 9.09 -1.26
N LEU A 175 1.13 10.40 -1.48
CA LEU A 175 0.68 11.06 -2.71
C LEU A 175 1.85 11.63 -3.52
N GLU A 176 3.03 11.61 -2.91
CA GLU A 176 4.23 12.38 -3.25
C GLU A 176 5.45 11.61 -2.80
N SER A 177 6.45 11.55 -3.68
CA SER A 177 7.67 10.75 -3.62
C SER A 177 8.20 10.40 -5.01
N PRO A 178 7.36 10.03 -5.99
CA PRO A 178 5.91 9.78 -5.91
C PRO A 178 5.56 8.56 -5.06
N VAL A 179 4.55 8.71 -4.18
CA VAL A 179 3.87 7.65 -3.44
C VAL A 179 4.82 6.61 -2.84
N GLU A 180 5.38 6.90 -1.66
CA GLU A 180 6.18 5.92 -0.92
C GLU A 180 5.24 4.96 -0.18
N PHE A 181 5.82 3.88 0.38
CA PHE A 181 5.07 2.77 0.96
C PHE A 181 5.65 2.38 2.31
N HIS A 182 5.13 2.97 3.39
CA HIS A 182 5.64 2.66 4.73
C HIS A 182 4.87 1.46 5.31
N LEU A 183 5.42 0.85 6.37
CA LEU A 183 4.85 -0.29 7.09
C LEU A 183 5.57 -0.38 8.42
N ASP A 184 4.88 -0.24 9.56
CA ASP A 184 5.46 -0.40 10.90
C ASP A 184 6.81 0.34 11.03
N GLY A 185 6.89 1.55 10.49
CA GLY A 185 8.08 2.41 10.57
C GLY A 185 9.22 2.05 9.62
N GLU A 186 9.11 0.97 8.84
CA GLU A 186 9.97 0.73 7.69
C GLU A 186 9.28 1.30 6.46
N VAL A 187 9.99 1.32 5.33
CA VAL A 187 9.50 1.77 4.04
C VAL A 187 10.34 1.13 2.94
N LEU A 188 9.69 0.92 1.79
CA LEU A 188 10.22 0.27 0.59
C LEU A 188 9.62 0.94 -0.65
N SER A 189 10.24 0.66 -1.79
CA SER A 189 9.73 0.96 -3.11
C SER A 189 8.69 -0.07 -3.53
N LEU A 190 7.98 0.28 -4.59
CA LEU A 190 6.82 -0.41 -5.13
C LEU A 190 7.07 -1.89 -5.38
N ASP A 191 8.10 -2.21 -6.15
CA ASP A 191 8.25 -3.58 -6.60
C ASP A 191 8.57 -4.50 -5.43
N LYS A 192 9.46 -4.02 -4.56
CA LYS A 192 9.77 -4.69 -3.29
C LYS A 192 8.53 -4.92 -2.43
N LEU A 193 7.57 -3.98 -2.36
CA LEU A 193 6.31 -4.12 -1.64
C LEU A 193 5.65 -5.45 -2.00
N LYS A 194 5.38 -5.74 -3.29
CA LYS A 194 4.74 -6.98 -3.77
C LYS A 194 5.44 -8.28 -3.38
N SER A 195 6.63 -8.22 -2.81
CA SER A 195 7.38 -9.37 -2.34
C SER A 195 7.31 -9.54 -0.81
N LEU A 196 6.70 -8.59 -0.11
CA LEU A 196 6.60 -8.57 1.33
C LEU A 196 5.14 -8.82 1.74
N LEU A 197 4.13 -8.51 0.89
CA LEU A 197 2.79 -9.00 1.12
C LEU A 197 2.71 -10.52 1.23
N SER A 198 3.58 -11.23 0.49
CA SER A 198 3.65 -12.67 0.45
C SER A 198 3.88 -13.19 1.87
N THR A 132 5.50 3.75 -13.24
CA THR A 132 4.07 3.53 -13.46
C THR A 132 3.53 2.36 -12.67
N SER A 133 4.29 1.27 -12.55
CA SER A 133 3.90 0.08 -11.79
C SER A 133 3.50 0.43 -10.35
N GLU A 134 4.10 1.48 -9.81
CA GLU A 134 3.85 2.09 -8.52
C GLU A 134 2.38 2.45 -8.40
N GLU A 135 1.93 3.48 -9.14
CA GLU A 135 0.55 3.93 -9.10
C GLU A 135 -0.41 2.83 -9.58
N HIS A 136 0.00 2.09 -10.61
CA HIS A 136 -0.81 1.03 -11.21
C HIS A 136 -1.09 -0.07 -10.20
N PHE A 137 -0.16 -0.45 -9.33
CA PHE A 137 -0.38 -1.47 -8.32
C PHE A 137 -1.48 -1.04 -7.36
N VAL A 138 -1.41 0.20 -6.89
CA VAL A 138 -2.38 0.76 -5.96
C VAL A 138 -3.78 0.69 -6.62
N GLU A 139 -3.85 0.96 -7.91
CA GLU A 139 -5.09 0.83 -8.67
C GLU A 139 -5.50 -0.65 -8.73
N THR A 140 -4.61 -1.55 -9.14
CA THR A 140 -4.90 -2.97 -9.34
C THR A 140 -5.52 -3.59 -8.08
N VAL A 141 -4.97 -3.25 -6.92
CA VAL A 141 -5.42 -3.75 -5.63
C VAL A 141 -6.78 -3.13 -5.28
N SER A 142 -6.97 -1.83 -5.53
CA SER A 142 -8.25 -1.18 -5.27
C SER A 142 -9.38 -1.81 -6.09
N LEU A 143 -9.12 -2.14 -7.36
CA LEU A 143 -10.08 -2.73 -8.29
C LEU A 143 -10.68 -4.01 -7.72
N ALA A 144 -9.83 -4.90 -7.20
CA ALA A 144 -10.23 -6.15 -6.57
C ALA A 144 -10.72 -5.97 -5.12
N GLY A 145 -10.47 -4.81 -4.51
CA GLY A 145 -10.85 -4.45 -3.16
C GLY A 145 -9.96 -5.08 -2.09
N SER A 146 -9.09 -6.02 -2.45
CA SER A 146 -8.08 -6.65 -1.60
C SER A 146 -6.96 -7.25 -2.48
N TYR A 147 -6.02 -7.93 -1.85
CA TYR A 147 -4.84 -8.62 -2.36
C TYR A 147 -4.74 -9.95 -1.61
N ARG A 148 -3.64 -10.68 -1.80
CA ARG A 148 -3.44 -12.05 -1.32
C ARG A 148 -3.92 -12.26 0.10
N ASP A 149 -3.30 -11.55 1.04
CA ASP A 149 -3.36 -11.85 2.47
C ASP A 149 -3.73 -10.62 3.30
N TRP A 150 -4.02 -9.50 2.63
CA TRP A 150 -4.32 -8.20 3.19
C TRP A 150 -5.61 -7.71 2.52
N SER A 151 -6.37 -6.84 3.20
CA SER A 151 -7.46 -6.09 2.61
C SER A 151 -6.91 -4.77 2.08
N TYR A 152 -7.58 -4.16 1.09
CA TYR A 152 -7.38 -2.74 0.76
C TYR A 152 -8.06 -1.90 1.85
N SER A 153 -7.96 -0.57 1.78
CA SER A 153 -8.82 0.33 2.55
C SER A 153 -9.07 1.57 1.70
N GLY A 154 -8.11 2.48 1.61
CA GLY A 154 -8.35 3.77 1.00
C GLY A 154 -8.78 4.82 2.01
N GLN A 155 -8.70 4.58 3.33
CA GLN A 155 -8.94 5.62 4.34
C GLN A 155 -7.89 6.70 4.14
N ARG A 156 -8.31 7.91 3.78
CA ARG A 156 -7.49 9.10 3.91
C ARG A 156 -7.20 9.27 5.39
N THR A 157 -5.93 9.22 5.77
CA THR A 157 -5.46 9.30 7.13
C THR A 157 -4.52 10.51 7.21
N GLU A 158 -3.98 10.79 8.41
CA GLU A 158 -2.94 11.81 8.52
C GLU A 158 -1.62 11.35 7.86
N LEU A 159 -1.45 10.03 7.70
CA LEU A 159 -0.32 9.37 7.04
C LEU A 159 -0.39 9.42 5.51
N GLY A 160 -1.54 9.81 4.95
CA GLY A 160 -1.80 9.74 3.52
C GLY A 160 -3.05 8.91 3.33
N VAL A 161 -2.92 7.64 2.93
CA VAL A 161 -4.02 6.74 2.67
C VAL A 161 -3.63 5.33 3.13
N GLU A 162 -4.50 4.66 3.88
CA GLU A 162 -4.33 3.26 4.30
C GLU A 162 -4.31 2.37 3.06
N PHE A 163 -3.17 1.80 2.68
CA PHE A 163 -3.06 1.05 1.43
C PHE A 163 -3.48 -0.41 1.65
N LEU A 164 -2.70 -1.21 2.39
CA LEU A 164 -3.06 -2.58 2.76
C LEU A 164 -3.09 -2.76 4.26
N LYS A 165 -4.04 -3.53 4.77
CA LYS A 165 -4.13 -3.93 6.18
C LYS A 165 -4.20 -5.44 6.21
N ARG A 166 -3.53 -6.11 7.14
CA ARG A 166 -3.82 -7.52 7.43
C ARG A 166 -3.94 -7.82 8.91
N GLY A 167 -3.90 -6.83 9.78
CA GLY A 167 -3.62 -7.03 11.20
C GLY A 167 -3.03 -5.75 11.73
N ASP A 168 -2.14 -5.86 12.71
CA ASP A 168 -1.43 -4.73 13.27
C ASP A 168 -0.70 -3.94 12.16
N LYS A 169 -0.19 -4.62 11.12
CA LYS A 169 0.59 -4.01 10.07
C LYS A 169 -0.32 -3.37 9.04
N ILE A 170 0.03 -2.15 8.63
CA ILE A 170 -0.64 -1.39 7.58
C ILE A 170 0.41 -0.77 6.66
N VAL A 171 0.29 -1.05 5.36
CA VAL A 171 1.02 -0.39 4.28
C VAL A 171 0.33 0.94 3.99
N TYR A 172 1.07 1.97 3.57
CA TYR A 172 0.54 3.25 3.07
C TYR A 172 1.23 3.56 1.73
N HIS A 173 0.75 4.57 0.98
CA HIS A 173 1.18 4.84 -0.41
C HIS A 173 1.35 6.34 -0.75
N THR A 174 1.59 7.11 0.29
CA THR A 174 1.66 8.57 0.38
C THR A 174 0.53 9.29 -0.40
N LEU A 175 0.68 10.60 -0.63
CA LEU A 175 -0.06 11.35 -1.64
C LEU A 175 0.86 11.76 -2.81
N GLU A 176 2.14 11.97 -2.51
CA GLU A 176 3.18 12.56 -3.35
C GLU A 176 4.48 11.77 -3.17
N SER A 177 5.32 11.73 -4.20
CA SER A 177 6.46 10.84 -4.46
C SER A 177 6.68 10.66 -5.97
N PRO A 178 5.62 10.55 -6.80
CA PRO A 178 4.26 10.15 -6.45
C PRO A 178 4.18 8.67 -6.04
N VAL A 179 3.49 8.43 -4.92
CA VAL A 179 3.42 7.22 -4.11
C VAL A 179 4.80 6.65 -3.74
N GLU A 180 5.05 6.69 -2.44
CA GLU A 180 6.09 5.98 -1.72
C GLU A 180 5.41 4.73 -1.18
N PHE A 181 6.11 3.90 -0.39
CA PHE A 181 5.50 2.74 0.24
C PHE A 181 6.08 2.61 1.62
N HIS A 182 5.33 3.00 2.65
CA HIS A 182 5.71 2.75 4.04
C HIS A 182 4.95 1.53 4.55
N LEU A 183 5.38 0.95 5.66
CA LEU A 183 4.76 -0.16 6.38
C LEU A 183 5.40 -0.23 7.75
N ASP A 184 4.62 -0.11 8.82
CA ASP A 184 5.10 -0.28 10.20
C ASP A 184 6.35 0.57 10.50
N GLY A 185 6.33 1.80 9.98
CA GLY A 185 7.40 2.77 10.16
C GLY A 185 8.56 2.61 9.16
N GLU A 186 8.65 1.49 8.45
CA GLU A 186 9.71 1.22 7.48
C GLU A 186 9.23 1.72 6.11
N VAL A 187 10.13 1.82 5.14
CA VAL A 187 9.87 2.32 3.79
C VAL A 187 10.51 1.37 2.77
N LEU A 188 9.88 1.21 1.60
CA LEU A 188 10.23 0.25 0.57
C LEU A 188 9.94 0.84 -0.81
N SER A 189 10.49 0.20 -1.85
CA SER A 189 10.12 0.41 -3.24
C SER A 189 8.92 -0.49 -3.58
N LEU A 190 8.18 -0.16 -4.63
CA LEU A 190 7.01 -0.89 -5.12
C LEU A 190 7.30 -2.38 -5.23
N ASP A 191 8.39 -2.73 -5.90
CA ASP A 191 8.65 -4.12 -6.21
C ASP A 191 9.10 -4.91 -5.00
N LYS A 192 9.76 -4.24 -4.05
CA LYS A 192 9.99 -4.80 -2.73
C LYS A 192 8.67 -4.97 -1.99
N LEU A 193 7.74 -4.02 -2.11
CA LEU A 193 6.44 -4.07 -1.44
C LEU A 193 5.77 -5.39 -1.77
N LYS A 194 5.44 -5.69 -3.04
CA LYS A 194 4.77 -6.95 -3.46
C LYS A 194 5.38 -8.22 -2.88
N SER A 195 6.68 -8.24 -2.61
CA SER A 195 7.39 -9.40 -2.10
C SER A 195 7.08 -9.63 -0.62
N LEU A 196 6.66 -8.58 0.10
CA LEU A 196 6.30 -8.68 1.49
C LEU A 196 4.83 -9.08 1.65
N LEU A 197 3.88 -8.70 0.78
CA LEU A 197 2.50 -9.01 1.01
C LEU A 197 2.20 -10.50 1.06
N SER A 198 2.99 -11.29 0.34
CA SER A 198 2.75 -12.70 0.15
C SER A 198 2.63 -13.41 1.50
N THR A 132 5.08 5.81 -12.07
CA THR A 132 4.11 5.01 -12.84
C THR A 132 3.86 3.65 -12.18
N SER A 133 4.87 2.77 -12.14
CA SER A 133 4.71 1.38 -11.72
C SER A 133 4.13 1.29 -10.31
N GLU A 134 4.54 2.21 -9.44
CA GLU A 134 4.08 2.31 -8.07
C GLU A 134 2.56 2.50 -8.02
N GLU A 135 2.01 3.58 -8.59
CA GLU A 135 0.57 3.84 -8.51
C GLU A 135 -0.21 2.88 -9.42
N HIS A 136 0.43 2.32 -10.46
CA HIS A 136 -0.19 1.29 -11.28
C HIS A 136 -0.63 0.11 -10.40
N PHE A 137 0.19 -0.33 -9.45
CA PHE A 137 -0.19 -1.39 -8.53
C PHE A 137 -1.29 -0.95 -7.56
N VAL A 138 -1.21 0.28 -7.04
CA VAL A 138 -2.25 0.86 -6.20
C VAL A 138 -3.59 0.81 -6.93
N GLU A 139 -3.59 1.08 -8.23
CA GLU A 139 -4.77 1.02 -9.06
C GLU A 139 -5.23 -0.44 -9.11
N THR A 140 -4.35 -1.37 -9.46
CA THR A 140 -4.68 -2.78 -9.66
C THR A 140 -5.33 -3.41 -8.40
N VAL A 141 -4.88 -3.02 -7.21
CA VAL A 141 -5.50 -3.47 -5.97
C VAL A 141 -6.81 -2.72 -5.72
N SER A 142 -6.86 -1.40 -5.90
CA SER A 142 -8.07 -0.65 -5.55
C SER A 142 -9.23 -0.94 -6.51
N LEU A 143 -8.92 -1.38 -7.74
CA LEU A 143 -9.82 -2.08 -8.65
C LEU A 143 -10.36 -3.34 -7.97
N ALA A 144 -9.45 -4.27 -7.62
CA ALA A 144 -9.79 -5.59 -7.11
C ALA A 144 -10.58 -5.52 -5.81
N GLY A 145 -10.21 -4.61 -4.91
CA GLY A 145 -10.80 -4.37 -3.62
C GLY A 145 -9.99 -4.96 -2.47
N SER A 146 -8.97 -5.78 -2.75
CA SER A 146 -8.05 -6.41 -1.81
C SER A 146 -6.88 -7.04 -2.60
N TYR A 147 -5.99 -7.72 -1.87
CA TYR A 147 -4.88 -8.51 -2.39
C TYR A 147 -5.08 -9.97 -1.96
N ARG A 148 -4.04 -10.77 -2.13
CA ARG A 148 -3.95 -12.17 -1.76
C ARG A 148 -4.52 -12.38 -0.36
N ASP A 149 -3.79 -11.87 0.63
CA ASP A 149 -4.06 -12.11 2.04
C ASP A 149 -4.34 -10.82 2.80
N TRP A 150 -4.16 -9.67 2.13
CA TRP A 150 -4.35 -8.33 2.66
C TRP A 150 -5.65 -7.74 2.12
N SER A 151 -6.23 -6.76 2.80
CA SER A 151 -7.50 -6.13 2.51
C SER A 151 -7.32 -4.65 2.16
N TYR A 152 -8.04 -4.11 1.17
CA TYR A 152 -7.95 -2.66 0.89
C TYR A 152 -8.60 -1.85 2.03
N SER A 153 -8.41 -0.52 2.02
CA SER A 153 -8.89 0.41 3.04
C SER A 153 -9.24 1.75 2.38
N GLY A 154 -8.27 2.65 2.21
CA GLY A 154 -8.48 3.95 1.60
C GLY A 154 -8.81 5.07 2.59
N GLN A 155 -8.63 4.90 3.91
CA GLN A 155 -8.83 6.00 4.88
C GLN A 155 -7.79 7.06 4.60
N ARG A 156 -8.23 8.29 4.30
CA ARG A 156 -7.38 9.47 4.22
C ARG A 156 -7.00 9.92 5.62
N THR A 157 -5.84 9.49 6.06
CA THR A 157 -5.24 9.85 7.32
C THR A 157 -4.49 11.19 7.17
N GLU A 158 -3.94 11.71 8.27
CA GLU A 158 -3.06 12.87 8.23
C GLU A 158 -1.77 12.61 7.44
N LEU A 159 -1.36 11.33 7.37
CA LEU A 159 -0.19 10.86 6.65
C LEU A 159 -0.42 10.93 5.15
N GLY A 160 -1.63 10.61 4.70
CA GLY A 160 -1.91 10.36 3.30
C GLY A 160 -3.12 9.45 3.25
N VAL A 161 -2.93 8.16 2.98
CA VAL A 161 -4.00 7.19 2.97
C VAL A 161 -3.52 5.78 3.34
N GLU A 162 -4.33 5.09 4.14
CA GLU A 162 -4.20 3.66 4.50
C GLU A 162 -4.40 2.85 3.23
N PHE A 163 -3.40 2.04 2.88
CA PHE A 163 -3.46 1.21 1.67
C PHE A 163 -4.17 -0.11 2.04
N LEU A 164 -3.43 -1.06 2.61
CA LEU A 164 -3.81 -2.47 2.72
C LEU A 164 -3.56 -2.94 4.14
N LYS A 165 -4.32 -3.92 4.65
CA LYS A 165 -4.23 -4.36 6.05
C LYS A 165 -4.12 -5.87 6.07
N ARG A 166 -3.44 -6.46 7.06
CA ARG A 166 -3.32 -7.93 7.18
C ARG A 166 -3.13 -8.42 8.61
N GLY A 167 -3.33 -7.57 9.62
CA GLY A 167 -3.07 -7.91 11.00
C GLY A 167 -1.76 -7.32 11.41
N ASP A 168 -1.83 -6.44 12.39
CA ASP A 168 -0.77 -5.65 12.98
C ASP A 168 -0.11 -4.66 12.01
N LYS A 169 0.03 -5.05 10.76
CA LYS A 169 0.62 -4.32 9.69
C LYS A 169 -0.46 -3.56 8.94
N ILE A 170 -0.04 -2.39 8.50
CA ILE A 170 -0.76 -1.54 7.57
C ILE A 170 0.29 -0.97 6.63
N VAL A 171 0.08 -1.21 5.34
CA VAL A 171 0.77 -0.43 4.31
C VAL A 171 0.06 0.91 4.19
N TYR A 172 0.82 1.96 3.93
CA TYR A 172 0.29 3.28 3.55
C TYR A 172 0.77 3.59 2.13
N HIS A 173 0.07 4.48 1.41
CA HIS A 173 0.58 5.13 0.22
C HIS A 173 0.63 6.64 0.49
N THR A 174 1.60 7.33 -0.12
CA THR A 174 1.72 8.79 -0.08
C THR A 174 0.89 9.40 -1.23
N LEU A 175 0.75 10.72 -1.27
CA LEU A 175 0.05 11.44 -2.34
C LEU A 175 1.05 11.94 -3.38
N GLU A 176 2.29 12.21 -2.95
CA GLU A 176 3.36 12.80 -3.74
C GLU A 176 4.63 11.99 -3.52
N SER A 177 5.27 11.59 -4.61
CA SER A 177 6.31 10.55 -4.70
C SER A 177 6.46 9.97 -6.10
N PRO A 178 5.39 9.69 -6.88
CA PRO A 178 3.96 9.87 -6.60
C PRO A 178 3.39 9.05 -5.45
N VAL A 179 3.72 7.76 -5.32
CA VAL A 179 3.39 7.02 -4.11
C VAL A 179 4.64 6.28 -3.64
N GLU A 180 4.69 6.01 -2.35
CA GLU A 180 5.73 5.34 -1.59
C GLU A 180 5.00 4.44 -0.60
N PHE A 181 5.63 3.36 -0.16
CA PHE A 181 5.01 2.27 0.55
C PHE A 181 5.72 2.11 1.87
N HIS A 182 5.32 2.94 2.83
CA HIS A 182 5.91 2.87 4.16
C HIS A 182 5.38 1.61 4.87
N LEU A 183 6.08 1.20 5.93
CA LEU A 183 5.62 0.18 6.84
C LEU A 183 6.28 0.39 8.19
N ASP A 184 5.55 1.00 9.14
CA ASP A 184 5.98 1.18 10.53
C ASP A 184 7.19 2.12 10.64
N GLY A 185 7.39 2.94 9.61
CA GLY A 185 8.51 3.85 9.48
C GLY A 185 9.63 3.30 8.58
N GLU A 186 9.54 2.03 8.17
CA GLU A 186 10.34 1.53 7.07
C GLU A 186 9.70 2.04 5.77
N VAL A 187 10.42 1.89 4.65
CA VAL A 187 9.98 2.24 3.31
C VAL A 187 10.54 1.15 2.39
N LEU A 188 9.77 0.73 1.39
CA LEU A 188 10.07 -0.43 0.55
C LEU A 188 9.58 -0.17 -0.86
N SER A 189 10.46 -0.16 -1.86
CA SER A 189 10.05 -0.07 -3.26
C SER A 189 9.11 -1.21 -3.63
N LEU A 190 8.42 -1.02 -4.75
CA LEU A 190 7.31 -1.82 -5.25
C LEU A 190 7.64 -3.31 -5.25
N ASP A 191 8.79 -3.67 -5.83
CA ASP A 191 9.18 -5.07 -5.97
C ASP A 191 9.42 -5.71 -4.61
N LYS A 192 10.16 -5.01 -3.74
CA LYS A 192 10.52 -5.45 -2.39
C LYS A 192 9.28 -5.58 -1.53
N LEU A 193 8.41 -4.57 -1.60
CA LEU A 193 7.09 -4.53 -1.02
C LEU A 193 6.36 -5.78 -1.45
N LYS A 194 6.21 -6.05 -2.75
CA LYS A 194 5.34 -7.14 -3.11
C LYS A 194 5.83 -8.47 -2.55
N SER A 195 7.15 -8.63 -2.40
CA SER A 195 7.80 -9.79 -1.79
C SER A 195 7.38 -10.03 -0.34
N LEU A 196 6.87 -9.01 0.38
CA LEU A 196 6.37 -9.14 1.74
C LEU A 196 4.89 -9.53 1.74
N LEU A 197 4.15 -9.17 0.68
CA LEU A 197 2.69 -9.21 0.66
C LEU A 197 2.12 -10.57 0.27
N SER A 198 2.96 -11.46 -0.23
CA SER A 198 2.62 -12.84 -0.58
C SER A 198 2.84 -13.70 0.65
N THR A 132 4.35 5.94 -12.11
CA THR A 132 3.38 5.24 -12.97
C THR A 132 3.13 3.83 -12.47
N SER A 133 4.14 2.96 -12.55
CA SER A 133 4.08 1.55 -12.19
C SER A 133 3.65 1.38 -10.74
N GLU A 134 4.07 2.32 -9.90
CA GLU A 134 3.77 2.48 -8.51
C GLU A 134 2.25 2.55 -8.33
N GLU A 135 1.61 3.59 -8.86
CA GLU A 135 0.18 3.84 -8.67
C GLU A 135 -0.66 2.83 -9.45
N HIS A 136 -0.09 2.27 -10.52
CA HIS A 136 -0.70 1.24 -11.33
C HIS A 136 -0.98 -0.02 -10.51
N PHE A 137 -0.12 -0.36 -9.54
CA PHE A 137 -0.38 -1.47 -8.62
C PHE A 137 -1.48 -1.10 -7.61
N VAL A 138 -1.39 0.09 -7.02
CA VAL A 138 -2.39 0.58 -6.07
C VAL A 138 -3.78 0.49 -6.71
N GLU A 139 -3.85 0.91 -7.97
CA GLU A 139 -5.01 0.84 -8.84
C GLU A 139 -5.54 -0.61 -8.91
N THR A 140 -4.70 -1.58 -9.27
CA THR A 140 -5.10 -2.99 -9.35
C THR A 140 -5.84 -3.42 -8.08
N VAL A 141 -5.26 -3.10 -6.93
CA VAL A 141 -5.79 -3.54 -5.66
C VAL A 141 -7.14 -2.85 -5.37
N SER A 142 -7.27 -1.55 -5.62
CA SER A 142 -8.54 -0.84 -5.45
C SER A 142 -9.66 -1.40 -6.31
N LEU A 143 -9.35 -1.92 -7.50
CA LEU A 143 -10.35 -2.50 -8.39
C LEU A 143 -10.89 -3.81 -7.81
N ALA A 144 -10.01 -4.76 -7.51
CA ALA A 144 -10.39 -6.10 -7.05
C ALA A 144 -10.80 -6.13 -5.56
N GLY A 145 -10.43 -5.11 -4.77
CA GLY A 145 -10.90 -4.88 -3.42
C GLY A 145 -10.03 -5.45 -2.28
N SER A 146 -9.06 -6.34 -2.53
CA SER A 146 -8.12 -6.86 -1.52
C SER A 146 -6.76 -7.31 -2.09
N TYR A 147 -6.06 -8.23 -1.43
CA TYR A 147 -4.87 -8.92 -1.87
C TYR A 147 -4.90 -10.28 -1.18
N ARG A 148 -3.84 -11.08 -1.37
CA ARG A 148 -3.77 -12.49 -0.99
C ARG A 148 -4.33 -12.73 0.41
N ASP A 149 -3.76 -12.02 1.39
CA ASP A 149 -4.11 -12.14 2.81
C ASP A 149 -4.40 -10.76 3.43
N TRP A 150 -4.48 -9.70 2.62
CA TRP A 150 -4.65 -8.32 3.08
C TRP A 150 -5.91 -7.70 2.50
N SER A 151 -6.67 -6.93 3.28
CA SER A 151 -7.77 -6.13 2.76
C SER A 151 -7.21 -4.88 2.13
N TYR A 152 -7.87 -4.36 1.09
CA TYR A 152 -7.72 -2.96 0.70
C TYR A 152 -8.41 -2.09 1.75
N SER A 153 -8.13 -0.78 1.75
CA SER A 153 -8.77 0.17 2.63
C SER A 153 -8.98 1.50 1.92
N GLY A 154 -7.96 2.34 1.97
CA GLY A 154 -7.99 3.67 1.39
C GLY A 154 -8.77 4.64 2.28
N GLN A 155 -8.52 4.67 3.60
CA GLN A 155 -8.85 5.86 4.39
C GLN A 155 -7.78 6.87 4.06
N ARG A 156 -8.13 8.13 3.79
CA ARG A 156 -7.15 9.19 3.92
C ARG A 156 -6.98 9.50 5.39
N THR A 157 -5.91 8.99 5.97
CA THR A 157 -5.49 9.36 7.30
C THR A 157 -4.68 10.65 7.23
N GLU A 158 -4.38 11.23 8.39
CA GLU A 158 -3.45 12.35 8.45
C GLU A 158 -2.06 12.01 7.93
N LEU A 159 -1.71 10.71 7.89
CA LEU A 159 -0.45 10.21 7.36
C LEU A 159 -0.40 10.21 5.83
N GLY A 160 -1.55 10.26 5.15
CA GLY A 160 -1.59 10.04 3.71
C GLY A 160 -2.80 9.17 3.45
N VAL A 161 -2.59 7.88 3.15
CA VAL A 161 -3.69 6.96 2.94
C VAL A 161 -3.16 5.54 3.11
N GLU A 162 -3.91 4.72 3.82
CA GLU A 162 -3.69 3.30 3.98
C GLU A 162 -3.93 2.56 2.68
N PHE A 163 -3.30 1.40 2.57
CA PHE A 163 -3.39 0.58 1.39
C PHE A 163 -3.90 -0.80 1.78
N LEU A 164 -2.99 -1.67 2.19
CA LEU A 164 -3.28 -3.05 2.53
C LEU A 164 -3.15 -3.20 4.05
N LYS A 165 -4.12 -3.87 4.68
CA LYS A 165 -4.21 -4.04 6.12
C LYS A 165 -4.31 -5.53 6.44
N ARG A 166 -3.55 -6.04 7.41
CA ARG A 166 -3.51 -7.45 7.75
C ARG A 166 -2.88 -7.63 9.13
N GLY A 167 -3.54 -8.33 10.05
CA GLY A 167 -2.99 -8.63 11.36
C GLY A 167 -2.65 -7.32 12.06
N ASP A 168 -1.42 -7.23 12.58
CA ASP A 168 -0.92 -6.02 13.21
C ASP A 168 -0.18 -5.12 12.19
N LYS A 169 -0.30 -5.36 10.86
CA LYS A 169 0.51 -4.75 9.83
C LYS A 169 -0.34 -3.90 8.89
N ILE A 170 0.16 -2.73 8.49
CA ILE A 170 -0.52 -1.83 7.55
C ILE A 170 0.51 -1.21 6.64
N VAL A 171 0.28 -1.37 5.34
CA VAL A 171 0.97 -0.64 4.29
C VAL A 171 0.25 0.71 4.12
N TYR A 172 1.02 1.78 3.94
CA TYR A 172 0.52 3.10 3.57
C TYR A 172 0.97 3.43 2.13
N HIS A 173 0.48 4.53 1.57
CA HIS A 173 1.14 5.21 0.45
C HIS A 173 1.07 6.72 0.68
N THR A 174 2.07 7.42 0.16
CA THR A 174 2.13 8.87 0.14
C THR A 174 1.30 9.40 -1.04
N LEU A 175 1.06 10.70 -1.08
CA LEU A 175 0.35 11.39 -2.15
C LEU A 175 1.35 11.94 -3.18
N GLU A 176 2.64 11.97 -2.86
CA GLU A 176 3.75 12.43 -3.69
C GLU A 176 4.93 11.51 -3.48
N SER A 177 5.72 11.31 -4.54
CA SER A 177 6.89 10.45 -4.70
C SER A 177 7.11 10.14 -6.19
N PRO A 178 6.07 9.83 -6.99
CA PRO A 178 4.72 9.45 -6.58
C PRO A 178 4.75 8.14 -5.81
N VAL A 179 3.93 8.06 -4.75
CA VAL A 179 3.65 6.84 -3.99
C VAL A 179 4.95 6.13 -3.52
N GLU A 180 5.52 6.61 -2.43
CA GLU A 180 6.40 5.81 -1.57
C GLU A 180 5.49 4.93 -0.72
N PHE A 181 6.08 3.85 -0.24
CA PHE A 181 5.38 2.74 0.41
C PHE A 181 6.02 2.55 1.77
N HIS A 182 5.40 3.12 2.81
CA HIS A 182 5.91 3.04 4.17
C HIS A 182 5.19 1.87 4.86
N LEU A 183 5.86 1.25 5.81
CA LEU A 183 5.34 0.22 6.70
C LEU A 183 6.00 0.48 8.05
N ASP A 184 5.23 0.99 9.01
CA ASP A 184 5.68 1.42 10.34
C ASP A 184 6.74 2.53 10.35
N GLY A 185 7.04 3.09 9.18
CA GLY A 185 8.05 4.12 8.97
C GLY A 185 9.20 3.60 8.13
N GLU A 186 9.37 2.28 8.01
CA GLU A 186 10.34 1.66 7.12
C GLU A 186 9.79 1.82 5.71
N VAL A 187 10.58 2.39 4.80
CA VAL A 187 10.12 2.75 3.46
C VAL A 187 10.70 1.77 2.44
N LEU A 188 9.87 1.39 1.48
CA LEU A 188 10.09 0.42 0.43
C LEU A 188 9.63 1.03 -0.90
N SER A 189 10.07 0.40 -1.99
CA SER A 189 9.53 0.58 -3.33
C SER A 189 8.52 -0.52 -3.63
N LEU A 190 7.82 -0.37 -4.76
CA LEU A 190 6.74 -1.21 -5.24
C LEU A 190 7.06 -2.71 -5.15
N ASP A 191 8.16 -3.14 -5.76
CA ASP A 191 8.52 -4.57 -5.83
C ASP A 191 8.78 -5.14 -4.45
N LYS A 192 9.62 -4.44 -3.69
CA LYS A 192 9.95 -4.84 -2.32
C LYS A 192 8.70 -4.94 -1.45
N LEU A 193 7.74 -4.01 -1.62
CA LEU A 193 6.42 -4.12 -1.02
C LEU A 193 5.76 -5.43 -1.44
N LYS A 194 5.59 -5.70 -2.74
CA LYS A 194 4.95 -6.93 -3.20
C LYS A 194 5.57 -8.19 -2.59
N SER A 195 6.86 -8.19 -2.27
CA SER A 195 7.51 -9.35 -1.66
C SER A 195 6.97 -9.63 -0.26
N LEU A 196 6.65 -8.61 0.54
CA LEU A 196 6.15 -8.79 1.89
C LEU A 196 4.65 -9.09 1.89
N LEU A 197 3.96 -8.81 0.78
CA LEU A 197 2.54 -9.08 0.67
C LEU A 197 2.25 -10.54 0.32
N SER A 198 3.21 -11.24 -0.31
CA SER A 198 3.19 -12.69 -0.42
C SER A 198 3.34 -13.29 0.97
N THR A 132 5.76 5.02 -12.27
CA THR A 132 4.41 4.65 -12.72
C THR A 132 4.00 3.26 -12.25
N SER A 133 4.90 2.28 -12.24
CA SER A 133 4.62 0.91 -11.81
C SER A 133 3.98 0.89 -10.41
N GLU A 134 4.37 1.85 -9.58
CA GLU A 134 3.82 2.16 -8.27
C GLU A 134 2.30 2.33 -8.37
N GLU A 135 1.89 3.41 -9.02
CA GLU A 135 0.51 3.84 -9.19
C GLU A 135 -0.29 2.72 -9.85
N HIS A 136 0.29 2.06 -10.85
CA HIS A 136 -0.34 1.00 -11.61
C HIS A 136 -0.69 -0.20 -10.70
N PHE A 137 0.25 -0.64 -9.84
CA PHE A 137 -0.04 -1.69 -8.86
C PHE A 137 -1.13 -1.23 -7.90
N VAL A 138 -0.96 -0.05 -7.30
CA VAL A 138 -1.83 0.50 -6.26
C VAL A 138 -3.28 0.61 -6.75
N GLU A 139 -3.43 1.06 -8.00
CA GLU A 139 -4.70 1.19 -8.70
C GLU A 139 -5.41 -0.16 -8.71
N THR A 140 -4.70 -1.22 -9.13
CA THR A 140 -5.21 -2.57 -9.26
C THR A 140 -5.81 -3.10 -7.94
N VAL A 141 -5.10 -2.88 -6.83
CA VAL A 141 -5.55 -3.20 -5.48
C VAL A 141 -6.81 -2.39 -5.18
N SER A 142 -6.81 -1.07 -5.38
CA SER A 142 -7.97 -0.23 -5.07
C SER A 142 -9.27 -0.78 -5.69
N LEU A 143 -9.19 -1.22 -6.95
CA LEU A 143 -10.33 -1.74 -7.71
C LEU A 143 -10.84 -3.06 -7.14
N ALA A 144 -9.93 -3.92 -6.71
CA ALA A 144 -10.27 -5.23 -6.18
C ALA A 144 -11.01 -5.08 -4.85
N GLY A 145 -10.38 -4.43 -3.87
CA GLY A 145 -10.86 -4.27 -2.50
C GLY A 145 -10.19 -5.23 -1.50
N SER A 146 -9.40 -6.19 -1.98
CA SER A 146 -8.32 -6.78 -1.21
C SER A 146 -7.19 -7.27 -2.11
N TYR A 147 -6.16 -7.78 -1.46
CA TYR A 147 -5.08 -8.58 -2.00
C TYR A 147 -5.20 -9.98 -1.39
N ARG A 148 -4.14 -10.79 -1.46
CA ARG A 148 -4.14 -12.21 -1.09
C ARG A 148 -4.86 -12.48 0.22
N ASP A 149 -4.30 -11.96 1.32
CA ASP A 149 -4.90 -12.01 2.65
C ASP A 149 -4.75 -10.65 3.35
N TRP A 150 -4.52 -9.58 2.57
CA TRP A 150 -4.56 -8.20 3.03
C TRP A 150 -5.88 -7.56 2.57
N SER A 151 -6.52 -6.81 3.46
CA SER A 151 -7.69 -6.00 3.18
C SER A 151 -7.27 -4.66 2.59
N TYR A 152 -8.14 -4.04 1.78
CA TYR A 152 -8.11 -2.61 1.51
C TYR A 152 -9.22 -1.95 2.35
N SER A 153 -9.10 -0.64 2.61
CA SER A 153 -10.15 0.17 3.23
C SER A 153 -10.15 1.60 2.68
N GLY A 154 -9.04 2.08 2.09
CA GLY A 154 -8.94 3.47 1.64
C GLY A 154 -9.23 4.41 2.81
N GLN A 155 -8.55 4.19 3.95
CA GLN A 155 -8.55 5.15 5.04
C GLN A 155 -7.81 6.36 4.52
N ARG A 156 -8.49 7.44 4.15
CA ARG A 156 -7.86 8.67 3.72
C ARG A 156 -7.41 9.39 4.98
N THR A 157 -6.21 9.06 5.43
CA THR A 157 -5.68 9.51 6.70
C THR A 157 -4.98 10.85 6.49
N GLU A 158 -4.54 11.50 7.57
CA GLU A 158 -3.72 12.70 7.49
C GLU A 158 -2.34 12.45 6.87
N LEU A 159 -1.88 11.19 6.83
CA LEU A 159 -0.64 10.83 6.14
C LEU A 159 -0.84 10.87 4.62
N GLY A 160 -2.05 10.60 4.14
CA GLY A 160 -2.34 10.37 2.74
C GLY A 160 -3.46 9.37 2.66
N VAL A 161 -3.15 8.08 2.48
CA VAL A 161 -4.18 7.05 2.45
C VAL A 161 -3.56 5.68 2.79
N GLU A 162 -4.34 4.85 3.47
CA GLU A 162 -4.02 3.46 3.81
C GLU A 162 -4.19 2.59 2.57
N PHE A 163 -3.31 1.60 2.41
CA PHE A 163 -3.25 0.76 1.24
C PHE A 163 -3.72 -0.66 1.57
N LEU A 164 -2.85 -1.51 2.12
CA LEU A 164 -3.15 -2.87 2.51
C LEU A 164 -2.98 -3.04 4.00
N LYS A 165 -4.01 -3.59 4.66
CA LYS A 165 -4.01 -3.95 6.07
C LYS A 165 -3.91 -5.45 6.19
N ARG A 166 -3.22 -5.96 7.20
CA ARG A 166 -3.24 -7.37 7.57
C ARG A 166 -2.66 -7.53 8.97
N GLY A 167 -3.39 -8.21 9.86
CA GLY A 167 -2.88 -8.51 11.20
C GLY A 167 -2.50 -7.22 11.90
N ASP A 168 -1.23 -7.12 12.30
CA ASP A 168 -0.68 -5.97 13.04
C ASP A 168 0.11 -5.03 12.10
N LYS A 169 -0.07 -5.16 10.79
CA LYS A 169 0.67 -4.48 9.75
C LYS A 169 -0.32 -3.65 8.92
N ILE A 170 0.08 -2.45 8.47
CA ILE A 170 -0.65 -1.68 7.46
C ILE A 170 0.40 -0.97 6.60
N VAL A 171 0.28 -1.16 5.31
CA VAL A 171 0.99 -0.45 4.26
C VAL A 171 0.23 0.86 3.96
N TYR A 172 0.94 1.95 3.73
CA TYR A 172 0.37 3.24 3.32
C TYR A 172 0.70 3.55 1.84
N HIS A 173 0.14 4.62 1.29
CA HIS A 173 0.64 5.27 0.09
C HIS A 173 0.50 6.80 0.23
N THR A 174 1.49 7.51 -0.29
CA THR A 174 1.55 8.97 -0.30
C THR A 174 0.69 9.55 -1.43
N LEU A 175 0.59 10.88 -1.49
CA LEU A 175 0.13 11.62 -2.67
C LEU A 175 1.30 12.22 -3.43
N GLU A 176 2.44 12.41 -2.75
CA GLU A 176 3.66 13.01 -3.27
C GLU A 176 4.85 12.12 -2.96
N SER A 177 5.66 11.86 -4.00
CA SER A 177 6.72 10.88 -4.12
C SER A 177 6.92 10.50 -5.60
N PRO A 178 5.87 10.27 -6.41
CA PRO A 178 4.43 10.31 -6.09
C PRO A 178 3.95 9.33 -5.03
N VAL A 179 4.32 8.05 -5.10
CA VAL A 179 3.66 6.99 -4.37
C VAL A 179 4.76 6.08 -3.81
N GLU A 180 5.16 6.34 -2.57
CA GLU A 180 6.04 5.51 -1.75
C GLU A 180 5.21 4.63 -0.81
N PHE A 181 5.86 3.64 -0.18
CA PHE A 181 5.20 2.55 0.53
C PHE A 181 5.76 2.42 1.93
N HIS A 182 5.23 3.21 2.87
CA HIS A 182 5.70 3.15 4.25
C HIS A 182 4.98 1.99 4.94
N LEU A 183 5.68 1.39 5.90
CA LEU A 183 5.22 0.29 6.73
C LEU A 183 6.19 0.21 7.90
N ASP A 184 5.69 0.03 9.12
CA ASP A 184 6.48 -0.32 10.32
C ASP A 184 7.66 0.64 10.54
N GLY A 185 7.41 1.94 10.37
CA GLY A 185 8.43 2.98 10.57
C GLY A 185 9.47 3.05 9.45
N GLU A 186 9.35 2.22 8.41
CA GLU A 186 10.25 2.13 7.27
C GLU A 186 9.47 2.55 6.03
N VAL A 187 10.14 2.59 4.88
CA VAL A 187 9.58 2.77 3.54
C VAL A 187 10.50 2.07 2.54
N LEU A 188 9.89 1.48 1.52
CA LEU A 188 10.53 0.60 0.55
C LEU A 188 9.96 0.79 -0.84
N SER A 189 10.72 0.31 -1.83
CA SER A 189 10.34 0.23 -3.24
C SER A 189 9.12 -0.66 -3.45
N LEU A 190 8.47 -0.50 -4.60
CA LEU A 190 7.32 -1.30 -5.04
C LEU A 190 7.61 -2.79 -4.93
N ASP A 191 8.59 -3.28 -5.67
CA ASP A 191 8.90 -4.70 -5.78
C ASP A 191 9.21 -5.31 -4.42
N LYS A 192 9.90 -4.54 -3.58
CA LYS A 192 10.23 -4.94 -2.22
C LYS A 192 8.98 -5.02 -1.35
N LEU A 193 7.99 -4.13 -1.55
CA LEU A 193 6.67 -4.25 -0.96
C LEU A 193 6.02 -5.56 -1.37
N LYS A 194 5.93 -5.89 -2.68
CA LYS A 194 5.35 -7.14 -3.14
C LYS A 194 5.83 -8.35 -2.35
N SER A 195 7.12 -8.34 -2.01
CA SER A 195 7.83 -9.44 -1.37
C SER A 195 7.28 -9.79 0.01
N LEU A 196 6.56 -8.87 0.67
CA LEU A 196 6.01 -9.09 2.00
C LEU A 196 4.50 -9.39 1.94
N LEU A 197 3.87 -9.15 0.79
CA LEU A 197 2.43 -9.32 0.57
C LEU A 197 2.08 -10.70 0.01
N SER A 198 3.10 -11.44 -0.44
CA SER A 198 3.01 -12.72 -1.12
C SER A 198 2.65 -13.81 -0.13
N THR A 132 5.12 4.22 -13.22
CA THR A 132 3.69 3.90 -13.38
C THR A 132 3.23 2.71 -12.54
N SER A 133 4.03 1.66 -12.38
CA SER A 133 3.59 0.43 -11.72
C SER A 133 3.18 0.64 -10.26
N GLU A 134 3.62 1.76 -9.68
CA GLU A 134 3.32 2.30 -8.38
C GLU A 134 1.83 2.60 -8.30
N GLU A 135 1.36 3.46 -9.19
CA GLU A 135 -0.01 3.90 -9.34
C GLU A 135 -0.88 2.70 -9.75
N HIS A 136 -0.45 1.95 -10.77
CA HIS A 136 -1.15 0.82 -11.32
C HIS A 136 -1.40 -0.27 -10.27
N PHE A 137 -0.45 -0.51 -9.36
CA PHE A 137 -0.61 -1.52 -8.32
C PHE A 137 -1.74 -1.13 -7.39
N VAL A 138 -1.64 0.06 -6.80
CA VAL A 138 -2.61 0.59 -5.87
C VAL A 138 -3.99 0.58 -6.52
N GLU A 139 -4.05 0.98 -7.79
CA GLU A 139 -5.28 1.05 -8.54
C GLU A 139 -5.86 -0.35 -8.79
N THR A 140 -5.07 -1.30 -9.29
CA THR A 140 -5.53 -2.65 -9.57
C THR A 140 -6.03 -3.35 -8.29
N VAL A 141 -5.37 -3.14 -7.15
CA VAL A 141 -5.85 -3.63 -5.86
C VAL A 141 -7.18 -2.94 -5.52
N SER A 142 -7.33 -1.63 -5.79
CA SER A 142 -8.58 -0.91 -5.53
C SER A 142 -9.75 -1.39 -6.40
N LEU A 143 -9.46 -1.90 -7.61
CA LEU A 143 -10.45 -2.51 -8.49
C LEU A 143 -10.90 -3.86 -7.92
N ALA A 144 -9.97 -4.63 -7.32
CA ALA A 144 -10.27 -5.90 -6.70
C ALA A 144 -11.08 -5.69 -5.41
N GLY A 145 -10.45 -5.05 -4.43
CA GLY A 145 -10.93 -4.90 -3.07
C GLY A 145 -9.96 -5.48 -2.04
N SER A 146 -9.04 -6.37 -2.43
CA SER A 146 -7.95 -6.85 -1.59
C SER A 146 -6.80 -7.36 -2.47
N TYR A 147 -5.68 -7.72 -1.84
CA TYR A 147 -4.55 -8.46 -2.37
C TYR A 147 -4.64 -9.89 -1.80
N ARG A 148 -3.55 -10.70 -1.85
CA ARG A 148 -3.56 -12.13 -1.50
C ARG A 148 -4.34 -12.42 -0.23
N ASP A 149 -3.87 -11.83 0.87
CA ASP A 149 -4.34 -12.00 2.24
C ASP A 149 -4.59 -10.64 2.90
N TRP A 150 -4.03 -9.58 2.31
CA TRP A 150 -4.12 -8.22 2.82
C TRP A 150 -5.34 -7.54 2.21
N SER A 151 -6.14 -6.89 3.03
CA SER A 151 -7.30 -6.11 2.65
C SER A 151 -6.87 -4.79 2.02
N TYR A 152 -7.64 -4.26 1.06
CA TYR A 152 -7.54 -2.85 0.67
C TYR A 152 -8.21 -1.97 1.75
N SER A 153 -8.12 -0.65 1.63
CA SER A 153 -8.78 0.30 2.51
C SER A 153 -8.94 1.64 1.78
N GLY A 154 -7.88 2.46 1.73
CA GLY A 154 -7.83 3.72 1.01
C GLY A 154 -8.09 4.92 1.91
N GLN A 155 -8.04 4.77 3.24
CA GLN A 155 -8.40 5.83 4.17
C GLN A 155 -7.40 6.97 3.99
N ARG A 156 -7.90 8.16 3.62
CA ARG A 156 -7.12 9.38 3.50
C ARG A 156 -6.76 9.90 4.88
N THR A 157 -5.91 9.17 5.59
CA THR A 157 -5.46 9.54 6.92
C THR A 157 -4.49 10.72 6.83
N GLU A 158 -4.11 11.33 7.95
CA GLU A 158 -3.11 12.40 7.91
C GLU A 158 -1.71 11.90 7.54
N LEU A 159 -1.47 10.59 7.65
CA LEU A 159 -0.25 9.94 7.17
C LEU A 159 -0.23 9.92 5.63
N GLY A 160 -1.37 10.09 4.97
CA GLY A 160 -1.57 10.21 3.54
C GLY A 160 -2.71 9.29 3.13
N VAL A 161 -2.42 8.04 2.77
CA VAL A 161 -3.44 7.05 2.39
C VAL A 161 -3.03 5.67 2.93
N GLU A 162 -3.92 5.04 3.71
CA GLU A 162 -3.80 3.64 4.12
C GLU A 162 -4.03 2.74 2.91
N PHE A 163 -3.14 1.77 2.67
CA PHE A 163 -3.13 0.95 1.47
C PHE A 163 -3.58 -0.50 1.76
N LEU A 164 -2.69 -1.38 2.23
CA LEU A 164 -3.00 -2.80 2.48
C LEU A 164 -2.97 -3.07 3.98
N LYS A 165 -3.87 -3.91 4.52
CA LYS A 165 -3.86 -4.21 5.95
C LYS A 165 -3.88 -5.73 6.18
N ARG A 166 -3.15 -6.22 7.18
CA ARG A 166 -3.14 -7.59 7.72
C ARG A 166 -2.01 -7.66 8.76
N GLY A 167 -2.13 -8.52 9.78
CA GLY A 167 -0.98 -8.94 10.56
C GLY A 167 -0.62 -8.02 11.69
N ASP A 168 -1.52 -7.09 12.00
CA ASP A 168 -1.30 -5.96 12.87
C ASP A 168 -0.34 -4.93 12.27
N LYS A 169 -0.39 -4.85 10.94
CA LYS A 169 0.39 -3.94 10.11
C LYS A 169 -0.48 -3.32 9.03
N ILE A 170 -0.03 -2.16 8.55
CA ILE A 170 -0.67 -1.39 7.49
C ILE A 170 0.40 -0.81 6.59
N VAL A 171 0.29 -1.10 5.31
CA VAL A 171 1.05 -0.42 4.25
C VAL A 171 0.36 0.90 3.95
N TYR A 172 1.11 1.91 3.54
CA TYR A 172 0.63 3.21 3.07
C TYR A 172 1.07 3.43 1.61
N HIS A 173 0.61 4.49 0.94
CA HIS A 173 1.00 4.79 -0.45
C HIS A 173 1.10 6.28 -0.82
N THR A 174 1.07 7.10 0.21
CA THR A 174 1.16 8.57 0.28
C THR A 174 0.30 9.28 -0.79
N LEU A 175 0.58 10.57 -0.97
CA LEU A 175 0.11 11.40 -2.07
C LEU A 175 1.26 11.84 -2.97
N GLU A 176 2.48 11.83 -2.43
CA GLU A 176 3.68 12.48 -2.96
C GLU A 176 4.89 11.57 -2.73
N SER A 177 5.83 11.61 -3.69
CA SER A 177 7.03 10.82 -3.90
C SER A 177 7.33 10.79 -5.40
N PRO A 178 6.36 10.52 -6.30
CA PRO A 178 4.96 10.15 -6.04
C PRO A 178 4.87 8.73 -5.45
N VAL A 179 4.00 8.55 -4.46
CA VAL A 179 3.63 7.25 -3.88
C VAL A 179 4.83 6.59 -3.17
N GLU A 180 4.91 6.83 -1.86
CA GLU A 180 5.87 6.22 -0.95
C GLU A 180 5.13 5.16 -0.17
N PHE A 181 5.87 4.12 0.18
CA PHE A 181 5.29 2.86 0.62
C PHE A 181 5.77 2.52 2.02
N HIS A 182 5.25 3.21 3.03
CA HIS A 182 5.67 2.95 4.42
C HIS A 182 4.87 1.79 5.00
N LEU A 183 5.39 1.21 6.08
CA LEU A 183 4.88 0.05 6.76
C LEU A 183 5.57 -0.02 8.12
N ASP A 184 4.83 0.14 9.22
CA ASP A 184 5.23 -0.17 10.59
C ASP A 184 6.63 0.34 10.97
N GLY A 185 6.94 1.59 10.60
CA GLY A 185 8.21 2.26 10.90
C GLY A 185 9.19 2.25 9.74
N GLU A 186 8.95 1.46 8.69
CA GLU A 186 9.84 1.24 7.58
C GLU A 186 9.17 1.69 6.28
N VAL A 187 9.88 1.60 5.17
CA VAL A 187 9.45 1.94 3.81
C VAL A 187 10.26 1.14 2.79
N LEU A 188 9.66 0.87 1.63
CA LEU A 188 10.18 0.02 0.56
C LEU A 188 9.85 0.62 -0.80
N SER A 189 10.38 0.05 -1.89
CA SER A 189 9.92 0.30 -3.25
C SER A 189 8.69 -0.56 -3.56
N LEU A 190 8.06 -0.26 -4.69
CA LEU A 190 6.87 -0.92 -5.20
C LEU A 190 7.08 -2.41 -5.42
N ASP A 191 8.25 -2.74 -5.97
CA ASP A 191 8.62 -4.12 -6.27
C ASP A 191 8.84 -4.90 -4.97
N LYS A 192 9.73 -4.40 -4.11
CA LYS A 192 10.03 -4.99 -2.80
C LYS A 192 8.78 -5.12 -1.92
N LEU A 193 7.80 -4.22 -2.08
CA LEU A 193 6.49 -4.32 -1.46
C LEU A 193 5.85 -5.66 -1.82
N LYS A 194 5.61 -6.01 -3.10
CA LYS A 194 5.04 -7.31 -3.47
C LYS A 194 5.68 -8.52 -2.80
N SER A 195 7.00 -8.47 -2.59
CA SER A 195 7.73 -9.55 -1.95
C SER A 195 7.24 -9.69 -0.52
N LEU A 196 7.06 -8.57 0.18
CA LEU A 196 6.70 -8.59 1.57
C LEU A 196 5.22 -8.97 1.75
N LEU A 197 4.28 -8.69 0.82
CA LEU A 197 2.94 -9.20 1.01
C LEU A 197 2.82 -10.72 1.01
N SER A 198 3.77 -11.39 0.35
CA SER A 198 3.68 -12.77 -0.05
C SER A 198 3.56 -13.65 1.18
N THR A 132 4.60 5.85 -12.56
CA THR A 132 3.26 5.31 -12.83
C THR A 132 3.08 3.91 -12.23
N SER A 133 4.07 3.03 -12.34
CA SER A 133 3.96 1.62 -11.94
C SER A 133 3.52 1.48 -10.47
N GLU A 134 3.93 2.40 -9.61
CA GLU A 134 3.62 2.44 -8.18
C GLU A 134 2.13 2.70 -7.99
N GLU A 135 1.68 3.81 -8.55
CA GLU A 135 0.32 4.33 -8.43
C GLU A 135 -0.68 3.40 -9.14
N HIS A 136 -0.19 2.67 -10.16
CA HIS A 136 -0.87 1.62 -10.89
C HIS A 136 -1.11 0.41 -9.99
N PHE A 137 -0.15 0.01 -9.16
CA PHE A 137 -0.37 -1.14 -8.29
C PHE A 137 -1.44 -0.81 -7.26
N VAL A 138 -1.42 0.42 -6.73
CA VAL A 138 -2.48 0.92 -5.88
C VAL A 138 -3.83 0.80 -6.61
N GLU A 139 -3.87 1.16 -7.89
CA GLU A 139 -5.07 1.01 -8.72
C GLU A 139 -5.49 -0.47 -8.78
N THR A 140 -4.58 -1.42 -8.99
CA THR A 140 -4.89 -2.85 -9.00
C THR A 140 -5.55 -3.32 -7.69
N VAL A 141 -5.06 -2.86 -6.55
CA VAL A 141 -5.63 -3.15 -5.22
C VAL A 141 -6.97 -2.41 -5.08
N SER A 142 -7.14 -1.24 -5.69
CA SER A 142 -8.39 -0.47 -5.70
C SER A 142 -9.47 -1.12 -6.57
N LEU A 143 -9.12 -1.84 -7.64
CA LEU A 143 -10.09 -2.65 -8.38
C LEU A 143 -10.68 -3.66 -7.40
N ALA A 144 -9.81 -4.43 -6.74
CA ALA A 144 -10.19 -5.51 -5.85
C ALA A 144 -10.96 -5.00 -4.63
N GLY A 145 -10.32 -4.13 -3.84
CA GLY A 145 -10.65 -3.86 -2.45
C GLY A 145 -9.84 -4.74 -1.49
N SER A 146 -8.99 -5.65 -2.00
CA SER A 146 -8.09 -6.47 -1.20
C SER A 146 -6.86 -6.88 -2.01
N TYR A 147 -6.02 -7.71 -1.41
CA TYR A 147 -4.89 -8.41 -2.00
C TYR A 147 -4.83 -9.80 -1.34
N ARG A 148 -3.74 -10.55 -1.53
CA ARG A 148 -3.61 -11.98 -1.23
C ARG A 148 -4.20 -12.34 0.12
N ASP A 149 -3.60 -11.84 1.20
CA ASP A 149 -4.05 -12.09 2.58
C ASP A 149 -4.13 -10.76 3.37
N TRP A 150 -4.21 -9.63 2.64
CA TRP A 150 -4.52 -8.32 3.18
C TRP A 150 -5.81 -7.77 2.58
N SER A 151 -6.59 -7.00 3.35
CA SER A 151 -7.66 -6.15 2.85
C SER A 151 -7.10 -4.78 2.46
N TYR A 152 -7.71 -4.10 1.48
CA TYR A 152 -7.63 -2.64 1.33
C TYR A 152 -8.54 -1.98 2.37
N SER A 153 -8.60 -0.65 2.40
CA SER A 153 -9.53 0.15 3.20
C SER A 153 -9.58 1.58 2.66
N GLY A 154 -8.53 2.03 1.96
CA GLY A 154 -8.53 3.25 1.18
C GLY A 154 -8.71 4.51 2.02
N GLN A 155 -8.51 4.44 3.34
CA GLN A 155 -8.68 5.57 4.23
C GLN A 155 -7.65 6.63 3.83
N ARG A 156 -8.10 7.75 3.28
CA ARG A 156 -7.27 8.94 3.21
C ARG A 156 -7.09 9.43 4.64
N THR A 157 -5.87 9.74 5.03
CA THR A 157 -5.52 10.20 6.34
C THR A 157 -4.54 11.37 6.19
N GLU A 158 -4.18 12.04 7.27
CA GLU A 158 -3.17 13.09 7.27
C GLU A 158 -1.83 12.60 6.69
N LEU A 159 -1.49 11.32 6.84
CA LEU A 159 -0.26 10.72 6.30
C LEU A 159 -0.33 10.49 4.79
N GLY A 160 -1.50 10.59 4.17
CA GLY A 160 -1.73 10.19 2.80
C GLY A 160 -2.88 9.21 2.80
N VAL A 161 -2.63 7.90 2.68
CA VAL A 161 -3.70 6.93 2.49
C VAL A 161 -3.26 5.54 2.95
N GLU A 162 -4.13 4.88 3.71
CA GLU A 162 -3.96 3.49 4.13
C GLU A 162 -3.88 2.62 2.88
N PHE A 163 -3.08 1.56 2.92
CA PHE A 163 -2.94 0.69 1.77
C PHE A 163 -3.39 -0.74 2.07
N LEU A 164 -2.56 -1.61 2.62
CA LEU A 164 -2.98 -2.98 2.91
C LEU A 164 -2.97 -3.20 4.41
N LYS A 165 -3.94 -3.95 4.92
CA LYS A 165 -4.09 -4.24 6.35
C LYS A 165 -4.25 -5.76 6.51
N ARG A 166 -3.44 -6.39 7.36
CA ARG A 166 -3.59 -7.75 7.81
C ARG A 166 -2.93 -7.92 9.16
N GLY A 167 -3.35 -8.90 9.96
CA GLY A 167 -2.76 -9.13 11.27
C GLY A 167 -2.85 -7.83 12.06
N ASP A 168 -1.72 -7.32 12.53
CA ASP A 168 -1.64 -5.96 13.08
C ASP A 168 -0.85 -5.05 12.13
N LYS A 169 -0.32 -5.57 11.01
CA LYS A 169 0.46 -4.79 10.09
C LYS A 169 -0.44 -3.94 9.21
N ILE A 170 0.05 -2.75 8.91
CA ILE A 170 -0.60 -1.75 8.09
C ILE A 170 0.48 -1.17 7.21
N VAL A 171 0.30 -1.38 5.91
CA VAL A 171 1.04 -0.66 4.88
C VAL A 171 0.32 0.67 4.68
N TYR A 172 1.03 1.75 4.41
CA TYR A 172 0.47 3.01 3.90
C TYR A 172 1.07 3.27 2.51
N HIS A 173 0.46 4.20 1.76
CA HIS A 173 1.11 4.85 0.62
C HIS A 173 0.83 6.36 0.72
N THR A 174 1.52 7.15 -0.11
CA THR A 174 1.41 8.60 -0.14
C THR A 174 0.86 9.03 -1.50
N LEU A 175 0.96 10.31 -1.85
CA LEU A 175 0.45 10.88 -3.10
C LEU A 175 1.58 11.28 -4.06
N GLU A 176 2.79 11.52 -3.54
CA GLU A 176 3.96 12.00 -4.28
C GLU A 176 5.19 11.16 -3.94
N SER A 177 6.04 10.86 -4.94
CA SER A 177 7.21 9.99 -4.94
C SER A 177 7.55 9.51 -6.36
N PRO A 178 6.58 9.14 -7.21
CA PRO A 178 5.16 8.90 -6.92
C PRO A 178 4.92 7.68 -6.00
N VAL A 179 4.17 7.95 -4.93
CA VAL A 179 3.78 7.18 -3.75
C VAL A 179 4.97 6.42 -3.10
N GLU A 180 5.10 6.61 -1.79
CA GLU A 180 5.88 5.76 -0.90
C GLU A 180 5.10 4.47 -0.64
N PHE A 181 5.75 3.49 0.00
CA PHE A 181 5.06 2.37 0.64
C PHE A 181 5.67 2.17 2.01
N HIS A 182 5.05 2.68 3.08
CA HIS A 182 5.59 2.47 4.43
C HIS A 182 5.05 1.17 5.01
N LEU A 183 5.83 0.58 5.92
CA LEU A 183 5.42 -0.49 6.82
C LEU A 183 6.41 -0.53 7.98
N ASP A 184 5.93 -0.65 9.22
CA ASP A 184 6.72 -0.94 10.42
C ASP A 184 7.78 0.11 10.77
N GLY A 185 7.66 1.31 10.19
CA GLY A 185 8.59 2.40 10.38
C GLY A 185 9.59 2.52 9.23
N GLU A 186 9.65 1.55 8.31
CA GLU A 186 10.50 1.65 7.12
C GLU A 186 9.63 1.99 5.92
N VAL A 187 10.23 2.34 4.79
CA VAL A 187 9.53 2.65 3.56
C VAL A 187 10.35 2.03 2.42
N LEU A 188 9.70 1.50 1.38
CA LEU A 188 10.32 0.56 0.44
C LEU A 188 9.84 0.85 -0.98
N SER A 189 10.64 0.46 -1.98
CA SER A 189 10.23 0.52 -3.37
C SER A 189 9.12 -0.49 -3.65
N LEU A 190 8.37 -0.23 -4.72
CA LEU A 190 7.26 -1.03 -5.20
C LEU A 190 7.59 -2.50 -5.32
N ASP A 191 8.73 -2.86 -5.89
CA ASP A 191 9.06 -4.27 -6.16
C ASP A 191 9.17 -5.03 -4.84
N LYS A 192 9.89 -4.43 -3.88
CA LYS A 192 10.08 -4.99 -2.54
C LYS A 192 8.78 -4.99 -1.75
N LEU A 193 7.97 -3.94 -1.84
CA LEU A 193 6.62 -3.93 -1.32
C LEU A 193 5.90 -5.13 -1.88
N LYS A 194 5.80 -5.29 -3.19
CA LYS A 194 4.96 -6.37 -3.69
C LYS A 194 5.51 -7.73 -3.24
N SER A 195 6.82 -7.84 -3.04
CA SER A 195 7.48 -8.99 -2.49
C SER A 195 6.94 -9.22 -1.07
N LEU A 196 6.93 -8.23 -0.17
CA LEU A 196 6.44 -8.40 1.20
C LEU A 196 4.94 -8.74 1.23
N LEU A 197 4.17 -8.29 0.24
CA LEU A 197 2.73 -8.57 0.16
C LEU A 197 2.43 -10.00 -0.31
N SER A 198 3.44 -10.80 -0.67
CA SER A 198 3.29 -12.21 -1.05
C SER A 198 2.46 -13.00 -0.05
N THR A 132 5.90 4.62 -13.01
CA THR A 132 4.51 4.21 -13.29
C THR A 132 4.11 3.02 -12.42
N SER A 133 4.89 1.93 -12.45
CA SER A 133 4.60 0.64 -11.82
C SER A 133 4.24 0.75 -10.34
N GLU A 134 4.80 1.77 -9.67
CA GLU A 134 4.55 2.13 -8.29
C GLU A 134 3.06 2.42 -8.11
N GLU A 135 2.58 3.54 -8.66
CA GLU A 135 1.19 3.96 -8.57
C GLU A 135 0.25 2.96 -9.24
N HIS A 136 0.70 2.29 -10.30
CA HIS A 136 -0.07 1.31 -11.05
C HIS A 136 -0.59 0.18 -10.14
N PHE A 137 0.25 -0.33 -9.24
CA PHE A 137 -0.15 -1.40 -8.32
C PHE A 137 -1.23 -0.92 -7.36
N VAL A 138 -1.11 0.31 -6.88
CA VAL A 138 -2.06 0.90 -5.95
C VAL A 138 -3.46 0.93 -6.59
N GLU A 139 -3.52 1.17 -7.90
CA GLU A 139 -4.75 1.07 -8.67
C GLU A 139 -5.21 -0.39 -8.70
N THR A 140 -4.35 -1.34 -9.10
CA THR A 140 -4.81 -2.71 -9.34
C THR A 140 -5.45 -3.31 -8.08
N VAL A 141 -4.89 -3.02 -6.90
CA VAL A 141 -5.48 -3.50 -5.66
C VAL A 141 -6.80 -2.78 -5.38
N SER A 142 -6.89 -1.47 -5.67
CA SER A 142 -8.12 -0.72 -5.41
C SER A 142 -9.29 -1.29 -6.21
N LEU A 143 -9.03 -1.76 -7.43
CA LEU A 143 -10.03 -2.38 -8.30
C LEU A 143 -10.36 -3.78 -7.81
N ALA A 144 -9.34 -4.53 -7.38
CA ALA A 144 -9.53 -5.88 -6.84
C ALA A 144 -10.33 -5.86 -5.53
N GLY A 145 -10.17 -4.82 -4.72
CA GLY A 145 -10.79 -4.62 -3.41
C GLY A 145 -9.99 -5.25 -2.28
N SER A 146 -9.06 -6.16 -2.58
CA SER A 146 -8.08 -6.70 -1.65
C SER A 146 -6.85 -7.18 -2.42
N TYR A 147 -5.86 -7.65 -1.69
CA TYR A 147 -4.77 -8.50 -2.12
C TYR A 147 -4.96 -9.87 -1.45
N ARG A 148 -3.92 -10.71 -1.46
CA ARG A 148 -3.93 -12.11 -1.03
C ARG A 148 -4.46 -12.24 0.39
N ASP A 149 -3.66 -11.90 1.40
CA ASP A 149 -4.03 -11.99 2.82
C ASP A 149 -4.26 -10.61 3.41
N TRP A 150 -4.17 -9.55 2.60
CA TRP A 150 -4.34 -8.16 3.00
C TRP A 150 -5.57 -7.57 2.31
N SER A 151 -6.41 -6.80 3.00
CA SER A 151 -7.49 -6.03 2.40
C SER A 151 -6.99 -4.67 1.92
N TYR A 152 -7.59 -4.15 0.84
CA TYR A 152 -7.51 -2.72 0.46
C TYR A 152 -8.23 -1.90 1.54
N SER A 153 -7.95 -0.60 1.66
CA SER A 153 -8.62 0.29 2.58
C SER A 153 -8.93 1.60 1.89
N GLY A 154 -7.95 2.49 1.92
CA GLY A 154 -7.99 3.80 1.28
C GLY A 154 -8.43 4.90 2.24
N GLN A 155 -8.28 4.74 3.57
CA GLN A 155 -8.55 5.81 4.53
C GLN A 155 -7.55 6.92 4.31
N ARG A 156 -8.01 8.12 3.93
CA ARG A 156 -7.23 9.34 4.06
C ARG A 156 -6.99 9.57 5.54
N THR A 157 -5.74 9.57 5.97
CA THR A 157 -5.34 9.88 7.32
C THR A 157 -4.34 11.03 7.29
N GLU A 158 -3.82 11.42 8.45
CA GLU A 158 -2.86 12.50 8.58
C GLU A 158 -1.53 12.17 7.92
N LEU A 159 -1.33 10.91 7.56
CA LEU A 159 -0.13 10.36 6.93
C LEU A 159 -0.27 10.30 5.41
N GLY A 160 -1.48 10.46 4.87
CA GLY A 160 -1.80 10.32 3.46
C GLY A 160 -2.88 9.28 3.36
N VAL A 161 -2.62 8.06 2.90
CA VAL A 161 -3.67 7.09 2.65
C VAL A 161 -3.23 5.69 3.12
N GLU A 162 -4.04 5.05 3.97
CA GLU A 162 -3.85 3.64 4.32
C GLU A 162 -4.01 2.81 3.04
N PHE A 163 -3.13 1.83 2.82
CA PHE A 163 -3.18 1.02 1.61
C PHE A 163 -3.70 -0.39 1.92
N LEU A 164 -2.81 -1.31 2.35
CA LEU A 164 -3.14 -2.72 2.59
C LEU A 164 -3.07 -2.97 4.08
N LYS A 165 -4.02 -3.71 4.63
CA LYS A 165 -4.13 -3.95 6.06
C LYS A 165 -4.17 -5.45 6.30
N ARG A 166 -3.36 -5.97 7.21
CA ARG A 166 -3.36 -7.38 7.57
C ARG A 166 -2.94 -7.52 9.03
N GLY A 167 -3.93 -7.69 9.90
CA GLY A 167 -3.74 -7.95 11.31
C GLY A 167 -2.93 -6.84 11.91
N ASP A 168 -1.77 -7.20 12.45
CA ASP A 168 -0.99 -6.30 13.29
C ASP A 168 -0.17 -5.28 12.49
N LYS A 169 -0.24 -5.26 11.15
CA LYS A 169 0.50 -4.32 10.31
C LYS A 169 -0.38 -3.70 9.23
N ILE A 170 -0.01 -2.49 8.78
CA ILE A 170 -0.67 -1.72 7.73
C ILE A 170 0.40 -1.07 6.84
N VAL A 171 0.27 -1.27 5.54
CA VAL A 171 1.02 -0.58 4.49
C VAL A 171 0.32 0.76 4.24
N TYR A 172 1.07 1.79 3.88
CA TYR A 172 0.58 3.13 3.55
C TYR A 172 0.94 3.49 2.11
N HIS A 173 0.29 4.51 1.54
CA HIS A 173 0.75 5.24 0.37
C HIS A 173 0.61 6.75 0.59
N THR A 174 1.61 7.53 0.17
CA THR A 174 1.58 9.00 0.28
C THR A 174 0.66 9.59 -0.79
N LEU A 175 0.52 10.92 -0.82
CA LEU A 175 -0.17 11.62 -1.89
C LEU A 175 0.80 11.78 -3.07
N GLU A 176 1.94 12.46 -2.82
CA GLU A 176 2.95 12.82 -3.82
C GLU A 176 4.14 11.85 -3.75
N SER A 177 4.81 11.72 -4.90
CA SER A 177 5.98 10.94 -5.30
C SER A 177 5.94 10.72 -6.83
N PRO A 178 4.80 10.42 -7.47
CA PRO A 178 3.52 10.00 -6.87
C PRO A 178 3.65 8.67 -6.12
N VAL A 179 3.10 8.67 -4.90
CA VAL A 179 3.08 7.67 -3.84
C VAL A 179 4.42 7.00 -3.47
N GLU A 180 4.71 6.87 -2.16
CA GLU A 180 5.75 6.01 -1.58
C GLU A 180 5.07 4.90 -0.79
N PHE A 181 5.82 3.89 -0.34
CA PHE A 181 5.27 2.71 0.32
C PHE A 181 5.88 2.52 1.71
N HIS A 182 5.25 3.08 2.73
CA HIS A 182 5.76 2.93 4.10
C HIS A 182 5.25 1.60 4.67
N LEU A 183 5.96 1.05 5.65
CA LEU A 183 5.51 -0.07 6.45
C LEU A 183 6.34 -0.10 7.74
N ASP A 184 5.65 -0.09 8.88
CA ASP A 184 6.19 -0.18 10.24
C ASP A 184 7.43 0.70 10.44
N GLY A 185 7.24 1.99 10.15
CA GLY A 185 8.26 3.02 10.33
C GLY A 185 9.33 3.04 9.25
N GLU A 186 9.34 2.11 8.29
CA GLU A 186 10.28 2.10 7.18
C GLU A 186 9.58 2.56 5.90
N VAL A 187 10.33 2.65 4.81
CA VAL A 187 9.86 2.78 3.44
C VAL A 187 10.55 1.68 2.62
N LEU A 188 9.85 1.19 1.60
CA LEU A 188 10.26 0.04 0.77
C LEU A 188 9.82 0.32 -0.65
N SER A 189 10.54 -0.17 -1.66
CA SER A 189 10.12 -0.03 -3.04
C SER A 189 8.96 -0.99 -3.35
N LEU A 190 8.17 -0.68 -4.38
CA LEU A 190 7.02 -1.45 -4.82
C LEU A 190 7.36 -2.92 -5.02
N ASP A 191 8.46 -3.20 -5.73
CA ASP A 191 8.92 -4.55 -6.01
C ASP A 191 9.10 -5.37 -4.73
N LYS A 192 9.73 -4.74 -3.74
CA LYS A 192 9.96 -5.30 -2.42
C LYS A 192 8.66 -5.45 -1.64
N LEU A 193 7.73 -4.49 -1.75
CA LEU A 193 6.41 -4.59 -1.17
C LEU A 193 5.71 -5.86 -1.69
N LYS A 194 5.63 -6.09 -3.01
CA LYS A 194 5.03 -7.30 -3.54
C LYS A 194 5.66 -8.59 -3.00
N SER A 195 6.94 -8.57 -2.63
CA SER A 195 7.59 -9.69 -1.97
C SER A 195 7.02 -9.84 -0.56
N LEU A 196 7.12 -8.82 0.29
CA LEU A 196 6.78 -8.94 1.71
C LEU A 196 5.30 -9.26 1.91
N LEU A 197 4.43 -8.79 1.02
CA LEU A 197 3.00 -9.06 1.09
C LEU A 197 2.74 -10.56 0.99
N SER A 198 3.45 -11.24 0.09
CA SER A 198 3.04 -12.47 -0.56
C SER A 198 2.49 -13.51 0.41
N THR A 132 5.60 4.41 -13.86
CA THR A 132 4.20 3.93 -13.89
C THR A 132 3.91 2.85 -12.84
N SER A 133 4.84 1.93 -12.56
CA SER A 133 4.64 0.73 -11.75
C SER A 133 4.01 0.99 -10.37
N GLU A 134 4.29 2.16 -9.80
CA GLU A 134 3.92 2.50 -8.44
C GLU A 134 2.42 2.77 -8.41
N GLU A 135 1.99 3.77 -9.17
CA GLU A 135 0.61 4.21 -9.25
C GLU A 135 -0.29 3.15 -9.91
N HIS A 136 0.30 2.30 -10.77
CA HIS A 136 -0.34 1.13 -11.35
C HIS A 136 -0.85 0.18 -10.27
N PHE A 137 0.00 -0.16 -9.29
CA PHE A 137 -0.37 -1.16 -8.28
C PHE A 137 -1.45 -0.60 -7.35
N VAL A 138 -1.36 0.69 -7.03
CA VAL A 138 -2.32 1.39 -6.21
C VAL A 138 -3.73 1.24 -6.80
N GLU A 139 -3.81 1.30 -8.12
CA GLU A 139 -5.06 1.14 -8.85
C GLU A 139 -5.45 -0.35 -8.84
N THR A 140 -4.53 -1.23 -9.23
CA THR A 140 -4.78 -2.63 -9.48
C THR A 140 -5.36 -3.38 -8.25
N VAL A 141 -4.94 -3.05 -7.04
CA VAL A 141 -5.56 -3.64 -5.85
C VAL A 141 -6.94 -3.02 -5.61
N SER A 142 -7.13 -1.71 -5.81
CA SER A 142 -8.43 -1.07 -5.61
C SER A 142 -9.48 -1.66 -6.57
N LEU A 143 -9.06 -2.01 -7.79
CA LEU A 143 -9.85 -2.71 -8.80
C LEU A 143 -10.37 -4.03 -8.22
N ALA A 144 -9.47 -4.83 -7.64
CA ALA A 144 -9.80 -6.16 -7.14
C ALA A 144 -10.48 -6.14 -5.76
N GLY A 145 -10.25 -5.10 -4.96
CA GLY A 145 -10.77 -4.93 -3.61
C GLY A 145 -9.90 -5.53 -2.52
N SER A 146 -8.90 -6.37 -2.82
CA SER A 146 -7.98 -6.95 -1.85
C SER A 146 -6.77 -7.55 -2.56
N TYR A 147 -5.91 -8.21 -1.79
CA TYR A 147 -4.76 -9.01 -2.17
C TYR A 147 -4.74 -10.27 -1.29
N ARG A 148 -3.69 -11.11 -1.37
CA ARG A 148 -3.67 -12.49 -0.85
C ARG A 148 -4.27 -12.61 0.56
N ASP A 149 -3.62 -11.96 1.53
CA ASP A 149 -4.01 -11.92 2.94
C ASP A 149 -4.50 -10.53 3.34
N TRP A 150 -4.39 -9.55 2.44
CA TRP A 150 -4.57 -8.15 2.77
C TRP A 150 -5.84 -7.58 2.13
N SER A 151 -6.78 -7.06 2.91
CA SER A 151 -7.91 -6.29 2.44
C SER A 151 -7.49 -4.87 2.06
N TYR A 152 -8.02 -4.32 0.96
CA TYR A 152 -7.86 -2.91 0.59
C TYR A 152 -8.64 -2.01 1.57
N SER A 153 -8.23 -0.75 1.79
CA SER A 153 -8.92 0.20 2.66
C SER A 153 -9.13 1.56 2.02
N GLY A 154 -8.11 2.42 2.12
CA GLY A 154 -8.04 3.76 1.52
C GLY A 154 -8.38 4.92 2.47
N GLN A 155 -8.37 4.72 3.79
CA GLN A 155 -8.49 5.80 4.77
C GLN A 155 -7.33 6.75 4.56
N ARG A 156 -7.60 7.99 4.18
CA ARG A 156 -6.67 9.09 4.29
C ARG A 156 -6.40 9.34 5.78
N THR A 157 -5.14 9.29 6.18
CA THR A 157 -4.68 9.39 7.56
C THR A 157 -3.61 10.49 7.63
N GLU A 158 -3.05 10.77 8.80
CA GLU A 158 -1.96 11.73 8.92
C GLU A 158 -0.68 11.26 8.22
N LEU A 159 -0.49 9.94 8.14
CA LEU A 159 0.62 9.34 7.43
C LEU A 159 0.53 9.71 5.95
N GLY A 160 -0.69 9.79 5.43
CA GLY A 160 -1.03 10.03 4.04
C GLY A 160 -2.32 9.26 3.83
N VAL A 161 -2.22 7.97 3.54
CA VAL A 161 -3.36 7.15 3.20
C VAL A 161 -2.99 5.67 3.32
N GLU A 162 -3.86 4.91 3.98
CA GLU A 162 -3.75 3.46 4.08
C GLU A 162 -3.95 2.83 2.70
N PHE A 163 -3.53 1.58 2.54
CA PHE A 163 -3.69 0.87 1.30
C PHE A 163 -4.23 -0.54 1.51
N LEU A 164 -3.43 -1.39 2.15
CA LEU A 164 -3.70 -2.81 2.36
C LEU A 164 -3.57 -3.06 3.86
N LYS A 165 -4.46 -3.88 4.42
CA LYS A 165 -4.54 -4.19 5.85
C LYS A 165 -4.61 -5.70 6.00
N ARG A 166 -3.93 -6.31 6.97
CA ARG A 166 -3.90 -7.78 7.12
C ARG A 166 -4.11 -8.25 8.58
N GLY A 167 -3.93 -7.40 9.58
CA GLY A 167 -4.21 -7.77 10.96
C GLY A 167 -3.44 -6.97 11.97
N ASP A 168 -2.11 -7.06 11.89
CA ASP A 168 -1.19 -6.43 12.83
C ASP A 168 -0.31 -5.42 12.14
N LYS A 169 -0.49 -5.26 10.82
CA LYS A 169 0.19 -4.28 9.98
C LYS A 169 -0.76 -3.71 8.95
N ILE A 170 -0.42 -2.49 8.52
CA ILE A 170 -1.12 -1.76 7.48
C ILE A 170 -0.02 -1.23 6.55
N VAL A 171 -0.26 -1.34 5.25
CA VAL A 171 0.52 -0.74 4.18
C VAL A 171 -0.03 0.64 3.94
N TYR A 172 0.83 1.61 3.63
CA TYR A 172 0.45 2.98 3.30
C TYR A 172 1.03 3.33 1.94
N HIS A 173 0.43 4.31 1.25
CA HIS A 173 1.06 5.03 0.15
C HIS A 173 1.16 6.49 0.54
N THR A 174 2.13 7.20 -0.01
CA THR A 174 2.13 8.65 0.08
C THR A 174 1.23 9.19 -1.04
N LEU A 175 0.98 10.49 -0.96
CA LEU A 175 0.31 11.28 -1.98
C LEU A 175 1.29 11.62 -3.12
N GLU A 176 2.58 11.64 -2.81
CA GLU A 176 3.65 12.30 -3.56
C GLU A 176 4.92 11.45 -3.51
N SER A 177 5.66 11.41 -4.61
CA SER A 177 6.85 10.63 -4.96
C SER A 177 7.01 10.70 -6.48
N PRO A 178 5.96 10.47 -7.31
CA PRO A 178 4.59 10.04 -6.95
C PRO A 178 4.53 8.61 -6.41
N VAL A 179 3.76 8.41 -5.34
CA VAL A 179 3.52 7.12 -4.67
C VAL A 179 4.82 6.44 -4.19
N GLU A 180 5.24 6.86 -3.00
CA GLU A 180 6.10 6.11 -2.09
C GLU A 180 5.19 5.12 -1.36
N PHE A 181 5.81 4.17 -0.67
CA PHE A 181 5.17 3.10 0.08
C PHE A 181 5.87 3.06 1.42
N HIS A 182 5.09 3.21 2.47
CA HIS A 182 5.58 3.21 3.83
C HIS A 182 4.93 2.02 4.53
N LEU A 183 5.59 1.54 5.58
CA LEU A 183 5.15 0.43 6.40
C LEU A 183 5.72 0.64 7.79
N ASP A 184 4.83 0.87 8.76
CA ASP A 184 5.12 0.90 10.18
C ASP A 184 6.38 1.69 10.54
N GLY A 185 6.47 2.92 10.04
CA GLY A 185 7.54 3.85 10.35
C GLY A 185 8.76 3.66 9.45
N GLU A 186 8.67 2.87 8.39
CA GLU A 186 9.73 2.62 7.41
C GLU A 186 9.18 2.82 5.99
N VAL A 187 10.03 2.71 4.96
CA VAL A 187 9.73 3.04 3.56
C VAL A 187 10.42 2.03 2.63
N LEU A 188 9.75 1.60 1.55
CA LEU A 188 10.23 0.55 0.64
C LEU A 188 9.79 0.80 -0.79
N SER A 189 10.51 0.26 -1.78
CA SER A 189 10.12 0.27 -3.17
C SER A 189 8.93 -0.65 -3.42
N LEU A 190 8.20 -0.37 -4.50
CA LEU A 190 7.01 -1.09 -4.94
C LEU A 190 7.29 -2.56 -5.18
N ASP A 191 8.38 -2.87 -5.88
CA ASP A 191 8.69 -4.27 -6.18
C ASP A 191 8.92 -5.07 -4.88
N LYS A 192 9.57 -4.45 -3.89
CA LYS A 192 9.73 -5.06 -2.57
C LYS A 192 8.40 -5.14 -1.82
N LEU A 193 7.47 -4.20 -2.04
CA LEU A 193 6.13 -4.26 -1.48
C LEU A 193 5.44 -5.53 -1.96
N LYS A 194 5.40 -5.80 -3.26
CA LYS A 194 4.79 -7.04 -3.79
C LYS A 194 5.43 -8.29 -3.17
N SER A 195 6.72 -8.26 -2.86
CA SER A 195 7.39 -9.34 -2.17
C SER A 195 6.86 -9.44 -0.74
N LEU A 196 6.91 -8.35 0.04
CA LEU A 196 6.61 -8.39 1.47
C LEU A 196 5.14 -8.69 1.74
N LEU A 197 4.24 -8.34 0.82
CA LEU A 197 2.82 -8.65 0.94
C LEU A 197 2.59 -10.16 0.92
N SER A 198 3.53 -10.96 0.39
CA SER A 198 3.38 -12.42 0.37
C SER A 198 3.10 -12.93 1.77
N THR A 132 4.60 5.77 -13.45
CA THR A 132 3.25 5.17 -13.40
C THR A 132 3.19 3.88 -12.58
N SER A 133 4.18 2.98 -12.66
CA SER A 133 4.04 1.63 -12.12
C SER A 133 3.73 1.57 -10.61
N GLU A 134 4.21 2.54 -9.83
CA GLU A 134 3.83 2.73 -8.45
C GLU A 134 2.30 2.84 -8.37
N GLU A 135 1.76 3.86 -9.03
CA GLU A 135 0.38 4.31 -9.01
C GLU A 135 -0.56 3.23 -9.56
N HIS A 136 -0.13 2.54 -10.61
CA HIS A 136 -0.84 1.45 -11.25
C HIS A 136 -1.19 0.36 -10.24
N PHE A 137 -0.22 -0.06 -9.45
CA PHE A 137 -0.39 -1.21 -8.58
C PHE A 137 -1.46 -0.93 -7.52
N VAL A 138 -1.48 0.30 -7.03
CA VAL A 138 -2.49 0.79 -6.09
C VAL A 138 -3.89 0.52 -6.67
N GLU A 139 -4.08 0.82 -7.95
CA GLU A 139 -5.35 0.68 -8.64
C GLU A 139 -5.75 -0.79 -8.70
N THR A 140 -4.82 -1.68 -9.06
CA THR A 140 -5.10 -3.10 -9.27
C THR A 140 -5.75 -3.74 -8.04
N VAL A 141 -5.31 -3.33 -6.84
CA VAL A 141 -5.92 -3.80 -5.59
C VAL A 141 -7.30 -3.17 -5.45
N SER A 142 -7.45 -1.87 -5.66
CA SER A 142 -8.70 -1.16 -5.42
C SER A 142 -9.87 -1.66 -6.30
N LEU A 143 -9.55 -2.24 -7.47
CA LEU A 143 -10.53 -2.87 -8.36
C LEU A 143 -11.03 -4.19 -7.75
N ALA A 144 -10.11 -5.00 -7.23
CA ALA A 144 -10.38 -6.32 -6.67
C ALA A 144 -11.08 -6.18 -5.32
N GLY A 145 -10.40 -5.57 -4.35
CA GLY A 145 -10.87 -5.35 -3.00
C GLY A 145 -9.93 -5.85 -1.91
N SER A 146 -8.96 -6.69 -2.26
CA SER A 146 -7.97 -7.27 -1.35
C SER A 146 -6.77 -7.80 -2.17
N TYR A 147 -5.90 -8.57 -1.53
CA TYR A 147 -4.63 -9.10 -2.01
C TYR A 147 -4.47 -10.55 -1.53
N ARG A 148 -3.25 -11.09 -1.58
CA ARG A 148 -2.95 -12.49 -1.27
C ARG A 148 -3.48 -12.92 0.10
N ASP A 149 -3.04 -12.24 1.16
CA ASP A 149 -3.50 -12.45 2.54
C ASP A 149 -4.05 -11.15 3.14
N TRP A 150 -3.80 -10.01 2.48
CA TRP A 150 -4.12 -8.68 2.99
C TRP A 150 -5.41 -8.17 2.36
N SER A 151 -6.06 -7.20 3.00
CA SER A 151 -7.33 -6.59 2.66
C SER A 151 -7.16 -5.11 2.35
N TYR A 152 -7.91 -4.57 1.38
CA TYR A 152 -7.88 -3.13 1.07
C TYR A 152 -8.64 -2.32 2.15
N SER A 153 -8.69 -0.99 2.03
CA SER A 153 -9.23 -0.08 3.04
C SER A 153 -9.89 1.14 2.37
N GLY A 154 -9.10 2.17 2.07
CA GLY A 154 -9.44 3.46 1.51
C GLY A 154 -9.28 4.64 2.47
N GLN A 155 -8.77 4.50 3.71
CA GLN A 155 -8.82 5.60 4.68
C GLN A 155 -7.86 6.68 4.22
N ARG A 156 -8.37 7.86 3.88
CA ARG A 156 -7.56 8.99 3.43
C ARG A 156 -7.03 9.75 4.65
N THR A 157 -5.89 9.33 5.19
CA THR A 157 -5.33 9.89 6.41
C THR A 157 -4.55 11.19 6.14
N GLU A 158 -3.94 11.79 7.17
CA GLU A 158 -3.01 12.90 6.99
C GLU A 158 -1.72 12.47 6.28
N LEU A 159 -1.30 11.21 6.47
CA LEU A 159 -0.10 10.65 5.83
C LEU A 159 -0.35 10.37 4.35
N GLY A 160 -1.58 10.53 3.90
CA GLY A 160 -1.98 10.25 2.55
C GLY A 160 -3.18 9.37 2.65
N VAL A 161 -2.96 8.06 2.69
CA VAL A 161 -4.01 7.07 2.60
C VAL A 161 -3.43 5.73 3.01
N GLU A 162 -4.24 4.89 3.65
CA GLU A 162 -3.86 3.51 3.99
C GLU A 162 -3.72 2.70 2.68
N PHE A 163 -3.36 1.43 2.74
CA PHE A 163 -3.43 0.60 1.53
C PHE A 163 -3.94 -0.78 1.84
N LEU A 164 -3.05 -1.69 2.26
CA LEU A 164 -3.40 -3.07 2.57
C LEU A 164 -3.23 -3.28 4.06
N LYS A 165 -4.12 -4.08 4.66
CA LYS A 165 -4.15 -4.34 6.09
C LYS A 165 -4.37 -5.83 6.25
N ARG A 166 -3.69 -6.50 7.19
CA ARG A 166 -3.87 -7.94 7.36
C ARG A 166 -3.99 -8.38 8.82
N GLY A 167 -4.19 -7.42 9.72
CA GLY A 167 -4.00 -7.64 11.14
C GLY A 167 -2.55 -7.35 11.48
N ASP A 168 -2.39 -6.67 12.62
CA ASP A 168 -1.17 -6.14 13.24
C ASP A 168 -0.29 -5.24 12.37
N LYS A 169 -0.41 -5.28 11.04
CA LYS A 169 0.36 -4.46 10.11
C LYS A 169 -0.59 -3.79 9.12
N ILE A 170 -0.26 -2.54 8.80
CA ILE A 170 -0.90 -1.70 7.79
C ILE A 170 0.21 -1.19 6.89
N VAL A 171 -0.02 -1.28 5.59
CA VAL A 171 0.74 -0.59 4.55
C VAL A 171 0.07 0.77 4.32
N TYR A 172 0.86 1.82 4.11
CA TYR A 172 0.39 3.17 3.75
C TYR A 172 0.83 3.54 2.34
N HIS A 173 0.23 4.56 1.73
CA HIS A 173 0.85 5.31 0.65
C HIS A 173 0.57 6.81 0.78
N THR A 174 1.50 7.59 0.24
CA THR A 174 1.40 9.04 0.14
C THR A 174 0.74 9.42 -1.18
N LEU A 175 0.89 10.69 -1.56
CA LEU A 175 0.41 11.31 -2.78
C LEU A 175 1.57 11.69 -3.70
N GLU A 176 2.79 11.84 -3.18
CA GLU A 176 3.99 12.31 -3.90
C GLU A 176 5.16 11.34 -3.68
N SER A 177 5.85 10.96 -4.77
CA SER A 177 6.91 9.96 -4.93
C SER A 177 7.04 9.45 -6.38
N PRO A 178 5.95 9.34 -7.17
CA PRO A 178 4.57 9.28 -6.74
C PRO A 178 4.34 8.07 -5.85
N VAL A 179 3.66 8.35 -4.74
CA VAL A 179 3.27 7.56 -3.59
C VAL A 179 4.43 6.67 -3.05
N GLU A 180 4.80 6.90 -1.80
CA GLU A 180 5.77 6.08 -1.09
C GLU A 180 5.04 4.87 -0.50
N PHE A 181 5.77 3.88 0.03
CA PHE A 181 5.19 2.67 0.60
C PHE A 181 5.85 2.46 1.96
N HIS A 182 5.29 3.03 3.03
CA HIS A 182 5.75 2.69 4.37
C HIS A 182 5.02 1.41 4.79
N LEU A 183 5.68 0.59 5.60
CA LEU A 183 5.19 -0.60 6.25
C LEU A 183 6.08 -0.82 7.46
N ASP A 184 5.51 -1.08 8.64
CA ASP A 184 6.24 -1.69 9.76
C ASP A 184 7.46 -0.84 10.15
N GLY A 185 7.24 0.47 10.23
CA GLY A 185 8.25 1.44 10.64
C GLY A 185 9.32 1.70 9.59
N GLU A 186 9.26 1.04 8.43
CA GLU A 186 10.21 1.14 7.34
C GLU A 186 9.52 1.66 6.08
N VAL A 187 10.29 1.88 5.03
CA VAL A 187 9.85 2.34 3.72
C VAL A 187 10.49 1.42 2.71
N LEU A 188 9.75 1.10 1.66
CA LEU A 188 10.15 0.13 0.65
C LEU A 188 9.79 0.69 -0.72
N SER A 189 10.42 0.19 -1.78
CA SER A 189 9.99 0.50 -3.14
C SER A 189 8.83 -0.40 -3.52
N LEU A 190 8.13 -0.10 -4.63
CA LEU A 190 7.04 -0.88 -5.20
C LEU A 190 7.36 -2.37 -5.24
N ASP A 191 8.51 -2.71 -5.83
CA ASP A 191 8.87 -4.10 -6.06
C ASP A 191 9.11 -4.81 -4.72
N LYS A 192 9.93 -4.21 -3.86
CA LYS A 192 10.28 -4.71 -2.54
C LYS A 192 9.03 -4.83 -1.65
N LEU A 193 8.14 -3.84 -1.67
CA LEU A 193 6.83 -3.91 -1.06
C LEU A 193 6.14 -5.14 -1.56
N LYS A 194 5.89 -5.27 -2.87
CA LYS A 194 5.08 -6.38 -3.32
C LYS A 194 5.73 -7.72 -2.94
N SER A 195 7.06 -7.76 -2.88
CA SER A 195 7.84 -8.93 -2.50
C SER A 195 7.46 -9.39 -1.10
N LEU A 196 7.18 -8.47 -0.17
CA LEU A 196 6.82 -8.82 1.19
C LEU A 196 5.39 -9.34 1.26
N LEU A 197 4.47 -8.75 0.46
CA LEU A 197 3.02 -9.03 0.46
C LEU A 197 2.67 -10.41 -0.12
N SER A 198 3.69 -11.12 -0.56
CA SER A 198 3.68 -12.50 -1.04
C SER A 198 3.04 -13.47 -0.05
N THR A 132 4.76 5.50 -12.70
CA THR A 132 3.44 4.91 -12.99
C THR A 132 3.25 3.55 -12.30
N SER A 133 4.25 2.67 -12.31
CA SER A 133 4.13 1.30 -11.78
C SER A 133 3.63 1.27 -10.34
N GLU A 134 3.93 2.35 -9.62
CA GLU A 134 3.57 2.64 -8.25
C GLU A 134 2.05 2.70 -8.13
N GLU A 135 1.41 3.74 -8.69
CA GLU A 135 -0.04 3.88 -8.56
C GLU A 135 -0.78 2.84 -9.40
N HIS A 136 -0.15 2.27 -10.43
CA HIS A 136 -0.70 1.17 -11.21
C HIS A 136 -1.00 -0.01 -10.29
N PHE A 137 -0.07 -0.38 -9.41
CA PHE A 137 -0.31 -1.48 -8.49
C PHE A 137 -1.42 -1.12 -7.50
N VAL A 138 -1.39 0.09 -6.96
CA VAL A 138 -2.40 0.59 -6.03
C VAL A 138 -3.78 0.48 -6.68
N GLU A 139 -3.89 0.85 -7.95
CA GLU A 139 -5.07 0.71 -8.79
C GLU A 139 -5.45 -0.77 -8.91
N THR A 140 -4.53 -1.69 -9.21
CA THR A 140 -4.90 -3.10 -9.35
C THR A 140 -5.49 -3.66 -8.04
N VAL A 141 -4.97 -3.22 -6.89
CA VAL A 141 -5.47 -3.64 -5.59
C VAL A 141 -6.84 -2.99 -5.34
N SER A 142 -7.04 -1.72 -5.68
CA SER A 142 -8.30 -1.04 -5.43
C SER A 142 -9.42 -1.63 -6.30
N LEU A 143 -9.12 -1.89 -7.58
CA LEU A 143 -10.02 -2.51 -8.55
C LEU A 143 -10.49 -3.86 -8.02
N ALA A 144 -9.58 -4.67 -7.48
CA ALA A 144 -9.92 -5.95 -6.88
C ALA A 144 -10.78 -5.78 -5.64
N GLY A 145 -10.29 -4.97 -4.69
CA GLY A 145 -10.91 -4.70 -3.40
C GLY A 145 -10.20 -5.41 -2.25
N SER A 146 -9.20 -6.26 -2.51
CA SER A 146 -8.23 -6.81 -1.55
C SER A 146 -7.08 -7.41 -2.37
N TYR A 147 -6.16 -8.10 -1.71
CA TYR A 147 -4.99 -8.76 -2.25
C TYR A 147 -4.91 -10.20 -1.72
N ARG A 148 -3.76 -10.88 -1.85
CA ARG A 148 -3.58 -12.29 -1.48
C ARG A 148 -4.17 -12.63 -0.12
N ASP A 149 -3.78 -11.84 0.88
CA ASP A 149 -4.03 -12.08 2.30
C ASP A 149 -4.30 -10.77 3.05
N TRP A 150 -4.21 -9.64 2.33
CA TRP A 150 -4.37 -8.30 2.85
C TRP A 150 -5.59 -7.63 2.21
N SER A 151 -6.39 -6.99 3.06
CA SER A 151 -7.56 -6.21 2.76
C SER A 151 -7.13 -4.86 2.16
N TYR A 152 -7.94 -4.29 1.26
CA TYR A 152 -7.81 -2.91 0.81
C TYR A 152 -8.30 -1.97 1.92
N SER A 153 -8.03 -0.67 1.82
CA SER A 153 -8.56 0.36 2.67
C SER A 153 -8.82 1.61 1.85
N GLY A 154 -7.77 2.38 1.64
CA GLY A 154 -7.76 3.64 0.91
C GLY A 154 -8.23 4.82 1.77
N GLN A 155 -8.18 4.67 3.10
CA GLN A 155 -8.48 5.70 4.07
C GLN A 155 -7.47 6.83 3.90
N ARG A 156 -7.89 8.01 3.49
CA ARG A 156 -7.03 9.19 3.60
C ARG A 156 -6.92 9.55 5.06
N THR A 157 -5.70 9.63 5.55
CA THR A 157 -5.38 9.94 6.94
C THR A 157 -4.53 11.20 6.95
N GLU A 158 -4.23 11.74 8.13
CA GLU A 158 -3.43 12.94 8.29
C GLU A 158 -2.01 12.77 7.74
N LEU A 159 -1.53 11.53 7.62
CA LEU A 159 -0.26 11.18 6.99
C LEU A 159 -0.42 11.22 5.47
N GLY A 160 -1.40 10.49 4.94
CA GLY A 160 -1.51 10.25 3.52
C GLY A 160 -2.68 9.34 3.32
N VAL A 161 -2.44 8.05 3.05
CA VAL A 161 -3.52 7.10 2.81
C VAL A 161 -3.08 5.69 3.21
N GLU A 162 -3.95 4.97 3.91
CA GLU A 162 -3.77 3.55 4.26
C GLU A 162 -3.81 2.76 2.94
N PHE A 163 -3.00 1.69 2.82
CA PHE A 163 -3.00 0.87 1.63
C PHE A 163 -3.50 -0.55 1.93
N LEU A 164 -2.65 -1.47 2.38
CA LEU A 164 -3.00 -2.87 2.64
C LEU A 164 -3.01 -3.10 4.14
N LYS A 165 -4.03 -3.79 4.64
CA LYS A 165 -4.19 -4.14 6.05
C LYS A 165 -4.26 -5.64 6.18
N ARG A 166 -3.89 -6.20 7.34
CA ARG A 166 -4.12 -7.63 7.61
C ARG A 166 -4.37 -7.93 9.10
N GLY A 167 -4.06 -7.02 10.02
CA GLY A 167 -4.07 -7.32 11.44
C GLY A 167 -3.21 -6.26 12.11
N ASP A 168 -2.27 -6.69 12.94
CA ASP A 168 -1.28 -5.85 13.65
C ASP A 168 -0.65 -4.79 12.76
N LYS A 169 -0.46 -5.08 11.47
CA LYS A 169 0.30 -4.25 10.55
C LYS A 169 -0.57 -3.69 9.43
N ILE A 170 -0.19 -2.49 9.01
CA ILE A 170 -0.80 -1.75 7.91
C ILE A 170 0.35 -1.16 7.09
N VAL A 171 0.26 -1.37 5.79
CA VAL A 171 1.04 -0.70 4.75
C VAL A 171 0.38 0.66 4.50
N TYR A 172 1.16 1.74 4.41
CA TYR A 172 0.68 3.09 4.10
C TYR A 172 1.34 3.55 2.80
N HIS A 173 0.61 4.25 1.93
CA HIS A 173 1.16 4.88 0.74
C HIS A 173 1.08 6.41 0.91
N THR A 174 2.01 7.16 0.30
CA THR A 174 1.94 8.62 0.32
C THR A 174 1.02 9.10 -0.81
N LEU A 175 1.01 10.42 -1.04
CA LEU A 175 0.42 11.03 -2.21
C LEU A 175 1.51 11.18 -3.27
N GLU A 176 2.57 11.95 -2.98
CA GLU A 176 3.55 12.32 -3.98
C GLU A 176 4.80 11.43 -3.90
N SER A 177 5.36 11.15 -5.09
CA SER A 177 6.46 10.24 -5.41
C SER A 177 6.40 9.83 -6.90
N PRO A 178 5.22 9.63 -7.54
CA PRO A 178 3.94 9.31 -6.91
C PRO A 178 4.05 8.04 -6.07
N VAL A 179 3.46 8.13 -4.88
CA VAL A 179 3.39 7.23 -3.73
C VAL A 179 4.73 6.55 -3.36
N GLU A 180 5.12 6.72 -2.11
CA GLU A 180 6.06 5.88 -1.39
C GLU A 180 5.30 4.72 -0.78
N PHE A 181 6.03 3.75 -0.23
CA PHE A 181 5.46 2.57 0.40
C PHE A 181 6.11 2.40 1.76
N HIS A 182 5.42 2.84 2.81
CA HIS A 182 5.87 2.72 4.17
C HIS A 182 5.24 1.45 4.77
N LEU A 183 5.89 0.84 5.76
CA LEU A 183 5.33 -0.25 6.57
C LEU A 183 6.07 -0.23 7.90
N ASP A 184 5.36 0.14 8.95
CA ASP A 184 5.80 0.06 10.33
C ASP A 184 7.20 0.60 10.56
N GLY A 185 7.38 1.87 10.18
CA GLY A 185 8.63 2.61 10.37
C GLY A 185 9.68 2.28 9.31
N GLU A 186 9.38 1.43 8.33
CA GLU A 186 10.24 1.15 7.19
C GLU A 186 9.65 1.85 5.96
N VAL A 187 10.42 1.97 4.89
CA VAL A 187 10.06 2.55 3.60
C VAL A 187 10.70 1.65 2.54
N LEU A 188 9.98 1.31 1.47
CA LEU A 188 10.35 0.28 0.49
C LEU A 188 9.90 0.71 -0.89
N SER A 189 10.46 0.12 -1.95
CA SER A 189 10.01 0.36 -3.31
C SER A 189 8.73 -0.43 -3.61
N LEU A 190 8.03 -0.07 -4.69
CA LEU A 190 6.84 -0.76 -5.20
C LEU A 190 7.10 -2.26 -5.36
N ASP A 191 8.09 -2.62 -6.16
CA ASP A 191 8.36 -4.02 -6.51
C ASP A 191 8.74 -4.88 -5.32
N LYS A 192 9.38 -4.20 -4.37
CA LYS A 192 9.76 -4.70 -3.06
C LYS A 192 8.54 -4.91 -2.18
N LEU A 193 7.60 -3.94 -2.17
CA LEU A 193 6.36 -4.01 -1.41
C LEU A 193 5.62 -5.31 -1.74
N LYS A 194 5.41 -5.69 -3.01
CA LYS A 194 4.75 -6.94 -3.40
C LYS A 194 5.27 -8.19 -2.65
N SER A 195 6.50 -8.17 -2.17
CA SER A 195 7.12 -9.27 -1.46
C SER A 195 6.68 -9.28 0.01
N LEU A 196 6.32 -8.14 0.60
CA LEU A 196 5.74 -8.08 1.94
C LEU A 196 4.39 -8.77 1.92
N LEU A 197 3.55 -8.50 0.92
CA LEU A 197 2.26 -9.12 0.83
C LEU A 197 2.29 -10.61 0.50
N SER A 198 3.44 -11.12 0.05
CA SER A 198 3.61 -12.53 -0.21
C SER A 198 3.70 -13.24 1.14
N THR A 132 5.70 4.11 -13.25
CA THR A 132 4.27 3.90 -13.53
C THR A 132 3.76 2.65 -12.80
N SER A 133 4.56 1.58 -12.81
CA SER A 133 4.36 0.31 -12.11
C SER A 133 3.89 0.54 -10.67
N GLU A 134 4.51 1.52 -10.01
CA GLU A 134 4.31 1.92 -8.63
C GLU A 134 2.85 2.31 -8.43
N GLU A 135 2.42 3.39 -9.09
CA GLU A 135 1.11 3.97 -8.92
C GLU A 135 0.02 3.08 -9.56
N HIS A 136 0.41 2.26 -10.54
CA HIS A 136 -0.45 1.28 -11.18
C HIS A 136 -0.81 0.17 -10.19
N PHE A 137 0.15 -0.33 -9.42
CA PHE A 137 -0.12 -1.38 -8.44
C PHE A 137 -1.14 -0.89 -7.41
N VAL A 138 -1.02 0.37 -6.99
CA VAL A 138 -1.98 0.98 -6.07
C VAL A 138 -3.41 0.82 -6.62
N GLU A 139 -3.58 1.12 -7.92
CA GLU A 139 -4.86 0.99 -8.60
C GLU A 139 -5.28 -0.47 -8.74
N THR A 140 -4.34 -1.37 -9.02
CA THR A 140 -4.66 -2.78 -9.24
C THR A 140 -5.35 -3.38 -8.01
N VAL A 141 -4.90 -3.02 -6.81
CA VAL A 141 -5.54 -3.51 -5.59
C VAL A 141 -6.90 -2.83 -5.41
N SER A 142 -7.08 -1.56 -5.81
CA SER A 142 -8.38 -0.92 -5.69
C SER A 142 -9.40 -1.59 -6.63
N LEU A 143 -8.94 -2.09 -7.79
CA LEU A 143 -9.72 -2.93 -8.71
C LEU A 143 -10.00 -4.30 -8.11
N ALA A 144 -9.05 -4.90 -7.37
CA ALA A 144 -9.21 -6.22 -6.78
C ALA A 144 -10.20 -6.19 -5.61
N GLY A 145 -9.94 -5.30 -4.64
CA GLY A 145 -10.67 -5.17 -3.40
C GLY A 145 -9.97 -5.85 -2.21
N SER A 146 -8.99 -6.72 -2.45
CA SER A 146 -7.95 -7.16 -1.51
C SER A 146 -6.78 -7.73 -2.31
N TYR A 147 -5.63 -7.90 -1.66
CA TYR A 147 -4.52 -8.73 -2.12
C TYR A 147 -4.63 -10.12 -1.49
N ARG A 148 -3.59 -10.96 -1.61
CA ARG A 148 -3.58 -12.35 -1.14
C ARG A 148 -4.13 -12.49 0.26
N ASP A 149 -3.41 -11.93 1.25
CA ASP A 149 -3.76 -12.04 2.67
C ASP A 149 -4.06 -10.68 3.29
N TRP A 150 -4.01 -9.62 2.48
CA TRP A 150 -4.18 -8.24 2.91
C TRP A 150 -5.48 -7.65 2.36
N SER A 151 -6.31 -7.05 3.19
CA SER A 151 -7.50 -6.31 2.80
C SER A 151 -7.09 -4.96 2.21
N TYR A 152 -7.83 -4.48 1.21
CA TYR A 152 -7.85 -3.06 0.83
C TYR A 152 -8.52 -2.25 1.95
N SER A 153 -8.21 -0.95 2.12
CA SER A 153 -8.98 -0.01 2.93
C SER A 153 -8.97 1.40 2.30
N GLY A 154 -7.81 2.03 2.11
CA GLY A 154 -7.77 3.29 1.37
C GLY A 154 -8.08 4.54 2.21
N GLN A 155 -8.09 4.46 3.54
CA GLN A 155 -8.46 5.55 4.42
C GLN A 155 -7.55 6.75 4.15
N ARG A 156 -8.17 7.89 3.89
CA ARG A 156 -7.52 9.17 3.70
C ARG A 156 -7.37 9.81 5.06
N THR A 157 -6.19 9.66 5.65
CA THR A 157 -5.86 10.12 6.99
C THR A 157 -4.97 11.36 6.88
N GLU A 158 -4.63 11.97 8.01
CA GLU A 158 -3.65 13.05 8.01
C GLU A 158 -2.26 12.55 7.59
N LEU A 159 -2.00 11.25 7.77
CA LEU A 159 -0.79 10.56 7.34
C LEU A 159 -0.71 10.41 5.82
N GLY A 160 -1.79 10.67 5.08
CA GLY A 160 -1.84 10.53 3.63
C GLY A 160 -2.96 9.56 3.31
N VAL A 161 -2.63 8.41 2.73
CA VAL A 161 -3.59 7.40 2.38
C VAL A 161 -3.05 6.07 2.89
N GLU A 162 -3.80 5.45 3.80
CA GLU A 162 -3.67 4.04 4.13
C GLU A 162 -3.93 3.23 2.87
N PHE A 163 -3.28 2.09 2.70
CA PHE A 163 -3.50 1.26 1.53
C PHE A 163 -4.04 -0.10 1.99
N LEU A 164 -3.17 -1.06 2.33
CA LEU A 164 -3.56 -2.42 2.70
C LEU A 164 -3.42 -2.58 4.19
N LYS A 165 -4.14 -3.56 4.72
CA LYS A 165 -4.03 -4.01 6.09
C LYS A 165 -3.86 -5.52 6.10
N ARG A 166 -3.17 -6.06 7.10
CA ARG A 166 -3.16 -7.48 7.41
C ARG A 166 -2.79 -7.59 8.87
N GLY A 167 -3.76 -7.87 9.73
CA GLY A 167 -3.54 -7.92 11.16
C GLY A 167 -3.05 -6.56 11.63
N ASP A 168 -1.92 -6.55 12.33
CA ASP A 168 -1.37 -5.34 12.94
C ASP A 168 -0.54 -4.53 11.96
N LYS A 169 -0.33 -4.98 10.72
CA LYS A 169 0.47 -4.22 9.75
C LYS A 169 -0.42 -3.51 8.76
N ILE A 170 0.07 -2.37 8.27
CA ILE A 170 -0.62 -1.46 7.37
C ILE A 170 0.41 -0.87 6.41
N VAL A 171 0.12 -0.97 5.12
CA VAL A 171 0.82 -0.27 4.03
C VAL A 171 0.21 1.13 3.87
N TYR A 172 0.98 2.11 3.40
CA TYR A 172 0.51 3.45 3.02
C TYR A 172 0.99 3.78 1.59
N HIS A 173 0.47 4.87 0.99
CA HIS A 173 0.89 5.35 -0.32
C HIS A 173 0.90 6.89 -0.49
N THR A 174 1.16 7.58 0.62
CA THR A 174 1.26 9.04 0.76
C THR A 174 0.11 9.79 0.06
N LEU A 175 0.30 11.09 -0.15
CA LEU A 175 -0.33 11.82 -1.25
C LEU A 175 0.69 12.04 -2.37
N GLU A 176 1.95 12.27 -2.01
CA GLU A 176 2.98 12.82 -2.89
C GLU A 176 4.33 12.13 -2.65
N SER A 177 5.15 12.15 -3.70
CA SER A 177 6.39 11.43 -3.91
C SER A 177 6.74 11.48 -5.41
N PRO A 178 5.80 11.21 -6.36
CA PRO A 178 4.43 10.72 -6.18
C PRO A 178 4.36 9.27 -5.68
N VAL A 179 3.52 9.08 -4.66
CA VAL A 179 3.26 7.91 -3.80
C VAL A 179 4.51 7.19 -3.26
N GLU A 180 4.50 6.73 -2.01
CA GLU A 180 5.59 5.91 -1.47
C GLU A 180 5.10 4.49 -1.17
N PHE A 181 5.92 3.65 -0.52
CA PHE A 181 5.38 2.55 0.26
C PHE A 181 6.11 2.50 1.61
N HIS A 182 5.54 3.05 2.68
CA HIS A 182 6.04 2.79 4.03
C HIS A 182 5.48 1.47 4.54
N LEU A 183 6.20 0.86 5.49
CA LEU A 183 5.71 -0.26 6.26
C LEU A 183 6.34 -0.24 7.64
N ASP A 184 5.54 -0.06 8.70
CA ASP A 184 5.98 -0.10 10.11
C ASP A 184 7.09 0.91 10.41
N GLY A 185 7.15 1.98 9.62
CA GLY A 185 8.16 3.02 9.70
C GLY A 185 9.43 2.71 8.91
N GLU A 186 9.51 1.59 8.20
CA GLU A 186 10.42 1.45 7.06
C GLU A 186 9.81 2.13 5.83
N VAL A 187 10.55 2.10 4.72
CA VAL A 187 10.11 2.48 3.39
C VAL A 187 10.68 1.40 2.46
N LEU A 188 9.95 1.00 1.42
CA LEU A 188 10.33 -0.09 0.52
C LEU A 188 9.92 0.26 -0.91
N SER A 189 10.56 -0.38 -1.89
CA SER A 189 10.19 -0.30 -3.29
C SER A 189 8.94 -1.15 -3.57
N LEU A 190 8.30 -0.94 -4.73
CA LEU A 190 7.15 -1.72 -5.19
C LEU A 190 7.42 -3.22 -5.14
N ASP A 191 8.50 -3.64 -5.78
CA ASP A 191 8.80 -5.06 -5.99
C ASP A 191 9.18 -5.73 -4.67
N LYS A 192 9.76 -4.94 -3.76
CA LYS A 192 10.02 -5.37 -2.40
C LYS A 192 8.71 -5.59 -1.66
N LEU A 193 7.78 -4.64 -1.79
CA LEU A 193 6.46 -4.71 -1.19
C LEU A 193 5.71 -5.94 -1.69
N LYS A 194 5.61 -6.16 -3.00
CA LYS A 194 4.99 -7.36 -3.57
C LYS A 194 5.57 -8.65 -2.99
N SER A 195 6.86 -8.69 -2.72
CA SER A 195 7.49 -9.86 -2.12
C SER A 195 6.89 -10.11 -0.73
N LEU A 196 6.84 -9.09 0.12
CA LEU A 196 6.41 -9.23 1.50
C LEU A 196 4.89 -9.34 1.63
N LEU A 197 4.14 -8.97 0.58
CA LEU A 197 2.69 -9.14 0.50
C LEU A 197 2.28 -10.57 0.20
N SER A 198 3.22 -11.47 -0.10
CA SER A 198 3.03 -12.89 0.14
C SER A 198 2.79 -13.02 1.63
N THR A 132 5.99 3.71 -12.85
CA THR A 132 4.52 3.69 -13.02
C THR A 132 3.84 2.44 -12.48
N SER A 133 4.55 1.31 -12.42
CA SER A 133 4.10 0.10 -11.74
C SER A 133 3.58 0.37 -10.33
N GLU A 134 4.07 1.44 -9.71
CA GLU A 134 3.68 2.04 -8.44
C GLU A 134 2.17 2.29 -8.39
N GLU A 135 1.69 3.34 -9.07
CA GLU A 135 0.26 3.65 -9.09
C GLU A 135 -0.52 2.53 -9.74
N HIS A 136 0.04 1.87 -10.76
CA HIS A 136 -0.63 0.79 -11.46
C HIS A 136 -1.01 -0.31 -10.46
N PHE A 137 -0.08 -0.74 -9.60
CA PHE A 137 -0.35 -1.75 -8.60
C PHE A 137 -1.37 -1.25 -7.57
N VAL A 138 -1.20 -0.03 -7.06
CA VAL A 138 -2.11 0.57 -6.10
C VAL A 138 -3.55 0.49 -6.63
N GLU A 139 -3.70 0.91 -7.87
CA GLU A 139 -4.96 0.96 -8.58
C GLU A 139 -5.49 -0.45 -8.87
N THR A 140 -4.61 -1.44 -9.08
CA THR A 140 -5.00 -2.84 -9.28
C THR A 140 -5.67 -3.40 -8.02
N VAL A 141 -5.13 -3.10 -6.84
CA VAL A 141 -5.73 -3.57 -5.59
C VAL A 141 -7.06 -2.86 -5.36
N SER A 142 -7.16 -1.57 -5.72
CA SER A 142 -8.39 -0.82 -5.52
C SER A 142 -9.58 -1.46 -6.23
N LEU A 143 -9.37 -1.98 -7.46
CA LEU A 143 -10.41 -2.68 -8.20
C LEU A 143 -10.86 -3.93 -7.45
N ALA A 144 -9.91 -4.75 -7.00
CA ALA A 144 -10.15 -6.08 -6.45
C ALA A 144 -10.67 -6.04 -5.01
N GLY A 145 -10.40 -4.98 -4.26
CA GLY A 145 -10.81 -4.83 -2.87
C GLY A 145 -9.91 -5.57 -1.87
N SER A 146 -8.91 -6.34 -2.31
CA SER A 146 -7.96 -7.02 -1.44
C SER A 146 -6.81 -7.64 -2.25
N TYR A 147 -5.88 -8.32 -1.58
CA TYR A 147 -4.76 -9.09 -2.10
C TYR A 147 -4.71 -10.45 -1.39
N ARG A 148 -3.61 -11.22 -1.50
CA ARG A 148 -3.52 -12.62 -1.05
C ARG A 148 -4.10 -12.89 0.34
N ASP A 149 -3.73 -12.07 1.34
CA ASP A 149 -4.30 -12.10 2.69
C ASP A 149 -4.66 -10.69 3.19
N TRP A 150 -4.30 -9.65 2.43
CA TRP A 150 -4.40 -8.27 2.87
C TRP A 150 -5.68 -7.64 2.32
N SER A 151 -6.52 -7.06 3.18
CA SER A 151 -7.64 -6.24 2.80
C SER A 151 -7.17 -4.88 2.27
N TYR A 152 -7.82 -4.36 1.22
CA TYR A 152 -7.83 -2.91 0.94
C TYR A 152 -8.50 -2.17 2.12
N SER A 153 -8.34 -0.85 2.25
CA SER A 153 -8.80 -0.10 3.41
C SER A 153 -9.32 1.28 3.02
N GLY A 154 -8.37 2.19 2.84
CA GLY A 154 -8.57 3.42 2.07
C GLY A 154 -9.01 4.61 2.91
N GLN A 155 -8.53 4.74 4.17
CA GLN A 155 -8.67 6.00 4.90
C GLN A 155 -7.59 6.97 4.45
N ARG A 156 -7.99 8.09 3.84
CA ARG A 156 -7.20 9.31 3.79
C ARG A 156 -7.00 9.79 5.22
N THR A 157 -5.78 9.74 5.73
CA THR A 157 -5.41 10.33 7.01
C THR A 157 -4.41 11.45 6.75
N GLU A 158 -3.94 12.11 7.81
CA GLU A 158 -2.80 13.03 7.79
C GLU A 158 -1.59 12.37 7.11
N LEU A 159 -1.46 11.06 7.30
CA LEU A 159 -0.29 10.26 6.93
C LEU A 159 -0.34 9.82 5.47
N GLY A 160 -1.46 10.04 4.77
CA GLY A 160 -1.63 9.70 3.37
C GLY A 160 -2.92 8.89 3.23
N VAL A 161 -2.82 7.62 2.87
CA VAL A 161 -3.90 6.71 2.54
C VAL A 161 -3.52 5.34 3.13
N GLU A 162 -4.40 4.75 3.94
CA GLU A 162 -4.23 3.35 4.36
C GLU A 162 -4.42 2.50 3.10
N PHE A 163 -3.54 1.52 2.83
CA PHE A 163 -3.63 0.74 1.61
C PHE A 163 -4.00 -0.72 1.87
N LEU A 164 -3.04 -1.60 2.17
CA LEU A 164 -3.29 -2.99 2.50
C LEU A 164 -3.13 -3.16 3.99
N LYS A 165 -4.05 -3.88 4.63
CA LYS A 165 -4.02 -4.15 6.06
C LYS A 165 -4.01 -5.66 6.30
N ARG A 166 -3.10 -6.17 7.14
CA ARG A 166 -2.97 -7.56 7.59
C ARG A 166 -1.70 -7.65 8.43
N GLY A 167 -1.57 -8.63 9.33
CA GLY A 167 -0.32 -8.95 10.01
C GLY A 167 -0.06 -8.12 11.24
N ASP A 168 -1.11 -7.49 11.74
CA ASP A 168 -1.06 -6.34 12.61
C ASP A 168 -0.50 -5.07 11.94
N LYS A 169 -0.25 -5.11 10.62
CA LYS A 169 0.48 -4.11 9.86
C LYS A 169 -0.41 -3.44 8.82
N ILE A 170 0.02 -2.28 8.34
CA ILE A 170 -0.69 -1.48 7.35
C ILE A 170 0.31 -0.85 6.39
N VAL A 171 0.11 -1.09 5.10
CA VAL A 171 0.84 -0.45 4.01
C VAL A 171 0.25 0.95 3.81
N TYR A 172 1.09 1.93 3.47
CA TYR A 172 0.72 3.30 3.11
C TYR A 172 1.49 3.65 1.82
N HIS A 173 1.03 4.64 1.03
CA HIS A 173 1.48 4.80 -0.37
C HIS A 173 1.66 6.25 -0.89
N THR A 174 1.93 7.13 0.06
CA THR A 174 1.94 8.60 0.02
C THR A 174 0.77 9.22 -0.75
N LEU A 175 0.88 10.51 -1.04
CA LEU A 175 0.05 11.27 -1.98
C LEU A 175 0.91 11.74 -3.16
N GLU A 176 2.22 11.89 -2.94
CA GLU A 176 3.27 12.43 -3.81
C GLU A 176 4.57 11.67 -3.52
N SER A 177 5.48 11.67 -4.49
CA SER A 177 6.70 10.89 -4.68
C SER A 177 6.96 10.73 -6.19
N PRO A 178 5.95 10.48 -7.04
CA PRO A 178 4.61 9.98 -6.70
C PRO A 178 4.66 8.57 -6.13
N VAL A 179 3.91 8.32 -5.07
CA VAL A 179 3.74 7.03 -4.41
C VAL A 179 5.07 6.47 -3.90
N GLU A 180 5.40 6.83 -2.67
CA GLU A 180 6.36 6.12 -1.84
C GLU A 180 5.59 4.93 -1.29
N PHE A 181 6.25 4.13 -0.45
CA PHE A 181 5.58 3.05 0.26
C PHE A 181 6.10 3.10 1.68
N HIS A 182 5.24 2.86 2.67
CA HIS A 182 5.64 2.53 4.03
C HIS A 182 4.85 1.33 4.52
N LEU A 183 5.31 0.70 5.59
CA LEU A 183 4.67 -0.40 6.28
C LEU A 183 5.28 -0.47 7.67
N ASP A 184 4.47 -0.25 8.72
CA ASP A 184 4.87 -0.48 10.10
C ASP A 184 6.27 0.10 10.41
N GLY A 185 6.45 1.38 10.10
CA GLY A 185 7.68 2.11 10.37
C GLY A 185 8.81 1.82 9.40
N GLU A 186 8.57 1.14 8.27
CA GLU A 186 9.55 0.84 7.23
C GLU A 186 9.07 1.53 5.96
N VAL A 187 9.73 2.60 5.50
CA VAL A 187 9.51 3.10 4.15
C VAL A 187 10.23 2.13 3.22
N LEU A 188 9.58 1.80 2.09
CA LEU A 188 10.06 0.81 1.14
C LEU A 188 9.76 1.29 -0.28
N SER A 189 10.15 0.51 -1.28
CA SER A 189 9.84 0.72 -2.68
C SER A 189 8.80 -0.32 -3.12
N LEU A 190 8.09 -0.06 -4.21
CA LEU A 190 7.04 -0.89 -4.81
C LEU A 190 7.50 -2.33 -4.95
N ASP A 191 8.71 -2.48 -5.47
CA ASP A 191 9.29 -3.78 -5.78
C ASP A 191 9.46 -4.65 -4.54
N LYS A 192 9.78 -4.00 -3.42
CA LYS A 192 9.90 -4.64 -2.10
C LYS A 192 8.52 -4.81 -1.46
N LEU A 193 7.56 -3.92 -1.70
CA LEU A 193 6.18 -4.12 -1.28
C LEU A 193 5.66 -5.44 -1.86
N LYS A 194 5.91 -5.73 -3.14
CA LYS A 194 5.46 -6.97 -3.73
C LYS A 194 6.14 -8.19 -3.12
N SER A 195 7.30 -8.03 -2.48
CA SER A 195 7.97 -9.09 -1.77
C SER A 195 7.44 -9.31 -0.36
N LEU A 196 6.89 -8.29 0.32
CA LEU A 196 6.38 -8.45 1.68
C LEU A 196 4.91 -8.83 1.71
N LEU A 197 4.17 -8.52 0.64
CA LEU A 197 2.75 -8.80 0.59
C LEU A 197 2.55 -10.31 0.54
N SER A 198 3.28 -10.98 -0.35
CA SER A 198 3.37 -12.42 -0.38
C SER A 198 4.09 -12.87 0.89
N THR A 132 4.77 5.59 -11.95
CA THR A 132 3.75 4.90 -12.74
C THR A 132 3.46 3.49 -12.21
N SER A 133 4.38 2.52 -12.27
CA SER A 133 4.19 1.14 -11.77
C SER A 133 3.56 1.08 -10.37
N GLU A 134 3.88 2.08 -9.55
CA GLU A 134 3.38 2.30 -8.21
C GLU A 134 1.87 2.48 -8.24
N GLU A 135 1.43 3.61 -8.78
CA GLU A 135 0.03 3.99 -8.87
C GLU A 135 -0.79 2.96 -9.68
N HIS A 136 -0.14 2.29 -10.62
CA HIS A 136 -0.64 1.24 -11.48
C HIS A 136 -0.94 -0.07 -10.72
N PHE A 137 -0.19 -0.38 -9.66
CA PHE A 137 -0.49 -1.49 -8.75
C PHE A 137 -1.61 -1.07 -7.79
N VAL A 138 -1.51 0.15 -7.23
CA VAL A 138 -2.48 0.71 -6.31
C VAL A 138 -3.88 0.66 -6.95
N GLU A 139 -3.94 0.98 -8.25
CA GLU A 139 -5.18 1.00 -9.02
C GLU A 139 -5.81 -0.40 -9.03
N THR A 140 -5.04 -1.44 -9.34
CA THR A 140 -5.56 -2.80 -9.40
C THR A 140 -6.16 -3.24 -8.05
N VAL A 141 -5.49 -2.90 -6.94
CA VAL A 141 -5.93 -3.29 -5.62
C VAL A 141 -7.17 -2.49 -5.23
N SER A 142 -7.22 -1.18 -5.51
CA SER A 142 -8.38 -0.36 -5.20
C SER A 142 -9.61 -0.91 -5.95
N LEU A 143 -9.46 -1.22 -7.24
CA LEU A 143 -10.48 -1.82 -8.11
C LEU A 143 -10.95 -3.16 -7.56
N ALA A 144 -10.03 -3.98 -7.06
CA ALA A 144 -10.34 -5.32 -6.55
C ALA A 144 -10.88 -5.29 -5.12
N GLY A 145 -10.57 -4.24 -4.34
CA GLY A 145 -10.86 -4.14 -2.93
C GLY A 145 -9.96 -5.01 -2.05
N SER A 146 -8.96 -5.74 -2.59
CA SER A 146 -8.08 -6.59 -1.79
C SER A 146 -6.85 -7.06 -2.61
N TYR A 147 -6.03 -7.93 -2.02
CA TYR A 147 -4.84 -8.62 -2.51
C TYR A 147 -4.70 -9.92 -1.70
N ARG A 148 -3.60 -10.67 -1.89
CA ARG A 148 -3.46 -12.10 -1.55
C ARG A 148 -4.03 -12.45 -0.18
N ASP A 149 -3.56 -11.78 0.87
CA ASP A 149 -3.85 -12.18 2.26
C ASP A 149 -4.41 -11.01 3.05
N TRP A 150 -4.44 -9.83 2.45
CA TRP A 150 -4.71 -8.55 3.09
C TRP A 150 -6.09 -8.07 2.66
N SER A 151 -6.68 -7.12 3.37
CA SER A 151 -7.80 -6.30 2.90
C SER A 151 -7.22 -5.00 2.35
N TYR A 152 -7.94 -4.29 1.48
CA TYR A 152 -7.67 -2.87 1.20
C TYR A 152 -8.14 -1.99 2.39
N SER A 153 -7.92 -0.66 2.32
CA SER A 153 -8.38 0.32 3.30
C SER A 153 -8.85 1.57 2.57
N GLY A 154 -7.92 2.42 2.13
CA GLY A 154 -8.21 3.65 1.39
C GLY A 154 -8.49 4.87 2.28
N GLN A 155 -8.33 4.78 3.61
CA GLN A 155 -8.50 5.89 4.54
C GLN A 155 -7.48 6.97 4.22
N ARG A 156 -7.90 8.11 3.68
CA ARG A 156 -7.04 9.29 3.63
C ARG A 156 -6.79 9.78 5.05
N THR A 157 -5.54 10.04 5.38
CA THR A 157 -5.13 10.62 6.64
C THR A 157 -3.98 11.60 6.37
N GLU A 158 -3.47 12.28 7.39
CA GLU A 158 -2.26 13.09 7.26
C GLU A 158 -1.04 12.27 6.83
N LEU A 159 -1.01 10.96 7.10
CA LEU A 159 0.06 10.05 6.66
C LEU A 159 -0.05 9.75 5.16
N GLY A 160 -1.13 10.18 4.51
CA GLY A 160 -1.37 10.08 3.09
C GLY A 160 -2.65 9.30 2.93
N VAL A 161 -2.55 8.00 2.71
CA VAL A 161 -3.71 7.13 2.62
C VAL A 161 -3.31 5.69 3.00
N GLU A 162 -4.16 5.00 3.75
CA GLU A 162 -3.94 3.61 4.16
C GLU A 162 -4.16 2.71 2.95
N PHE A 163 -3.41 1.61 2.85
CA PHE A 163 -3.43 0.75 1.67
C PHE A 163 -3.91 -0.66 2.02
N LEU A 164 -3.03 -1.55 2.47
CA LEU A 164 -3.36 -2.92 2.84
C LEU A 164 -3.41 -3.04 4.35
N LYS A 165 -4.24 -3.96 4.83
CA LYS A 165 -4.37 -4.27 6.26
C LYS A 165 -4.39 -5.77 6.47
N ARG A 166 -3.62 -6.30 7.42
CA ARG A 166 -3.62 -7.72 7.77
C ARG A 166 -2.89 -7.96 9.08
N GLY A 167 -3.52 -8.71 9.99
CA GLY A 167 -2.93 -9.03 11.27
C GLY A 167 -2.75 -7.73 12.02
N ASP A 168 -1.63 -7.56 12.70
CA ASP A 168 -1.41 -6.38 13.54
C ASP A 168 -0.79 -5.21 12.78
N LYS A 169 -0.76 -5.28 11.45
CA LYS A 169 -0.09 -4.30 10.60
C LYS A 169 -0.99 -3.74 9.49
N ILE A 170 -0.56 -2.59 8.98
CA ILE A 170 -1.17 -1.80 7.92
C ILE A 170 -0.02 -1.19 7.12
N VAL A 171 -0.12 -1.27 5.80
CA VAL A 171 0.68 -0.54 4.82
C VAL A 171 -0.02 0.78 4.48
N TYR A 172 0.75 1.82 4.14
CA TYR A 172 0.27 3.12 3.69
C TYR A 172 0.78 3.40 2.27
N HIS A 173 0.16 4.33 1.53
CA HIS A 173 0.72 4.95 0.33
C HIS A 173 0.72 6.47 0.48
N THR A 174 1.75 7.11 -0.05
CA THR A 174 1.80 8.56 -0.15
C THR A 174 1.14 9.00 -1.45
N LEU A 175 1.08 10.31 -1.67
CA LEU A 175 0.52 10.93 -2.86
C LEU A 175 1.63 11.40 -3.80
N GLU A 176 2.84 11.61 -3.27
CA GLU A 176 4.02 12.11 -3.96
C GLU A 176 5.19 11.18 -3.63
N SER A 177 6.04 10.89 -4.62
CA SER A 177 7.18 9.97 -4.64
C SER A 177 7.53 9.65 -6.10
N PRO A 178 6.58 9.30 -6.99
CA PRO A 178 5.15 9.07 -6.72
C PRO A 178 4.94 7.79 -5.90
N VAL A 179 4.00 7.83 -4.96
CA VAL A 179 3.50 6.69 -4.19
C VAL A 179 4.63 5.88 -3.56
N GLU A 180 5.08 6.31 -2.39
CA GLU A 180 5.89 5.49 -1.51
C GLU A 180 5.01 4.45 -0.82
N PHE A 181 5.66 3.51 -0.12
CA PHE A 181 5.00 2.36 0.51
C PHE A 181 5.58 2.22 1.92
N HIS A 182 5.00 2.94 2.88
CA HIS A 182 5.50 2.91 4.24
C HIS A 182 4.78 1.82 5.02
N LEU A 183 5.45 1.34 6.07
CA LEU A 183 5.02 0.26 6.92
C LEU A 183 5.90 0.24 8.18
N ASP A 184 5.32 0.40 9.36
CA ASP A 184 5.93 0.06 10.66
C ASP A 184 7.29 0.76 10.87
N GLY A 185 7.37 2.04 10.49
CA GLY A 185 8.61 2.81 10.61
C GLY A 185 9.68 2.42 9.59
N GLU A 186 9.30 1.67 8.55
CA GLU A 186 10.09 1.39 7.38
C GLU A 186 9.33 1.92 6.17
N VAL A 187 10.00 1.94 5.02
CA VAL A 187 9.43 2.27 3.72
C VAL A 187 10.24 1.61 2.61
N LEU A 188 9.53 1.04 1.63
CA LEU A 188 10.12 0.29 0.53
C LEU A 188 9.70 0.88 -0.80
N SER A 189 10.39 0.47 -1.86
CA SER A 189 9.99 0.66 -3.24
C SER A 189 8.89 -0.32 -3.62
N LEU A 190 8.22 -0.09 -4.75
CA LEU A 190 7.06 -0.85 -5.23
C LEU A 190 7.36 -2.33 -5.39
N ASP A 191 8.39 -2.66 -6.18
CA ASP A 191 8.77 -4.05 -6.45
C ASP A 191 9.02 -4.81 -5.16
N LYS A 192 9.88 -4.20 -4.35
CA LYS A 192 10.19 -4.65 -3.01
C LYS A 192 8.96 -4.84 -2.14
N LEU A 193 8.03 -3.87 -2.08
CA LEU A 193 6.87 -3.97 -1.26
C LEU A 193 6.15 -5.25 -1.62
N LYS A 194 5.96 -5.61 -2.90
CA LYS A 194 5.10 -6.73 -3.30
C LYS A 194 5.55 -8.06 -2.71
N SER A 195 6.78 -8.16 -2.20
CA SER A 195 7.32 -9.35 -1.56
C SER A 195 7.11 -9.34 -0.04
N LEU A 196 6.54 -8.28 0.51
CA LEU A 196 6.03 -8.28 1.86
C LEU A 196 4.65 -8.90 1.87
N LEU A 197 3.80 -8.52 0.90
CA LEU A 197 2.43 -8.97 0.78
C LEU A 197 2.34 -10.40 0.27
N SER A 198 3.45 -10.96 -0.18
CA SER A 198 3.56 -12.36 -0.48
C SER A 198 3.65 -13.13 0.83
N THR A 132 5.16 5.30 -12.65
CA THR A 132 3.77 4.99 -13.04
C THR A 132 3.25 3.75 -12.31
N SER A 133 4.08 2.69 -12.27
CA SER A 133 3.73 1.38 -11.75
C SER A 133 3.26 1.43 -10.30
N GLU A 134 3.67 2.45 -9.55
CA GLU A 134 3.43 2.60 -8.13
C GLU A 134 1.93 2.66 -7.88
N GLU A 135 1.23 3.66 -8.44
CA GLU A 135 -0.22 3.75 -8.30
C GLU A 135 -0.92 2.62 -9.07
N HIS A 136 -0.35 2.27 -10.21
CA HIS A 136 -0.92 1.27 -11.09
C HIS A 136 -0.97 -0.13 -10.44
N PHE A 137 -0.16 -0.40 -9.41
CA PHE A 137 -0.30 -1.56 -8.53
C PHE A 137 -1.51 -1.40 -7.61
N VAL A 138 -1.62 -0.25 -6.93
CA VAL A 138 -2.73 0.07 -6.03
C VAL A 138 -4.04 -0.19 -6.75
N GLU A 139 -4.14 0.28 -8.00
CA GLU A 139 -5.28 0.08 -8.89
C GLU A 139 -5.61 -1.41 -9.08
N THR A 140 -4.61 -2.28 -9.29
CA THR A 140 -4.91 -3.71 -9.47
C THR A 140 -5.52 -4.31 -8.20
N VAL A 141 -5.04 -3.87 -7.03
CA VAL A 141 -5.49 -4.37 -5.75
C VAL A 141 -6.88 -3.79 -5.44
N SER A 142 -7.13 -2.52 -5.73
CA SER A 142 -8.38 -1.86 -5.41
C SER A 142 -9.52 -2.44 -6.27
N LEU A 143 -9.25 -2.80 -7.53
CA LEU A 143 -10.18 -3.51 -8.42
C LEU A 143 -10.62 -4.82 -7.76
N ALA A 144 -9.66 -5.61 -7.27
CA ALA A 144 -9.94 -6.84 -6.57
C ALA A 144 -10.55 -6.60 -5.18
N GLY A 145 -10.39 -5.40 -4.61
CA GLY A 145 -10.85 -4.99 -3.29
C GLY A 145 -9.97 -5.51 -2.16
N SER A 146 -9.01 -6.39 -2.44
CA SER A 146 -8.07 -6.89 -1.46
C SER A 146 -6.91 -7.58 -2.19
N TYR A 147 -5.90 -7.99 -1.43
CA TYR A 147 -4.71 -8.69 -1.88
C TYR A 147 -4.62 -10.02 -1.14
N ARG A 148 -3.53 -10.76 -1.38
CA ARG A 148 -3.40 -12.18 -1.06
C ARG A 148 -3.92 -12.50 0.33
N ASP A 149 -3.38 -11.85 1.37
CA ASP A 149 -3.88 -11.98 2.73
C ASP A 149 -4.05 -10.60 3.38
N TRP A 150 -4.14 -9.52 2.58
CA TRP A 150 -4.36 -8.16 3.07
C TRP A 150 -5.63 -7.59 2.47
N SER A 151 -6.29 -6.69 3.19
CA SER A 151 -7.50 -6.02 2.75
C SER A 151 -7.08 -4.66 2.21
N TYR A 152 -7.78 -4.16 1.18
CA TYR A 152 -7.65 -2.78 0.72
C TYR A 152 -8.42 -1.85 1.68
N SER A 153 -8.19 -0.53 1.69
CA SER A 153 -8.99 0.37 2.54
C SER A 153 -9.12 1.79 2.00
N GLY A 154 -8.00 2.49 1.73
CA GLY A 154 -8.07 3.84 1.20
C GLY A 154 -8.30 4.93 2.27
N GLN A 155 -8.11 4.65 3.57
CA GLN A 155 -8.28 5.62 4.65
C GLN A 155 -7.39 6.83 4.39
N ARG A 156 -7.97 7.99 4.14
CA ARG A 156 -7.27 9.23 3.83
C ARG A 156 -6.79 9.93 5.12
N THR A 157 -5.96 9.24 5.90
CA THR A 157 -5.39 9.76 7.14
C THR A 157 -4.52 10.99 6.86
N GLU A 158 -4.14 11.76 7.90
CA GLU A 158 -3.25 12.91 7.75
C GLU A 158 -1.88 12.55 7.15
N LEU A 159 -1.53 11.27 7.13
CA LEU A 159 -0.31 10.80 6.49
C LEU A 159 -0.47 10.71 4.97
N GLY A 160 -1.63 10.28 4.47
CA GLY A 160 -1.77 10.00 3.04
C GLY A 160 -2.88 8.98 2.88
N VAL A 161 -2.60 7.74 2.46
CA VAL A 161 -3.64 6.73 2.24
C VAL A 161 -3.25 5.37 2.88
N GLU A 162 -4.12 4.76 3.71
CA GLU A 162 -3.95 3.39 4.20
C GLU A 162 -4.10 2.48 2.98
N PHE A 163 -3.20 1.52 2.78
CA PHE A 163 -3.21 0.69 1.59
C PHE A 163 -3.63 -0.73 1.96
N LEU A 164 -2.67 -1.56 2.38
CA LEU A 164 -2.89 -2.97 2.69
C LEU A 164 -2.93 -3.08 4.20
N LYS A 165 -3.96 -3.74 4.71
CA LYS A 165 -4.16 -3.96 6.14
C LYS A 165 -4.28 -5.46 6.35
N ARG A 166 -3.50 -6.06 7.24
CA ARG A 166 -3.76 -7.39 7.73
C ARG A 166 -3.37 -7.42 9.20
N GLY A 167 -4.32 -7.71 10.08
CA GLY A 167 -4.11 -7.79 11.51
C GLY A 167 -3.29 -6.62 12.04
N ASP A 168 -2.16 -6.92 12.68
CA ASP A 168 -1.31 -5.94 13.35
C ASP A 168 -0.47 -5.12 12.37
N LYS A 169 -0.47 -5.41 11.06
CA LYS A 169 0.34 -4.71 10.07
C LYS A 169 -0.56 -3.82 9.22
N ILE A 170 -0.08 -2.61 8.91
CA ILE A 170 -0.69 -1.75 7.89
C ILE A 170 0.41 -1.10 7.09
N VAL A 171 0.31 -1.27 5.78
CA VAL A 171 1.05 -0.58 4.75
C VAL A 171 0.29 0.73 4.45
N TYR A 172 1.01 1.84 4.30
CA TYR A 172 0.46 3.13 3.88
C TYR A 172 1.11 3.54 2.55
N HIS A 173 0.34 4.04 1.59
CA HIS A 173 0.89 4.67 0.39
C HIS A 173 0.87 6.19 0.61
N THR A 174 1.95 6.87 0.23
CA THR A 174 1.97 8.33 0.23
C THR A 174 1.23 8.86 -0.99
N LEU A 175 1.23 10.17 -1.16
CA LEU A 175 0.87 10.80 -2.43
C LEU A 175 2.14 10.93 -3.29
N GLU A 176 3.25 11.38 -2.72
CA GLU A 176 4.48 11.74 -3.43
C GLU A 176 5.59 10.71 -3.20
N SER A 177 6.48 10.61 -4.20
CA SER A 177 7.53 9.63 -4.49
C SER A 177 7.78 9.60 -6.00
N PRO A 178 6.76 9.60 -6.89
CA PRO A 178 5.32 9.49 -6.61
C PRO A 178 4.98 8.12 -6.04
N VAL A 179 4.16 8.09 -5.00
CA VAL A 179 3.66 6.88 -4.35
C VAL A 179 4.78 5.98 -3.77
N GLU A 180 5.02 6.17 -2.48
CA GLU A 180 5.89 5.39 -1.63
C GLU A 180 5.09 4.26 -0.99
N PHE A 181 5.77 3.41 -0.23
CA PHE A 181 5.16 2.27 0.45
C PHE A 181 5.77 2.15 1.85
N HIS A 182 5.13 2.75 2.84
CA HIS A 182 5.57 2.69 4.23
C HIS A 182 5.00 1.43 4.89
N LEU A 183 5.63 0.94 5.96
CA LEU A 183 5.12 -0.09 6.86
C LEU A 183 5.84 0.02 8.20
N ASP A 184 5.10 0.28 9.30
CA ASP A 184 5.58 0.22 10.69
C ASP A 184 6.87 1.02 10.93
N GLY A 185 6.96 2.20 10.34
CA GLY A 185 8.10 3.08 10.50
C GLY A 185 9.23 2.76 9.52
N GLU A 186 9.02 1.87 8.56
CA GLU A 186 9.95 1.62 7.45
C GLU A 186 9.30 2.06 6.14
N VAL A 187 10.08 2.09 5.06
CA VAL A 187 9.74 2.68 3.76
C VAL A 187 10.40 1.85 2.66
N LEU A 188 9.67 1.55 1.57
CA LEU A 188 10.08 0.64 0.50
C LEU A 188 9.60 1.19 -0.86
N SER A 189 10.25 0.76 -1.94
CA SER A 189 9.77 0.94 -3.33
C SER A 189 8.61 0.00 -3.62
N LEU A 190 7.95 0.15 -4.76
CA LEU A 190 6.90 -0.73 -5.25
C LEU A 190 7.36 -2.18 -5.32
N ASP A 191 8.42 -2.44 -6.09
CA ASP A 191 8.82 -3.83 -6.36
C ASP A 191 9.25 -4.52 -5.07
N LYS A 192 9.93 -3.77 -4.22
CA LYS A 192 10.29 -4.20 -2.89
C LYS A 192 9.05 -4.44 -2.04
N LEU A 193 8.07 -3.53 -2.05
CA LEU A 193 6.84 -3.67 -1.30
C LEU A 193 6.22 -4.99 -1.69
N LYS A 194 6.05 -5.30 -2.99
CA LYS A 194 5.30 -6.46 -3.46
C LYS A 194 5.82 -7.80 -2.89
N SER A 195 7.06 -7.82 -2.41
CA SER A 195 7.71 -8.98 -1.80
C SER A 195 7.32 -9.20 -0.34
N LEU A 196 6.55 -8.28 0.26
CA LEU A 196 6.01 -8.41 1.60
C LEU A 196 4.53 -8.81 1.56
N LEU A 197 3.75 -8.42 0.54
CA LEU A 197 2.36 -8.80 0.40
C LEU A 197 2.19 -10.22 -0.10
N SER A 198 3.28 -10.87 -0.45
CA SER A 198 3.42 -12.28 -0.64
C SER A 198 3.58 -12.93 0.73
N THR A 132 4.96 5.04 -12.74
CA THR A 132 3.65 4.45 -13.06
C THR A 132 3.40 3.16 -12.28
N SER A 133 4.30 2.16 -12.34
CA SER A 133 4.05 0.85 -11.72
C SER A 133 3.72 0.92 -10.23
N GLU A 134 4.16 1.98 -9.54
CA GLU A 134 3.93 2.31 -8.15
C GLU A 134 2.42 2.53 -7.97
N GLU A 135 1.90 3.58 -8.60
CA GLU A 135 0.50 3.95 -8.59
C GLU A 135 -0.35 2.77 -9.09
N HIS A 136 0.07 2.15 -10.19
CA HIS A 136 -0.58 1.03 -10.85
C HIS A 136 -0.73 -0.18 -9.93
N PHE A 137 0.19 -0.39 -8.98
CA PHE A 137 0.05 -1.46 -8.00
C PHE A 137 -1.12 -1.17 -7.06
N VAL A 138 -1.17 0.04 -6.52
CA VAL A 138 -2.25 0.49 -5.66
C VAL A 138 -3.57 0.26 -6.39
N GLU A 139 -3.60 0.69 -7.65
CA GLU A 139 -4.69 0.59 -8.60
C GLU A 139 -5.17 -0.86 -8.74
N THR A 140 -4.29 -1.76 -9.15
CA THR A 140 -4.65 -3.15 -9.45
C THR A 140 -5.25 -3.83 -8.21
N VAL A 141 -4.76 -3.52 -7.00
CA VAL A 141 -5.27 -4.08 -5.76
C VAL A 141 -6.59 -3.41 -5.38
N SER A 142 -6.74 -2.11 -5.59
CA SER A 142 -7.97 -1.41 -5.23
C SER A 142 -9.13 -1.84 -6.16
N LEU A 143 -8.82 -2.11 -7.43
CA LEU A 143 -9.71 -2.69 -8.43
C LEU A 143 -10.32 -3.98 -7.88
N ALA A 144 -9.47 -4.91 -7.43
CA ALA A 144 -9.89 -6.18 -6.86
C ALA A 144 -10.70 -5.96 -5.59
N GLY A 145 -10.22 -5.06 -4.72
CA GLY A 145 -10.77 -4.75 -3.42
C GLY A 145 -10.02 -5.44 -2.29
N SER A 146 -9.10 -6.36 -2.59
CA SER A 146 -8.13 -6.88 -1.63
C SER A 146 -6.98 -7.55 -2.38
N TYR A 147 -5.89 -7.87 -1.67
CA TYR A 147 -4.75 -8.66 -2.12
C TYR A 147 -4.89 -10.04 -1.48
N ARG A 148 -3.87 -10.88 -1.61
CA ARG A 148 -3.84 -12.27 -1.17
C ARG A 148 -4.40 -12.45 0.23
N ASP A 149 -3.83 -11.77 1.22
CA ASP A 149 -4.26 -11.81 2.62
C ASP A 149 -4.48 -10.40 3.20
N TRP A 150 -4.35 -9.35 2.38
CA TRP A 150 -4.43 -7.97 2.83
C TRP A 150 -5.69 -7.32 2.29
N SER A 151 -6.40 -6.60 3.13
CA SER A 151 -7.60 -5.91 2.77
C SER A 151 -7.20 -4.61 2.10
N TYR A 152 -8.05 -4.13 1.20
CA TYR A 152 -8.07 -2.72 0.85
C TYR A 152 -9.05 -1.98 1.78
N SER A 153 -8.99 -0.65 1.78
CA SER A 153 -9.92 0.23 2.46
C SER A 153 -9.89 1.61 1.79
N GLY A 154 -8.76 2.33 1.84
CA GLY A 154 -8.59 3.65 1.24
C GLY A 154 -8.94 4.79 2.20
N GLN A 155 -8.67 4.66 3.50
CA GLN A 155 -8.80 5.77 4.43
C GLN A 155 -7.75 6.82 4.07
N ARG A 156 -8.20 8.06 3.92
CA ARG A 156 -7.38 9.25 3.89
C ARG A 156 -6.92 9.56 5.31
N THR A 157 -5.60 9.53 5.55
CA THR A 157 -4.97 9.75 6.85
C THR A 157 -3.89 10.83 6.73
N GLU A 158 -3.23 11.15 7.84
CA GLU A 158 -2.12 12.10 7.87
C GLU A 158 -0.87 11.61 7.13
N LEU A 159 -0.72 10.30 6.96
CA LEU A 159 0.34 9.69 6.15
C LEU A 159 0.03 9.79 4.64
N GLY A 160 -1.22 10.08 4.27
CA GLY A 160 -1.70 10.02 2.90
C GLY A 160 -2.91 9.11 2.88
N VAL A 161 -2.73 7.85 2.50
CA VAL A 161 -3.82 6.91 2.27
C VAL A 161 -3.40 5.54 2.83
N GLU A 162 -4.24 4.93 3.68
CA GLU A 162 -4.11 3.53 4.08
C GLU A 162 -4.19 2.68 2.82
N PHE A 163 -3.26 1.75 2.65
CA PHE A 163 -3.24 0.90 1.47
C PHE A 163 -3.66 -0.52 1.85
N LEU A 164 -2.75 -1.34 2.37
CA LEU A 164 -3.01 -2.74 2.67
C LEU A 164 -3.09 -2.97 4.15
N LYS A 165 -4.07 -3.74 4.66
CA LYS A 165 -4.12 -3.99 6.10
C LYS A 165 -4.32 -5.46 6.39
N ARG A 166 -3.55 -6.05 7.29
CA ARG A 166 -3.86 -7.31 7.92
C ARG A 166 -3.21 -7.31 9.31
N GLY A 167 -4.02 -7.49 10.35
CA GLY A 167 -3.57 -7.66 11.72
C GLY A 167 -2.78 -6.44 12.17
N ASP A 168 -1.62 -6.69 12.78
CA ASP A 168 -0.73 -5.64 13.30
C ASP A 168 -0.22 -4.69 12.21
N LYS A 169 -0.22 -5.09 10.93
CA LYS A 169 0.56 -4.42 9.89
C LYS A 169 -0.31 -3.68 8.89
N ILE A 170 0.22 -2.55 8.41
CA ILE A 170 -0.43 -1.70 7.42
C ILE A 170 0.59 -1.09 6.46
N VAL A 171 0.40 -1.28 5.16
CA VAL A 171 1.04 -0.46 4.12
C VAL A 171 0.28 0.86 4.03
N TYR A 172 1.01 1.93 3.76
CA TYR A 172 0.48 3.25 3.46
C TYR A 172 1.11 3.72 2.16
N HIS A 173 0.54 4.76 1.54
CA HIS A 173 1.15 5.44 0.42
C HIS A 173 0.74 6.92 0.45
N THR A 174 1.53 7.77 -0.20
CA THR A 174 1.39 9.23 -0.16
C THR A 174 0.53 9.74 -1.31
N LEU A 175 0.45 11.07 -1.44
CA LEU A 175 -0.25 11.75 -2.53
C LEU A 175 0.75 12.20 -3.61
N GLU A 176 2.02 12.39 -3.22
CA GLU A 176 3.16 12.79 -4.06
C GLU A 176 4.35 11.86 -3.84
N SER A 177 5.18 11.68 -4.89
CA SER A 177 6.39 10.84 -5.02
C SER A 177 6.63 10.47 -6.49
N PRO A 178 5.61 10.15 -7.30
CA PRO A 178 4.24 9.78 -6.93
C PRO A 178 4.21 8.44 -6.17
N VAL A 179 3.51 8.47 -5.04
CA VAL A 179 3.34 7.54 -3.93
C VAL A 179 4.66 6.90 -3.43
N GLU A 180 5.03 7.14 -2.18
CA GLU A 180 6.02 6.33 -1.44
C GLU A 180 5.27 5.14 -0.83
N PHE A 181 5.97 4.25 -0.11
CA PHE A 181 5.33 3.15 0.59
C PHE A 181 5.98 3.01 1.96
N HIS A 182 5.36 3.56 3.01
CA HIS A 182 5.82 3.28 4.37
C HIS A 182 5.24 1.95 4.84
N LEU A 183 5.95 1.30 5.77
CA LEU A 183 5.52 0.12 6.50
C LEU A 183 6.24 0.11 7.85
N ASP A 184 5.49 0.12 8.95
CA ASP A 184 5.96 -0.20 10.31
C ASP A 184 6.94 0.79 10.93
N GLY A 185 7.06 1.98 10.34
CA GLY A 185 8.08 2.94 10.71
C GLY A 185 9.25 2.92 9.73
N GLU A 186 9.23 2.07 8.69
CA GLU A 186 10.19 2.06 7.61
C GLU A 186 9.52 2.47 6.30
N VAL A 187 10.29 2.45 5.20
CA VAL A 187 9.89 2.79 3.85
C VAL A 187 10.42 1.70 2.92
N LEU A 188 9.68 1.36 1.86
CA LEU A 188 10.06 0.34 0.88
C LEU A 188 9.86 0.89 -0.53
N SER A 189 10.53 0.27 -1.51
CA SER A 189 10.22 0.37 -2.94
C SER A 189 8.81 -0.13 -3.29
N LEU A 190 8.50 -0.21 -4.58
CA LEU A 190 7.41 -1.04 -5.07
C LEU A 190 7.75 -2.53 -5.00
N ASP A 191 8.82 -2.92 -5.67
CA ASP A 191 9.18 -4.30 -6.02
C ASP A 191 9.26 -5.19 -4.79
N LYS A 192 10.13 -4.80 -3.87
CA LYS A 192 10.34 -5.46 -2.59
C LYS A 192 9.04 -5.63 -1.80
N LEU A 193 8.20 -4.60 -1.84
CA LEU A 193 6.96 -4.49 -1.12
C LEU A 193 6.00 -5.51 -1.64
N LYS A 194 5.68 -5.52 -2.93
CA LYS A 194 4.68 -6.44 -3.45
C LYS A 194 4.96 -7.90 -3.07
N SER A 195 6.24 -8.27 -2.97
CA SER A 195 6.64 -9.65 -2.70
C SER A 195 6.51 -9.98 -1.21
N LEU A 196 6.33 -8.96 -0.36
CA LEU A 196 6.10 -9.12 1.05
C LEU A 196 4.60 -9.42 1.17
N LEU A 197 3.69 -8.72 0.44
CA LEU A 197 2.27 -8.92 0.64
C LEU A 197 1.76 -10.31 0.30
N SER A 198 2.44 -10.95 -0.64
CA SER A 198 2.01 -12.17 -1.27
C SER A 198 2.21 -13.31 -0.27
N THR A 132 5.77 4.65 -12.74
CA THR A 132 4.35 4.46 -13.05
C THR A 132 3.85 3.10 -12.54
N SER A 133 4.58 2.00 -12.75
CA SER A 133 4.22 0.65 -12.29
C SER A 133 3.81 0.62 -10.80
N GLU A 134 4.45 1.49 -10.02
CA GLU A 134 4.23 1.74 -8.61
C GLU A 134 2.76 2.07 -8.35
N GLU A 135 2.33 3.21 -8.87
CA GLU A 135 1.00 3.77 -8.74
C GLU A 135 -0.03 2.89 -9.49
N HIS A 136 0.40 2.19 -10.53
CA HIS A 136 -0.39 1.21 -11.26
C HIS A 136 -0.76 0.03 -10.36
N PHE A 137 0.14 -0.49 -9.51
CA PHE A 137 -0.23 -1.55 -8.59
C PHE A 137 -1.27 -1.04 -7.59
N VAL A 138 -1.10 0.20 -7.12
CA VAL A 138 -2.03 0.85 -6.21
C VAL A 138 -3.43 0.98 -6.85
N GLU A 139 -3.47 1.20 -8.17
CA GLU A 139 -4.70 1.11 -8.95
C GLU A 139 -5.22 -0.33 -8.89
N THR A 140 -4.40 -1.33 -9.23
CA THR A 140 -4.85 -2.72 -9.37
C THR A 140 -5.51 -3.22 -8.09
N VAL A 141 -4.92 -2.90 -6.93
CA VAL A 141 -5.47 -3.34 -5.67
C VAL A 141 -6.85 -2.67 -5.48
N SER A 142 -6.99 -1.39 -5.79
CA SER A 142 -8.26 -0.69 -5.64
C SER A 142 -9.34 -1.23 -6.58
N LEU A 143 -8.95 -1.80 -7.73
CA LEU A 143 -9.86 -2.51 -8.62
C LEU A 143 -10.38 -3.74 -7.88
N ALA A 144 -9.52 -4.74 -7.65
CA ALA A 144 -9.93 -6.05 -7.13
C ALA A 144 -10.44 -6.02 -5.68
N GLY A 145 -10.16 -4.98 -4.90
CA GLY A 145 -10.81 -4.70 -3.62
C GLY A 145 -10.22 -5.40 -2.40
N SER A 146 -9.28 -6.32 -2.55
CA SER A 146 -8.37 -6.82 -1.53
C SER A 146 -7.34 -7.70 -2.24
N TYR A 147 -6.12 -7.66 -1.73
CA TYR A 147 -5.00 -8.45 -2.21
C TYR A 147 -5.03 -9.80 -1.47
N ARG A 148 -3.95 -10.56 -1.52
CA ARG A 148 -3.89 -11.98 -1.15
C ARG A 148 -4.43 -12.19 0.26
N ASP A 149 -3.69 -11.68 1.23
CA ASP A 149 -4.02 -11.81 2.66
C ASP A 149 -4.34 -10.43 3.25
N TRP A 150 -4.28 -9.37 2.45
CA TRP A 150 -4.33 -7.98 2.88
C TRP A 150 -5.51 -7.29 2.22
N SER A 151 -6.30 -6.57 2.99
CA SER A 151 -7.47 -5.89 2.49
C SER A 151 -7.11 -4.50 1.99
N TYR A 152 -7.86 -4.02 1.01
CA TYR A 152 -7.87 -2.61 0.61
C TYR A 152 -8.65 -1.82 1.66
N SER A 153 -8.33 -0.52 1.83
CA SER A 153 -9.14 0.41 2.59
C SER A 153 -9.21 1.79 1.92
N GLY A 154 -8.11 2.56 1.92
CA GLY A 154 -8.14 3.91 1.40
C GLY A 154 -8.75 4.94 2.37
N GLN A 155 -8.64 4.74 3.70
CA GLN A 155 -8.80 5.81 4.67
C GLN A 155 -7.73 6.85 4.35
N ARG A 156 -8.15 8.09 4.07
CA ARG A 156 -7.26 9.24 4.14
C ARG A 156 -6.90 9.43 5.60
N THR A 157 -5.61 9.49 5.93
CA THR A 157 -5.09 9.43 7.28
C THR A 157 -4.17 10.63 7.52
N GLU A 158 -3.66 10.78 8.74
CA GLU A 158 -2.62 11.75 9.05
C GLU A 158 -1.29 11.43 8.36
N LEU A 159 -1.06 10.17 7.99
CA LEU A 159 0.08 9.76 7.17
C LEU A 159 -0.16 10.15 5.71
N GLY A 160 -1.30 9.74 5.18
CA GLY A 160 -1.66 9.94 3.79
C GLY A 160 -2.88 9.10 3.46
N VAL A 161 -2.68 7.83 3.09
CA VAL A 161 -3.70 6.88 2.69
C VAL A 161 -3.30 5.48 3.19
N GLU A 162 -4.21 4.82 3.92
CA GLU A 162 -4.08 3.39 4.22
C GLU A 162 -4.11 2.61 2.91
N PHE A 163 -3.04 1.88 2.59
CA PHE A 163 -3.03 1.09 1.37
C PHE A 163 -3.50 -0.32 1.71
N LEU A 164 -2.64 -1.25 2.14
CA LEU A 164 -3.00 -2.64 2.42
C LEU A 164 -2.91 -2.92 3.91
N LYS A 165 -3.80 -3.78 4.44
CA LYS A 165 -3.90 -4.04 5.88
C LYS A 165 -4.13 -5.52 6.10
N ARG A 166 -3.25 -6.18 6.86
CA ARG A 166 -3.38 -7.59 7.24
C ARG A 166 -3.45 -7.73 8.77
N GLY A 167 -3.45 -6.63 9.51
CA GLY A 167 -3.43 -6.65 10.96
C GLY A 167 -2.00 -6.67 11.43
N ASP A 168 -1.75 -5.99 12.55
CA ASP A 168 -0.47 -5.55 13.11
C ASP A 168 0.13 -4.45 12.23
N LYS A 169 0.26 -4.72 10.94
CA LYS A 169 0.96 -3.91 9.97
C LYS A 169 0.01 -3.42 8.92
N ILE A 170 0.35 -2.24 8.41
CA ILE A 170 -0.37 -1.56 7.36
C ILE A 170 0.69 -0.96 6.45
N VAL A 171 0.50 -1.21 5.16
CA VAL A 171 1.18 -0.48 4.10
C VAL A 171 0.45 0.85 3.99
N TYR A 172 1.20 1.95 3.90
CA TYR A 172 0.65 3.26 3.60
C TYR A 172 1.26 3.72 2.27
N HIS A 173 0.57 4.61 1.55
CA HIS A 173 1.08 5.24 0.32
C HIS A 173 0.96 6.75 0.46
N THR A 174 1.96 7.52 0.01
CA THR A 174 1.93 8.97 0.12
C THR A 174 0.91 9.56 -0.87
N LEU A 175 0.69 10.87 -0.81
CA LEU A 175 -0.11 11.62 -1.78
C LEU A 175 0.74 12.35 -2.81
N GLU A 176 1.97 12.66 -2.45
CA GLU A 176 3.00 13.25 -3.27
C GLU A 176 4.22 12.34 -3.26
N SER A 177 4.87 12.19 -4.42
CA SER A 177 5.94 11.27 -4.80
C SER A 177 5.92 11.01 -6.32
N PRO A 178 4.79 10.64 -6.95
CA PRO A 178 3.41 10.68 -6.47
C PRO A 178 3.02 9.72 -5.35
N VAL A 179 3.47 8.46 -5.34
CA VAL A 179 3.31 7.63 -4.14
C VAL A 179 4.63 6.91 -3.80
N GLU A 180 4.93 6.75 -2.51
CA GLU A 180 5.93 5.84 -1.96
C GLU A 180 5.33 5.05 -0.81
N PHE A 181 5.93 3.91 -0.45
CA PHE A 181 5.23 2.86 0.28
C PHE A 181 5.86 2.70 1.64
N HIS A 182 5.29 3.34 2.64
CA HIS A 182 5.81 3.21 3.99
C HIS A 182 5.28 1.92 4.60
N LEU A 183 6.02 1.38 5.57
CA LEU A 183 5.63 0.22 6.35
C LEU A 183 6.06 0.47 7.78
N ASP A 184 5.18 1.16 8.52
CA ASP A 184 5.14 1.21 9.99
C ASP A 184 6.31 1.91 10.68
N GLY A 185 7.33 2.25 9.91
CA GLY A 185 8.55 2.91 10.32
C GLY A 185 9.62 2.76 9.24
N GLU A 186 9.34 2.00 8.16
CA GLU A 186 10.23 1.79 7.02
C GLU A 186 9.61 2.43 5.77
N VAL A 187 10.36 2.50 4.68
CA VAL A 187 9.90 2.84 3.33
C VAL A 187 10.48 1.83 2.36
N LEU A 188 9.67 1.36 1.42
CA LEU A 188 9.97 0.26 0.51
C LEU A 188 9.67 0.66 -0.92
N SER A 189 10.38 0.03 -1.85
CA SER A 189 10.06 0.01 -3.26
C SER A 189 8.96 -1.01 -3.56
N LEU A 190 8.41 -0.95 -4.77
CA LEU A 190 7.26 -1.74 -5.19
C LEU A 190 7.52 -3.23 -5.01
N ASP A 191 8.49 -3.79 -5.73
CA ASP A 191 8.81 -5.22 -5.67
C ASP A 191 9.11 -5.70 -4.26
N LYS A 192 9.92 -4.93 -3.53
CA LYS A 192 10.18 -5.18 -2.10
C LYS A 192 8.87 -5.31 -1.32
N LEU A 193 7.87 -4.47 -1.59
CA LEU A 193 6.53 -4.61 -1.04
C LEU A 193 5.86 -5.89 -1.56
N LYS A 194 5.89 -6.20 -2.86
CA LYS A 194 5.33 -7.44 -3.40
C LYS A 194 5.90 -8.70 -2.74
N SER A 195 7.12 -8.65 -2.21
CA SER A 195 7.78 -9.76 -1.53
C SER A 195 7.18 -10.03 -0.15
N LEU A 196 6.59 -9.03 0.51
CA LEU A 196 6.09 -9.19 1.88
C LEU A 196 4.58 -9.41 1.87
N LEU A 197 3.91 -8.93 0.81
CA LEU A 197 2.49 -9.12 0.55
C LEU A 197 2.19 -10.47 -0.15
N SER A 198 3.18 -11.33 -0.37
CA SER A 198 2.96 -12.63 -0.98
C SER A 198 2.05 -13.50 -0.13
N THR A 132 5.14 5.15 -12.51
CA THR A 132 3.76 4.76 -12.89
C THR A 132 3.32 3.46 -12.19
N SER A 133 4.17 2.43 -12.17
CA SER A 133 3.90 1.11 -11.57
C SER A 133 3.36 1.18 -10.13
N GLU A 134 3.69 2.25 -9.41
CA GLU A 134 3.32 2.52 -8.04
C GLU A 134 1.81 2.73 -7.97
N GLU A 135 1.34 3.80 -8.60
CA GLU A 135 -0.08 4.14 -8.65
C GLU A 135 -0.86 3.04 -9.37
N HIS A 136 -0.28 2.41 -10.39
CA HIS A 136 -0.87 1.32 -11.15
C HIS A 136 -1.19 0.12 -10.25
N PHE A 137 -0.23 -0.31 -9.41
CA PHE A 137 -0.47 -1.40 -8.47
C PHE A 137 -1.58 -1.03 -7.49
N VAL A 138 -1.48 0.18 -6.91
CA VAL A 138 -2.44 0.71 -5.97
C VAL A 138 -3.85 0.69 -6.60
N GLU A 139 -3.93 1.13 -7.85
CA GLU A 139 -5.15 1.24 -8.63
C GLU A 139 -5.79 -0.15 -8.73
N THR A 140 -4.99 -1.15 -9.10
CA THR A 140 -5.40 -2.53 -9.30
C THR A 140 -5.91 -3.17 -7.99
N VAL A 141 -5.27 -2.88 -6.86
CA VAL A 141 -5.74 -3.34 -5.55
C VAL A 141 -7.07 -2.66 -5.24
N SER A 142 -7.17 -1.34 -5.43
CA SER A 142 -8.43 -0.61 -5.22
C SER A 142 -9.56 -1.14 -6.14
N LEU A 143 -9.23 -1.68 -7.32
CA LEU A 143 -10.15 -2.28 -8.27
C LEU A 143 -10.79 -3.53 -7.70
N ALA A 144 -9.99 -4.47 -7.19
CA ALA A 144 -10.49 -5.70 -6.58
C ALA A 144 -11.13 -5.42 -5.23
N GLY A 145 -10.44 -4.64 -4.39
CA GLY A 145 -10.81 -4.27 -3.04
C GLY A 145 -10.02 -5.04 -1.97
N SER A 146 -9.18 -6.01 -2.34
CA SER A 146 -8.21 -6.63 -1.45
C SER A 146 -6.98 -7.10 -2.25
N TYR A 147 -6.04 -7.77 -1.59
CA TYR A 147 -4.88 -8.45 -2.15
C TYR A 147 -4.79 -9.83 -1.49
N ARG A 148 -3.63 -10.48 -1.66
CA ARG A 148 -3.36 -11.88 -1.34
C ARG A 148 -3.91 -12.30 0.03
N ASP A 149 -3.20 -11.92 1.08
CA ASP A 149 -3.59 -12.19 2.46
C ASP A 149 -4.20 -10.92 3.07
N TRP A 150 -4.04 -9.76 2.41
CA TRP A 150 -4.30 -8.45 2.97
C TRP A 150 -5.58 -7.89 2.36
N SER A 151 -6.35 -7.13 3.14
CA SER A 151 -7.50 -6.33 2.71
C SER A 151 -7.02 -4.96 2.20
N TYR A 152 -7.87 -4.22 1.45
CA TYR A 152 -7.66 -2.79 1.17
C TYR A 152 -8.41 -1.92 2.22
N SER A 153 -8.19 -0.60 2.23
CA SER A 153 -8.95 0.38 3.02
C SER A 153 -9.28 1.57 2.13
N GLY A 154 -8.36 2.52 2.06
CA GLY A 154 -8.57 3.82 1.45
C GLY A 154 -9.13 4.86 2.42
N GLN A 155 -8.65 4.92 3.68
CA GLN A 155 -8.76 6.12 4.50
C GLN A 155 -7.62 7.05 4.11
N ARG A 156 -7.91 8.22 3.54
CA ARG A 156 -6.97 9.33 3.51
C ARG A 156 -6.66 9.74 4.95
N THR A 157 -5.44 9.52 5.43
CA THR A 157 -4.97 10.10 6.70
C THR A 157 -3.89 11.13 6.36
N GLU A 158 -3.34 11.83 7.35
CA GLU A 158 -2.21 12.75 7.19
C GLU A 158 -1.02 12.07 6.51
N LEU A 159 -0.79 10.79 6.80
CA LEU A 159 0.27 9.96 6.19
C LEU A 159 0.04 9.74 4.69
N GLY A 160 -1.18 9.96 4.20
CA GLY A 160 -1.48 9.99 2.77
C GLY A 160 -2.80 9.30 2.55
N VAL A 161 -2.77 7.98 2.29
CA VAL A 161 -3.95 7.13 2.26
C VAL A 161 -3.55 5.70 2.69
N GLU A 162 -4.45 5.02 3.40
CA GLU A 162 -4.26 3.66 3.89
C GLU A 162 -4.33 2.68 2.73
N PHE A 163 -3.50 1.64 2.74
CA PHE A 163 -3.35 0.75 1.61
C PHE A 163 -3.76 -0.68 1.93
N LEU A 164 -2.86 -1.47 2.52
CA LEU A 164 -3.09 -2.89 2.80
C LEU A 164 -3.28 -3.08 4.29
N LYS A 165 -4.05 -4.10 4.68
CA LYS A 165 -4.25 -4.47 6.08
C LYS A 165 -4.22 -5.98 6.29
N ARG A 166 -3.39 -6.48 7.21
CA ARG A 166 -3.29 -7.88 7.64
C ARG A 166 -2.13 -8.05 8.62
N GLY A 167 -2.24 -9.04 9.50
CA GLY A 167 -1.11 -9.56 10.25
C GLY A 167 -0.67 -8.61 11.33
N ASP A 168 -1.69 -8.03 11.95
CA ASP A 168 -1.67 -6.90 12.83
C ASP A 168 -0.80 -5.72 12.36
N LYS A 169 -0.66 -5.53 11.04
CA LYS A 169 0.01 -4.38 10.42
C LYS A 169 -0.86 -3.78 9.33
N ILE A 170 -0.44 -2.60 8.90
CA ILE A 170 -1.08 -1.76 7.90
C ILE A 170 0.04 -1.18 7.03
N VAL A 171 -0.14 -1.18 5.72
CA VAL A 171 0.69 -0.46 4.76
C VAL A 171 -0.02 0.87 4.45
N TYR A 172 0.74 1.94 4.21
CA TYR A 172 0.25 3.28 3.86
C TYR A 172 0.86 3.70 2.52
N HIS A 173 0.08 4.32 1.63
CA HIS A 173 0.51 4.76 0.30
C HIS A 173 0.56 6.30 0.25
N THR A 174 1.77 6.86 0.18
CA THR A 174 1.96 8.31 0.16
C THR A 174 1.52 8.89 -1.18
N LEU A 175 1.55 10.21 -1.32
CA LEU A 175 1.05 10.91 -2.51
C LEU A 175 2.17 11.19 -3.51
N GLU A 176 3.42 11.29 -3.04
CA GLU A 176 4.55 11.70 -3.87
C GLU A 176 5.72 10.72 -3.80
N SER A 177 6.35 10.49 -4.95
CA SER A 177 7.45 9.59 -5.29
C SER A 177 7.47 9.36 -6.81
N PRO A 178 6.32 9.09 -7.48
CA PRO A 178 4.96 8.90 -6.93
C PRO A 178 4.84 7.69 -6.03
N VAL A 179 4.19 7.87 -4.88
CA VAL A 179 3.75 6.80 -3.98
C VAL A 179 4.91 5.97 -3.39
N GLU A 180 5.30 6.25 -2.14
CA GLU A 180 6.04 5.32 -1.30
C GLU A 180 5.07 4.34 -0.62
N PHE A 181 5.65 3.29 0.00
CA PHE A 181 4.92 2.19 0.61
C PHE A 181 5.49 2.03 2.00
N HIS A 182 4.90 2.74 2.96
CA HIS A 182 5.37 2.71 4.33
C HIS A 182 4.70 1.52 5.01
N LEU A 183 5.40 0.95 5.99
CA LEU A 183 4.94 -0.18 6.78
C LEU A 183 5.49 -0.03 8.19
N ASP A 184 4.65 0.50 9.07
CA ASP A 184 4.80 0.50 10.51
C ASP A 184 6.13 1.09 10.97
N GLY A 185 6.49 2.25 10.40
CA GLY A 185 7.71 2.98 10.71
C GLY A 185 8.81 2.80 9.65
N GLU A 186 8.66 1.86 8.72
CA GLU A 186 9.63 1.59 7.66
C GLU A 186 9.06 2.09 6.34
N VAL A 187 9.90 2.16 5.30
CA VAL A 187 9.50 2.57 3.94
C VAL A 187 10.20 1.64 2.97
N LEU A 188 9.55 1.40 1.83
CA LEU A 188 9.99 0.53 0.77
C LEU A 188 9.56 1.13 -0.57
N SER A 189 10.33 0.81 -1.62
CA SER A 189 9.94 0.95 -3.01
C SER A 189 8.73 0.05 -3.29
N LEU A 190 8.01 0.30 -4.39
CA LEU A 190 6.92 -0.55 -4.89
C LEU A 190 7.40 -1.97 -5.11
N ASP A 191 8.52 -2.09 -5.81
CA ASP A 191 9.15 -3.35 -6.19
C ASP A 191 9.51 -4.17 -4.96
N LYS A 192 10.06 -3.51 -3.93
CA LYS A 192 10.31 -4.11 -2.62
C LYS A 192 9.03 -4.52 -1.94
N LEU A 193 8.04 -3.62 -1.89
CA LEU A 193 6.85 -3.85 -1.13
C LEU A 193 6.28 -5.19 -1.53
N LYS A 194 6.16 -5.49 -2.83
CA LYS A 194 5.44 -6.66 -3.32
C LYS A 194 6.10 -7.98 -2.87
N SER A 195 7.30 -7.92 -2.29
CA SER A 195 8.06 -9.02 -1.75
C SER A 195 7.81 -9.23 -0.27
N LEU A 196 6.86 -8.50 0.30
CA LEU A 196 6.33 -8.77 1.61
C LEU A 196 4.85 -9.22 1.59
N LEU A 197 4.01 -8.83 0.62
CA LEU A 197 2.59 -9.18 0.62
C LEU A 197 2.23 -10.59 0.23
N SER A 198 3.15 -11.32 -0.41
CA SER A 198 2.93 -12.70 -0.74
C SER A 198 3.36 -13.58 0.42
#